data_2JLG
#
_entry.id   2JLG
#
_cell.length_a   109.026
_cell.length_b   109.026
_cell.length_c   158.835
_cell.angle_alpha   90.00
_cell.angle_beta   90.00
_cell.angle_gamma   120.00
#
_symmetry.space_group_name_H-M   'P 32'
#
loop_
_entity.id
_entity.type
_entity.pdbx_description
1 polymer 'RNA-DIRECTED RNA POLYMERASE'
2 polymer "5'-D(*DT DT DT DC DCP)-3'"
3 non-polymer "GUANOSINE-5'-TRIPHOSPHATE"
4 non-polymer 'MANGANESE (II) ION'
#
loop_
_entity_poly.entity_id
_entity_poly.type
_entity_poly.pdbx_seq_one_letter_code
_entity_poly.pdbx_strand_id
1 'polypeptide(L)'
;PRRAPAFPLSDIKAQMLFANNIKAQQASKRSFKEGAIETYEGLLSVDPRFLSFKNELSRYLTDHFPANVDEYGRVYGNGV
RTNFFGMRHMNGFPMIPATWPLASNLKKRADADLADGPVSERDNLLFRAAVRLMFSDLEPVPLKIRKGSSTCIPYFSNDM
GTKIEIAERALEKAEEAGNLMLQGKFDDAYQLHQMGGAYYVVYRAQSTDAITLDPKTGKFVSKDRMVADFEYAVTGGEQG
SLFAASKDASRLKEQYGIDVPDGFFCERRRTAMGGPFALNAPIMAVAQPVRNKIYSKYAYTFHHTTRLNKEEKVKEWSLC
VATDVSDHDTFWPGWLRDLICDELLNMGYAPWWVKLFETSLKLPVYVGAPAPEQGHTLLGDPSNPDLEVGLSSGQGATDL
MGTLLMSITYLVMQLDHTAPHLNSRIKDMPSACRFLDSYWQGHEEIRQISKSDDAMLGWTKGRALVGGHRLFEMLKEGKV
NPSPYMKISYQHGGAFLGDILLYDSRREPGSAIFVGNINSMLNNQFSPEYGVQSGVRDRSKRKRPFPGLAWASMKDTYGA
CPIYSDVLEAIERCWWNAFGESYRAYREDMLKRDTLELSRYVASMARQAGLAELTPIDLEVLADPNKLQYKWTEADVSAN
IHEVLMHGVSVEKTERFLRSVMPR
;
A,B,C
2 'polydeoxyribonucleotide' (DT)(DT)(DT)(DC)(DC) D,E,F
#
# COMPACT_ATOMS: atom_id res chain seq x y z
N PRO A 1 30.87 -3.85 -4.07
CA PRO A 1 30.21 -3.56 -2.79
C PRO A 1 28.73 -4.00 -2.75
N ARG A 2 28.40 -4.74 -1.70
CA ARG A 2 27.19 -5.57 -1.63
C ARG A 2 26.13 -5.25 -2.66
N ARG A 3 25.94 -6.13 -3.65
CA ARG A 3 24.77 -5.87 -4.43
C ARG A 3 23.59 -6.26 -3.56
N ALA A 4 22.47 -5.61 -3.75
CA ALA A 4 21.31 -5.91 -2.95
C ALA A 4 20.56 -7.08 -3.54
N PRO A 5 20.00 -7.94 -2.69
CA PRO A 5 19.17 -9.01 -3.25
C PRO A 5 18.02 -8.36 -4.00
N ALA A 6 17.69 -8.85 -5.19
CA ALA A 6 16.46 -8.43 -5.84
C ALA A 6 15.53 -9.59 -6.13
N PHE A 7 14.25 -9.40 -5.88
CA PHE A 7 13.25 -10.43 -6.10
C PHE A 7 12.13 -9.93 -6.99
N PRO A 8 11.55 -10.83 -7.78
CA PRO A 8 10.46 -10.48 -8.69
C PRO A 8 9.15 -10.75 -8.00
N LEU A 9 8.09 -10.11 -8.48
CA LEU A 9 6.76 -10.26 -7.88
C LEU A 9 6.43 -11.73 -7.65
N SER A 10 6.80 -12.55 -8.63
CA SER A 10 6.51 -13.98 -8.58
C SER A 10 7.13 -14.68 -7.37
N ASP A 11 8.29 -14.17 -6.93
CA ASP A 11 9.03 -14.79 -5.85
C ASP A 11 8.21 -14.82 -4.58
N ILE A 12 8.41 -15.87 -3.78
CA ILE A 12 7.72 -15.96 -2.50
C ILE A 12 8.03 -14.74 -1.62
N LYS A 13 9.27 -14.28 -1.66
CA LYS A 13 9.69 -13.14 -0.84
C LYS A 13 8.85 -11.89 -1.12
N ALA A 14 8.47 -11.73 -2.38
CA ALA A 14 7.64 -10.62 -2.77
C ALA A 14 6.18 -10.98 -2.53
N GLN A 15 5.78 -12.18 -2.92
CA GLN A 15 4.39 -12.61 -2.76
C GLN A 15 3.84 -12.36 -1.35
N MET A 16 4.71 -12.54 -0.37
CA MET A 16 4.29 -12.44 1.02
C MET A 16 4.13 -11.01 1.50
N LEU A 17 4.41 -10.04 0.63
CA LEU A 17 4.20 -8.63 0.96
C LEU A 17 2.75 -8.19 0.75
N PHE A 18 1.94 -9.06 0.17
CA PHE A 18 0.59 -8.71 -0.21
C PHE A 18 -0.42 -9.74 0.28
N ALA A 19 -1.33 -9.28 1.13
CA ALA A 19 -2.29 -10.19 1.74
C ALA A 19 -3.26 -10.78 0.73
N ASN A 20 -4.00 -11.79 1.16
CA ASN A 20 -4.96 -12.46 0.30
C ASN A 20 -6.25 -11.67 0.23
N ASN A 21 -6.17 -10.44 -0.26
CA ASN A 21 -7.35 -9.69 -0.59
C ASN A 21 -7.16 -9.01 -1.94
N ILE A 22 -8.23 -8.48 -2.53
CA ILE A 22 -8.17 -7.91 -3.87
C ILE A 22 -7.31 -6.64 -3.96
N LYS A 23 -7.45 -5.71 -3.01
CA LYS A 23 -6.69 -4.47 -3.05
C LYS A 23 -5.18 -4.75 -3.03
N ALA A 24 -4.73 -5.53 -2.05
CA ALA A 24 -3.32 -5.91 -1.95
C ALA A 24 -2.78 -6.59 -3.22
N GLN A 25 -3.48 -7.60 -3.70
CA GLN A 25 -3.10 -8.19 -4.99
C GLN A 25 -2.98 -7.14 -6.09
N GLN A 26 -3.96 -6.26 -6.16
CA GLN A 26 -3.95 -5.25 -7.21
C GLN A 26 -2.76 -4.30 -7.03
N ALA A 27 -2.43 -3.98 -5.78
CA ALA A 27 -1.27 -3.14 -5.53
C ALA A 27 0.02 -3.76 -6.11
N SER A 28 0.15 -5.08 -5.96
CA SER A 28 1.38 -5.73 -6.30
C SER A 28 1.57 -5.74 -7.80
N LYS A 29 0.45 -5.74 -8.52
CA LYS A 29 0.44 -5.90 -9.98
C LYS A 29 0.41 -4.57 -10.69
N ARG A 30 0.03 -3.52 -9.96
CA ARG A 30 -0.28 -2.23 -10.56
C ARG A 30 0.75 -1.84 -11.62
N SER A 31 0.25 -1.43 -12.77
CA SER A 31 1.13 -1.09 -13.89
C SER A 31 1.29 0.41 -14.02
N PHE A 32 2.30 0.81 -14.78
CA PHE A 32 2.48 2.21 -15.13
C PHE A 32 1.17 2.73 -15.65
N LYS A 33 0.63 3.76 -15.02
CA LYS A 33 -0.53 4.43 -15.58
C LYS A 33 -0.29 5.95 -15.68
N GLU A 34 -1.05 6.60 -16.54
CA GLU A 34 -0.94 8.04 -16.79
C GLU A 34 -2.18 8.59 -17.47
N GLY A 35 -2.35 9.89 -17.46
CA GLY A 35 -3.51 10.53 -18.06
C GLY A 35 -3.75 11.91 -17.48
N ALA A 36 -4.35 12.79 -18.29
CA ALA A 36 -4.60 14.18 -17.88
C ALA A 36 -5.38 14.26 -16.58
N ILE A 37 -4.97 15.12 -15.68
CA ILE A 37 -5.69 15.23 -14.42
C ILE A 37 -6.90 16.13 -14.59
N GLU A 38 -7.85 15.98 -13.67
CA GLU A 38 -8.99 16.87 -13.63
C GLU A 38 -8.65 18.06 -12.74
N THR A 39 -7.98 19.06 -13.33
CA THR A 39 -7.46 20.21 -12.63
C THR A 39 -8.49 20.84 -11.71
N TYR A 40 -9.64 21.19 -12.29
CA TYR A 40 -10.84 21.51 -11.54
C TYR A 40 -12.02 20.75 -12.16
N GLU A 41 -13.19 20.78 -11.53
CA GLU A 41 -14.32 19.99 -12.02
C GLU A 41 -14.59 20.27 -13.50
N GLY A 42 -14.62 19.23 -14.33
CA GLY A 42 -14.89 19.39 -15.74
C GLY A 42 -13.78 20.08 -16.55
N LEU A 43 -12.60 20.21 -15.97
CA LEU A 43 -11.47 20.80 -16.68
C LEU A 43 -10.24 19.87 -16.66
N LEU A 44 -9.78 19.45 -17.83
CA LEU A 44 -8.60 18.60 -17.95
C LEU A 44 -7.36 19.43 -18.09
N SER A 45 -6.27 18.96 -17.49
CA SER A 45 -4.98 19.64 -17.58
C SER A 45 -4.49 19.88 -19.00
N VAL A 46 -5.00 19.13 -19.97
CA VAL A 46 -4.57 19.31 -21.36
C VAL A 46 -5.64 19.94 -22.22
N ASP A 47 -6.69 20.45 -21.60
CA ASP A 47 -7.74 21.13 -22.35
C ASP A 47 -7.09 22.27 -23.12
N PRO A 48 -7.34 22.36 -24.43
CA PRO A 48 -6.61 23.33 -25.25
C PRO A 48 -6.83 24.81 -24.88
N ARG A 49 -8.01 25.18 -24.37
CA ARG A 49 -8.18 26.53 -23.85
C ARG A 49 -7.26 26.75 -22.65
N PHE A 50 -7.07 25.69 -21.85
CA PHE A 50 -6.27 25.78 -20.63
C PHE A 50 -4.80 25.91 -20.98
N LEU A 51 -4.35 25.10 -21.92
CA LEU A 51 -2.96 25.14 -22.35
C LEU A 51 -2.68 26.46 -23.02
N SER A 52 -3.59 26.91 -23.87
CA SER A 52 -3.41 28.22 -24.49
C SER A 52 -3.23 29.27 -23.40
N PHE A 53 -4.08 29.21 -22.37
CA PHE A 53 -4.00 30.13 -21.25
C PHE A 53 -2.65 30.08 -20.56
N LYS A 54 -2.13 28.88 -20.34
CA LYS A 54 -0.83 28.76 -19.68
C LYS A 54 0.29 29.30 -20.55
N ASN A 55 0.18 29.11 -21.85
CA ASN A 55 1.14 29.70 -22.77
C ASN A 55 1.12 31.22 -22.64
N GLU A 56 -0.05 31.84 -22.76
CA GLU A 56 -0.09 33.32 -22.67
C GLU A 56 0.31 33.85 -21.31
N LEU A 57 -0.36 33.39 -20.26
CA LEU A 57 0.02 33.81 -18.92
C LEU A 57 1.49 33.66 -18.67
N SER A 58 1.99 32.43 -18.72
CA SER A 58 3.39 32.18 -18.38
C SER A 58 4.33 33.15 -19.08
N ARG A 59 4.10 33.41 -20.36
CA ARG A 59 5.00 34.29 -21.09
C ARG A 59 4.85 35.71 -20.60
N TYR A 60 3.61 36.19 -20.55
CA TYR A 60 3.36 37.56 -20.13
C TYR A 60 4.11 37.92 -18.85
N LEU A 61 3.98 37.08 -17.83
CA LEU A 61 4.58 37.39 -16.54
C LEU A 61 6.09 37.32 -16.57
N THR A 62 6.62 36.28 -17.20
CA THR A 62 8.06 36.16 -17.34
C THR A 62 8.63 37.41 -17.98
N ASP A 63 7.85 37.96 -18.89
CA ASP A 63 8.22 39.11 -19.69
C ASP A 63 8.19 40.38 -18.86
N HIS A 64 7.07 40.62 -18.20
CA HIS A 64 6.88 41.89 -17.49
C HIS A 64 7.47 41.93 -16.08
N PHE A 65 7.62 40.76 -15.46
CA PHE A 65 8.13 40.70 -14.10
C PHE A 65 9.29 39.74 -14.01
N PRO A 66 10.39 40.06 -14.70
CA PRO A 66 11.59 39.22 -14.64
C PRO A 66 12.15 39.16 -13.21
N ALA A 67 12.85 38.09 -12.90
CA ALA A 67 13.33 37.90 -11.54
C ALA A 67 14.24 39.02 -11.06
N ASN A 68 13.98 39.48 -9.84
CA ASN A 68 14.86 40.42 -9.15
C ASN A 68 15.69 39.67 -8.09
N VAL A 69 16.80 39.09 -8.50
CA VAL A 69 17.64 38.36 -7.55
C VAL A 69 19.09 38.76 -7.74
N ASP A 70 19.76 39.11 -6.65
CA ASP A 70 21.14 39.57 -6.74
C ASP A 70 22.16 38.42 -6.75
N GLU A 71 23.33 38.64 -6.16
CA GLU A 71 24.49 37.92 -6.67
C GLU A 71 25.09 36.60 -6.10
N TYR A 72 24.90 36.11 -4.86
CA TYR A 72 24.18 36.58 -3.66
C TYR A 72 22.78 36.00 -3.38
N GLY A 73 21.88 36.02 -4.36
CA GLY A 73 20.65 35.27 -4.19
C GLY A 73 19.65 35.86 -3.23
N ARG A 74 19.85 37.11 -2.81
CA ARG A 74 18.80 37.84 -2.14
C ARG A 74 17.84 38.38 -3.18
N VAL A 75 16.54 38.32 -2.92
CA VAL A 75 15.57 38.88 -3.86
C VAL A 75 15.07 40.25 -3.40
N TYR A 76 14.81 41.12 -4.36
CA TYR A 76 14.40 42.49 -4.08
C TYR A 76 13.27 42.81 -5.03
N GLY A 77 12.92 44.09 -5.10
CA GLY A 77 11.96 44.57 -6.08
C GLY A 77 10.65 43.86 -6.13
N ASN A 78 10.39 43.20 -7.27
CA ASN A 78 9.09 42.58 -7.53
C ASN A 78 8.81 41.32 -6.72
N GLY A 79 9.85 40.73 -6.14
CA GLY A 79 9.68 39.56 -5.31
C GLY A 79 9.59 38.29 -6.13
N VAL A 80 10.03 38.39 -7.38
CA VAL A 80 10.07 37.26 -8.28
C VAL A 80 11.47 36.70 -8.27
N ARG A 81 11.60 35.41 -8.04
CA ARG A 81 12.92 34.79 -8.01
C ARG A 81 13.24 34.01 -9.30
N THR A 82 12.25 33.83 -10.16
CA THR A 82 12.45 33.10 -11.39
C THR A 82 11.35 33.32 -12.43
N ASN A 83 11.56 32.79 -13.63
CA ASN A 83 10.58 32.87 -14.70
C ASN A 83 9.31 32.14 -14.30
N PHE A 84 8.27 32.29 -15.10
CA PHE A 84 6.98 31.68 -14.78
C PHE A 84 6.66 30.47 -15.64
N PHE A 85 7.65 29.99 -16.38
CA PHE A 85 7.44 28.86 -17.28
C PHE A 85 7.14 27.54 -16.57
N GLY A 86 7.31 27.53 -15.25
CA GLY A 86 7.05 26.36 -14.44
C GLY A 86 5.71 25.69 -14.67
N MET A 87 4.74 26.42 -15.21
CA MET A 87 3.40 25.89 -15.38
C MET A 87 3.24 25.13 -16.67
N ARG A 88 4.26 25.14 -17.51
CA ARG A 88 4.17 24.55 -18.85
C ARG A 88 4.34 23.04 -18.83
N HIS A 89 3.49 22.36 -18.07
CA HIS A 89 3.60 20.91 -17.98
C HIS A 89 2.29 20.22 -18.30
N MET A 90 2.36 19.06 -18.96
CA MET A 90 1.17 18.26 -19.21
C MET A 90 0.74 17.47 -17.97
N ASN A 91 0.16 18.16 -17.00
CA ASN A 91 -0.09 17.58 -15.69
C ASN A 91 -0.79 16.23 -15.75
N GLY A 92 -0.15 15.22 -15.17
CA GLY A 92 -0.67 13.87 -15.17
C GLY A 92 0.15 12.95 -16.03
N PHE A 93 1.05 13.52 -16.80
CA PHE A 93 1.93 12.75 -17.66
C PHE A 93 3.36 12.86 -17.18
N PRO A 94 3.89 11.76 -16.65
CA PRO A 94 5.23 11.63 -16.08
C PRO A 94 6.38 11.67 -17.08
N MET A 95 7.54 12.13 -16.63
CA MET A 95 8.78 11.92 -17.33
C MET A 95 9.02 10.42 -17.38
N ILE A 96 9.78 9.95 -18.35
CA ILE A 96 10.09 8.53 -18.47
C ILE A 96 11.60 8.32 -18.54
N PRO A 97 12.14 7.45 -17.70
CA PRO A 97 11.40 6.75 -16.66
C PRO A 97 11.48 7.53 -15.35
N ALA A 98 10.87 6.99 -14.31
CA ALA A 98 11.10 7.48 -12.97
C ALA A 98 12.38 6.80 -12.50
N THR A 99 12.93 7.23 -11.37
CA THR A 99 14.18 6.63 -10.92
C THR A 99 13.89 5.36 -10.16
N TRP A 100 14.88 4.47 -10.10
CA TRP A 100 14.86 3.36 -9.17
C TRP A 100 15.51 3.82 -7.87
N PRO A 101 14.86 3.51 -6.75
CA PRO A 101 15.41 3.86 -5.44
C PRO A 101 16.76 3.18 -5.24
N LEU A 102 17.77 3.94 -4.84
CA LEU A 102 19.06 3.34 -4.55
C LEU A 102 18.97 2.49 -3.31
N ALA A 103 19.42 1.25 -3.41
CA ALA A 103 19.41 0.35 -2.26
C ALA A 103 20.49 0.70 -1.24
N SER A 104 21.58 1.31 -1.71
CA SER A 104 22.69 1.74 -0.85
C SER A 104 23.20 3.07 -1.34
N ASN A 105 23.39 4.02 -0.42
CA ASN A 105 23.90 5.32 -0.79
C ASN A 105 25.32 5.57 -0.33
N LEU A 106 25.95 4.56 0.26
CA LEU A 106 27.30 4.72 0.80
C LEU A 106 28.25 5.23 -0.28
N LYS A 107 28.17 4.64 -1.47
CA LYS A 107 29.01 5.08 -2.57
C LYS A 107 28.62 6.49 -2.97
N LYS A 108 27.31 6.70 -3.15
CA LYS A 108 26.83 8.03 -3.49
C LYS A 108 27.48 9.07 -2.59
N ARG A 109 27.60 8.74 -1.31
CA ARG A 109 28.09 9.68 -0.31
C ARG A 109 29.61 9.80 -0.31
N ALA A 110 30.27 8.68 -0.53
CA ALA A 110 31.72 8.64 -0.64
C ALA A 110 32.16 9.48 -1.83
N ASP A 111 31.57 9.20 -2.99
CA ASP A 111 31.94 9.94 -4.19
C ASP A 111 31.65 11.43 -4.07
N ALA A 112 30.75 11.79 -3.16
CA ALA A 112 30.35 13.17 -2.99
C ALA A 112 31.25 13.84 -1.97
N ASP A 113 32.17 13.05 -1.43
CA ASP A 113 33.09 13.52 -0.41
C ASP A 113 32.39 13.78 0.90
N LEU A 114 31.53 12.86 1.30
CA LEU A 114 30.78 13.08 2.52
C LEU A 114 31.17 12.06 3.57
N ALA A 115 31.41 12.54 4.79
CA ALA A 115 31.90 11.70 5.88
C ALA A 115 31.05 10.46 6.14
N ASP A 116 31.70 9.38 6.57
CA ASP A 116 30.96 8.17 6.93
C ASP A 116 30.79 8.04 8.43
N GLY A 117 30.74 9.17 9.12
CA GLY A 117 30.45 9.21 10.54
C GLY A 117 30.79 10.61 11.03
N PRO A 118 30.58 10.88 12.33
CA PRO A 118 31.04 12.18 12.84
C PRO A 118 32.54 12.27 12.61
N VAL A 119 33.04 13.46 12.26
CA VAL A 119 34.45 13.59 11.93
C VAL A 119 35.24 14.01 13.13
N SER A 120 34.65 14.85 13.97
CA SER A 120 35.29 15.25 15.21
C SER A 120 34.42 14.89 16.43
N GLU A 121 35.04 14.69 17.57
CA GLU A 121 34.30 14.35 18.78
C GLU A 121 33.24 15.38 19.10
N ARG A 122 33.52 16.63 18.76
CA ARG A 122 32.58 17.73 18.98
C ARG A 122 31.26 17.45 18.27
N ASP A 123 31.37 17.10 16.99
CA ASP A 123 30.17 16.86 16.20
C ASP A 123 29.43 15.62 16.75
N ASN A 124 30.18 14.58 17.07
CA ASN A 124 29.58 13.39 17.66
C ASN A 124 28.80 13.78 18.90
N LEU A 125 29.36 14.70 19.67
CA LEU A 125 28.69 15.19 20.87
C LEU A 125 27.40 15.90 20.55
N LEU A 126 27.47 16.83 19.60
CA LEU A 126 26.32 17.61 19.11
C LEU A 126 25.18 16.79 18.46
N PHE A 127 25.52 15.75 17.71
CA PHE A 127 24.49 14.85 17.20
C PHE A 127 23.79 14.12 18.34
N ARG A 128 24.55 13.60 19.30
CA ARG A 128 23.93 12.93 20.42
C ARG A 128 23.19 13.96 21.26
N ALA A 129 23.71 15.18 21.29
CA ALA A 129 23.05 16.24 22.04
C ALA A 129 21.67 16.45 21.47
N ALA A 130 21.59 16.46 20.14
CA ALA A 130 20.33 16.67 19.47
C ALA A 130 19.33 15.55 19.78
N VAL A 131 19.84 14.32 19.92
CA VAL A 131 18.97 13.20 20.24
C VAL A 131 18.41 13.43 21.63
N ARG A 132 19.27 13.81 22.55
CA ARG A 132 18.85 14.00 23.92
C ARG A 132 17.85 15.12 24.10
N LEU A 133 18.14 16.30 23.56
CA LEU A 133 17.19 17.40 23.65
C LEU A 133 15.81 17.05 23.07
N MET A 134 15.79 16.31 21.96
CA MET A 134 14.55 15.99 21.27
C MET A 134 13.69 14.84 21.85
N PHE A 135 14.33 13.84 22.43
CA PHE A 135 13.63 12.61 22.78
C PHE A 135 13.40 12.45 24.27
N SER A 136 13.57 13.52 25.04
CA SER A 136 13.50 13.45 26.48
C SER A 136 12.29 14.20 26.99
N ASP A 137 11.84 13.81 28.19
CA ASP A 137 10.72 14.49 28.84
C ASP A 137 9.53 14.70 27.89
N LEU A 138 9.04 13.62 27.29
CA LEU A 138 7.95 13.72 26.30
C LEU A 138 6.56 13.57 26.89
N GLU A 139 5.59 14.28 26.31
CA GLU A 139 4.20 14.21 26.75
C GLU A 139 3.39 13.39 25.78
N PRO A 140 2.66 12.39 26.28
CA PRO A 140 1.82 11.51 25.46
C PRO A 140 0.68 12.26 24.79
N VAL A 141 0.42 11.92 23.53
CA VAL A 141 -0.74 12.44 22.82
C VAL A 141 -1.35 11.31 22.01
N PRO A 142 -2.57 11.53 21.49
CA PRO A 142 -3.16 10.39 20.80
C PRO A 142 -2.59 10.31 19.39
N LEU A 143 -2.45 9.09 18.90
CA LEU A 143 -1.95 8.85 17.56
C LEU A 143 -3.01 9.30 16.55
N LYS A 144 -2.69 10.31 15.74
CA LYS A 144 -3.63 10.77 14.71
C LYS A 144 -3.42 10.05 13.37
N ILE A 145 -4.50 9.89 12.61
CA ILE A 145 -4.42 9.16 11.34
C ILE A 145 -5.15 9.86 10.19
N ARG A 146 -4.42 10.13 9.12
CA ARG A 146 -4.97 10.72 7.89
C ARG A 146 -6.13 9.86 7.40
N LYS A 147 -7.28 10.48 7.15
CA LYS A 147 -8.43 9.73 6.60
C LYS A 147 -8.17 9.31 5.17
N GLY A 148 -8.27 8.01 4.93
CA GLY A 148 -8.12 7.47 3.59
C GLY A 148 -6.71 7.09 3.17
N SER A 149 -5.76 7.18 4.10
CA SER A 149 -4.39 6.79 3.79
C SER A 149 -4.34 5.26 3.73
N SER A 150 -3.30 4.70 3.14
CA SER A 150 -3.19 3.26 3.05
C SER A 150 -2.38 2.69 4.18
N THR A 151 -2.74 1.48 4.62
CA THR A 151 -1.91 0.77 5.57
C THR A 151 -0.76 0.10 4.81
N CYS A 152 -0.79 0.25 3.50
CA CYS A 152 0.19 -0.39 2.62
C CYS A 152 0.43 -1.83 3.05
N ILE A 153 1.68 -2.21 3.16
CA ILE A 153 2.01 -3.62 3.35
C ILE A 153 1.65 -4.19 4.72
N PRO A 154 0.90 -5.32 4.72
CA PRO A 154 0.50 -6.01 3.50
C PRO A 154 -0.98 -5.95 3.15
N TYR A 155 -1.80 -5.19 3.89
CA TYR A 155 -3.25 -5.23 3.66
C TYR A 155 -3.82 -4.23 2.66
N PHE A 156 -3.25 -3.03 2.64
CA PHE A 156 -3.70 -1.98 1.74
C PHE A 156 -5.18 -1.62 2.00
N SER A 157 -5.45 -1.20 3.23
CA SER A 157 -6.79 -0.81 3.59
C SER A 157 -6.83 0.71 3.73
N ASN A 158 -7.99 1.29 3.44
CA ASN A 158 -8.22 2.71 3.69
C ASN A 158 -9.38 2.88 4.64
N ASP A 159 -9.85 1.76 5.16
CA ASP A 159 -10.92 1.74 6.16
C ASP A 159 -10.40 2.22 7.51
N MET A 160 -10.94 3.33 7.99
CA MET A 160 -10.46 3.89 9.25
C MET A 160 -10.62 2.86 10.34
N GLY A 161 -11.77 2.19 10.32
CA GLY A 161 -12.06 1.18 11.30
C GLY A 161 -10.94 0.18 11.35
N THR A 162 -10.48 -0.20 10.17
CA THR A 162 -9.46 -1.21 10.06
C THR A 162 -8.10 -0.63 10.41
N LYS A 163 -7.89 0.65 10.11
CA LYS A 163 -6.64 1.30 10.45
C LYS A 163 -6.48 1.40 11.96
N ILE A 164 -7.45 2.06 12.61
CA ILE A 164 -7.50 2.12 14.08
C ILE A 164 -7.24 0.75 14.68
N GLU A 165 -7.91 -0.25 14.12
CA GLU A 165 -7.78 -1.63 14.54
C GLU A 165 -6.32 -2.05 14.49
N ILE A 166 -5.68 -1.77 13.37
CA ILE A 166 -4.32 -2.18 13.15
C ILE A 166 -3.42 -1.43 14.12
N ALA A 167 -3.54 -0.10 14.11
CA ALA A 167 -2.74 0.74 14.99
C ALA A 167 -2.81 0.27 16.43
N GLU A 168 -4.01 0.24 16.98
CA GLU A 168 -4.19 -0.19 18.37
C GLU A 168 -3.48 -1.51 18.61
N ARG A 169 -3.81 -2.53 17.80
CA ARG A 169 -3.15 -3.82 17.90
C ARG A 169 -1.63 -3.69 17.87
N ALA A 170 -1.14 -2.75 17.06
CA ALA A 170 0.28 -2.57 16.87
C ALA A 170 0.96 -2.04 18.12
N LEU A 171 0.24 -1.25 18.91
CA LEU A 171 0.87 -0.70 20.10
C LEU A 171 1.02 -1.79 21.16
N GLU A 172 0.11 -2.76 21.12
CA GLU A 172 0.15 -3.89 22.05
C GLU A 172 1.29 -4.82 21.70
N LYS A 173 1.42 -5.11 20.41
CA LYS A 173 2.36 -6.11 19.97
C LYS A 173 3.70 -5.52 19.57
N ALA A 174 3.82 -4.19 19.64
CA ALA A 174 5.08 -3.54 19.31
C ALA A 174 6.24 -4.19 20.05
N GLU A 175 6.07 -4.41 21.34
CA GLU A 175 7.15 -4.94 22.17
C GLU A 175 7.57 -6.35 21.76
N GLU A 176 6.62 -7.26 21.55
CA GLU A 176 6.99 -8.61 21.14
C GLU A 176 7.76 -8.59 19.82
N ALA A 177 7.35 -7.69 18.93
CA ALA A 177 7.92 -7.60 17.59
C ALA A 177 9.38 -7.19 17.67
N GLY A 178 9.64 -6.15 18.45
CA GLY A 178 10.97 -5.62 18.61
C GLY A 178 11.90 -6.62 19.23
N ASN A 179 11.41 -7.32 20.26
CA ASN A 179 12.16 -8.37 20.92
C ASN A 179 12.49 -9.47 19.94
N LEU A 180 11.46 -9.96 19.23
CA LEU A 180 11.67 -10.90 18.13
C LEU A 180 12.77 -10.42 17.21
N MET A 181 12.71 -9.15 16.83
CA MET A 181 13.72 -8.58 15.95
C MET A 181 15.10 -8.63 16.60
N LEU A 182 15.18 -8.17 17.84
CA LEU A 182 16.39 -8.33 18.63
C LEU A 182 16.96 -9.77 18.60
N GLN A 183 16.11 -10.77 18.36
CA GLN A 183 16.57 -12.16 18.28
C GLN A 183 16.93 -12.57 16.85
N GLY A 184 16.88 -11.62 15.93
CA GLY A 184 17.14 -11.87 14.54
C GLY A 184 15.94 -12.50 13.85
N LYS A 185 14.81 -12.60 14.55
CA LYS A 185 13.63 -13.29 14.02
C LYS A 185 12.66 -12.34 13.28
N PHE A 186 13.16 -11.75 12.20
CA PHE A 186 12.40 -10.75 11.46
C PHE A 186 11.15 -11.30 10.81
N ASP A 187 11.30 -12.44 10.16
CA ASP A 187 10.18 -13.05 9.47
C ASP A 187 9.05 -13.30 10.46
N ASP A 188 9.41 -13.79 11.64
CA ASP A 188 8.39 -14.06 12.65
C ASP A 188 7.66 -12.78 12.99
N ALA A 189 8.42 -11.73 13.27
CA ALA A 189 7.86 -10.41 13.55
C ALA A 189 6.89 -9.93 12.46
N TYR A 190 7.26 -10.13 11.20
CA TYR A 190 6.39 -9.72 10.10
C TYR A 190 5.14 -10.60 9.98
N GLN A 191 5.32 -11.92 10.12
CA GLN A 191 4.21 -12.84 10.03
C GLN A 191 3.22 -12.70 11.16
N LEU A 192 3.69 -12.36 12.35
CA LEU A 192 2.82 -12.28 13.51
C LEU A 192 2.24 -10.90 13.74
N HIS A 193 2.93 -9.87 13.28
CA HIS A 193 2.47 -8.52 13.59
C HIS A 193 2.56 -7.55 12.43
N GLN A 194 2.91 -8.08 11.26
CA GLN A 194 2.94 -7.28 10.04
C GLN A 194 3.91 -6.12 10.19
N MET A 195 4.95 -6.34 11.00
CA MET A 195 5.98 -5.32 11.24
C MET A 195 7.29 -5.69 10.54
N GLY A 196 7.50 -5.13 9.36
CA GLY A 196 8.61 -5.52 8.52
C GLY A 196 8.14 -5.52 7.09
N GLY A 197 8.66 -6.46 6.29
CA GLY A 197 8.26 -6.54 4.90
C GLY A 197 9.03 -5.54 4.07
N ALA A 198 8.38 -4.42 3.72
CA ALA A 198 9.01 -3.43 2.87
C ALA A 198 8.21 -2.14 2.77
N TYR A 199 8.85 -1.10 2.24
CA TYR A 199 8.17 0.11 1.80
C TYR A 199 7.55 -0.14 0.44
N TYR A 200 6.45 0.53 0.16
CA TYR A 200 5.80 0.41 -1.14
C TYR A 200 6.09 1.68 -1.90
N VAL A 201 6.77 1.56 -3.02
CA VAL A 201 7.24 2.74 -3.75
C VAL A 201 6.19 3.30 -4.70
N VAL A 202 5.61 4.43 -4.31
CA VAL A 202 4.60 5.10 -5.10
C VAL A 202 5.21 6.34 -5.72
N TYR A 203 5.00 6.52 -7.02
CA TYR A 203 5.58 7.67 -7.72
C TYR A 203 4.62 8.86 -7.79
N ARG A 204 5.01 9.98 -7.18
CA ARG A 204 4.18 11.19 -7.14
C ARG A 204 4.70 12.31 -8.04
N ALA A 205 3.84 13.29 -8.28
CA ALA A 205 4.14 14.33 -9.25
C ALA A 205 4.73 15.57 -8.61
N GLN A 206 5.68 16.17 -9.31
CA GLN A 206 6.07 17.53 -9.00
C GLN A 206 5.69 18.28 -10.26
N SER A 207 4.58 19.00 -10.16
CA SER A 207 3.90 19.52 -11.32
C SER A 207 4.68 20.67 -11.95
N THR A 208 5.57 21.28 -11.18
CA THR A 208 6.24 22.48 -11.64
C THR A 208 7.74 22.40 -11.46
N ASP A 209 8.42 22.07 -12.54
CA ASP A 209 9.88 21.99 -12.51
C ASP A 209 10.47 23.10 -13.35
N ALA A 210 11.79 23.18 -13.45
CA ALA A 210 12.43 24.28 -14.14
C ALA A 210 12.28 24.20 -15.63
N ILE A 211 11.86 25.30 -16.24
CA ILE A 211 11.84 25.39 -17.68
C ILE A 211 12.30 26.78 -18.07
N THR A 212 13.39 26.85 -18.82
CA THR A 212 13.93 28.12 -19.30
C THR A 212 13.67 28.29 -20.79
N LEU A 213 13.83 29.52 -21.28
CA LEU A 213 13.55 29.86 -22.67
C LEU A 213 14.84 30.31 -23.32
N ASP A 214 15.41 29.44 -24.13
CA ASP A 214 16.78 29.62 -24.62
C ASP A 214 17.00 30.80 -25.56
N PRO A 215 17.79 31.78 -25.09
CA PRO A 215 18.07 33.01 -25.83
C PRO A 215 18.49 32.70 -27.26
N LYS A 216 19.47 31.81 -27.42
CA LYS A 216 19.96 31.41 -28.74
C LYS A 216 18.97 30.56 -29.54
N THR A 217 18.32 29.61 -28.86
CA THR A 217 17.39 28.69 -29.53
C THR A 217 16.02 29.29 -29.85
N GLY A 218 15.41 29.95 -28.88
CA GLY A 218 14.04 30.37 -29.01
C GLY A 218 13.13 29.22 -28.63
N LYS A 219 13.74 28.07 -28.38
CA LYS A 219 12.96 26.95 -27.86
C LYS A 219 13.06 26.87 -26.34
N PHE A 220 11.97 26.50 -25.70
CA PHE A 220 11.99 26.18 -24.28
C PHE A 220 12.83 24.92 -24.04
N VAL A 221 13.44 24.86 -22.86
CA VAL A 221 14.31 23.78 -22.46
C VAL A 221 13.93 23.31 -21.06
N SER A 222 13.58 22.04 -20.94
CA SER A 222 13.22 21.48 -19.64
C SER A 222 14.47 21.09 -18.81
N LYS A 223 14.37 21.26 -17.50
CA LYS A 223 15.44 20.84 -16.59
C LYS A 223 15.68 19.34 -16.69
N ASP A 224 16.95 18.94 -16.68
CA ASP A 224 17.25 17.53 -16.81
C ASP A 224 17.23 16.91 -15.43
N ARG A 225 16.31 15.99 -15.19
CA ARG A 225 16.23 15.26 -13.95
C ARG A 225 16.90 13.90 -14.06
N MET A 226 17.99 13.69 -13.32
CA MET A 226 18.75 12.45 -13.48
C MET A 226 18.10 11.30 -12.73
N VAL A 227 18.09 10.13 -13.35
CA VAL A 227 17.49 8.95 -12.75
C VAL A 227 18.36 7.70 -12.93
N ALA A 228 18.17 6.74 -12.02
CA ALA A 228 18.91 5.49 -12.03
C ALA A 228 18.09 4.35 -12.66
N ASP A 229 18.78 3.44 -13.32
CA ASP A 229 18.13 2.25 -13.83
C ASP A 229 18.28 1.15 -12.81
N PHE A 230 17.60 0.03 -13.05
CA PHE A 230 17.65 -1.08 -12.11
C PHE A 230 19.08 -1.39 -11.67
N GLU A 231 19.97 -1.62 -12.62
CA GLU A 231 21.35 -1.98 -12.30
C GLU A 231 22.03 -0.99 -11.36
N TYR A 232 21.92 0.29 -11.67
CA TYR A 232 22.47 1.32 -10.82
C TYR A 232 21.97 1.12 -9.39
N ALA A 233 20.65 1.15 -9.24
CA ALA A 233 20.05 1.09 -7.91
C ALA A 233 20.46 -0.13 -7.07
N VAL A 234 20.48 -1.34 -7.66
CA VAL A 234 20.89 -2.53 -6.92
C VAL A 234 22.37 -2.54 -6.52
N THR A 235 23.21 -1.86 -7.30
CA THR A 235 24.66 -1.91 -7.08
C THR A 235 25.18 -0.65 -6.42
N GLY A 236 24.26 0.21 -6.00
CA GLY A 236 24.64 1.45 -5.32
C GLY A 236 25.37 2.43 -6.21
N GLY A 237 25.26 2.24 -7.52
CA GLY A 237 25.95 3.06 -8.50
C GLY A 237 27.32 2.54 -8.96
N GLU A 238 27.60 1.26 -8.72
CA GLU A 238 28.84 0.63 -9.18
C GLU A 238 28.72 0.34 -10.67
N GLN A 239 27.76 -0.50 -11.01
CA GLN A 239 27.43 -0.74 -12.40
C GLN A 239 26.20 0.08 -12.75
N GLY A 240 25.59 -0.21 -13.88
CA GLY A 240 24.38 0.49 -14.30
C GLY A 240 24.69 1.91 -14.72
N SER A 241 23.68 2.61 -15.23
CA SER A 241 23.84 3.99 -15.67
C SER A 241 22.86 4.97 -15.02
N LEU A 242 23.34 6.20 -14.83
CA LEU A 242 22.56 7.31 -14.30
C LEU A 242 22.36 8.32 -15.42
N PHE A 243 21.11 8.59 -15.77
CA PHE A 243 20.86 9.36 -16.98
C PHE A 243 19.61 10.21 -16.88
N ALA A 244 19.36 10.98 -17.93
CA ALA A 244 18.26 11.94 -17.91
C ALA A 244 16.95 11.34 -18.38
N ALA A 245 15.93 11.48 -17.54
CA ALA A 245 14.59 11.03 -17.86
C ALA A 245 14.15 11.91 -18.97
N SER A 246 13.23 11.44 -19.80
CA SER A 246 12.79 12.22 -20.94
C SER A 246 11.47 12.91 -20.63
N LYS A 247 11.49 14.24 -20.56
CA LYS A 247 10.28 15.01 -20.32
C LYS A 247 9.54 15.33 -21.62
N ASP A 248 10.09 14.87 -22.74
CA ASP A 248 9.56 15.22 -24.05
C ASP A 248 8.11 14.79 -24.18
N ALA A 249 7.24 15.75 -24.49
CA ALA A 249 5.80 15.51 -24.46
C ALA A 249 5.22 15.09 -25.81
N SER A 250 6.09 14.98 -26.80
CA SER A 250 5.64 14.61 -28.16
C SER A 250 4.93 13.28 -28.18
N ARG A 251 5.38 12.34 -27.36
CA ARG A 251 4.74 11.05 -27.33
C ARG A 251 3.24 11.21 -27.08
N LEU A 252 2.85 12.32 -26.47
CA LEU A 252 1.45 12.53 -26.12
C LEU A 252 0.55 12.66 -27.36
N LYS A 253 1.07 13.29 -28.41
CA LYS A 253 0.31 13.40 -29.65
C LYS A 253 0.19 12.03 -30.32
N GLU A 254 1.33 11.38 -30.55
CA GLU A 254 1.36 10.09 -31.23
C GLU A 254 0.53 9.02 -30.54
N GLN A 255 0.67 8.92 -29.22
CA GLN A 255 -0.02 7.91 -28.45
C GLN A 255 -1.50 8.18 -28.31
N TYR A 256 -1.85 9.29 -27.68
CA TYR A 256 -3.21 9.47 -27.18
C TYR A 256 -3.95 10.51 -27.96
N GLY A 257 -3.29 11.01 -29.00
CA GLY A 257 -3.89 11.98 -29.89
C GLY A 257 -3.90 13.39 -29.34
N ILE A 258 -3.41 13.56 -28.13
CA ILE A 258 -3.49 14.83 -27.42
C ILE A 258 -2.61 15.90 -28.05
N ASP A 259 -3.16 17.09 -28.19
CA ASP A 259 -2.45 18.17 -28.85
C ASP A 259 -1.45 18.85 -27.91
N VAL A 260 -0.19 18.86 -28.33
CA VAL A 260 0.91 19.35 -27.48
C VAL A 260 1.58 20.64 -27.99
N PRO A 261 1.19 21.78 -27.42
CA PRO A 261 1.77 23.05 -27.85
C PRO A 261 3.26 23.06 -27.63
N ASP A 262 3.96 24.03 -28.21
CA ASP A 262 5.40 24.11 -28.09
C ASP A 262 5.78 24.55 -26.67
N GLY A 263 6.81 23.92 -26.12
CA GLY A 263 7.33 24.31 -24.83
C GLY A 263 6.59 23.76 -23.63
N PHE A 264 5.91 22.64 -23.82
CA PHE A 264 5.25 21.95 -22.72
C PHE A 264 5.87 20.58 -22.52
N PHE A 265 6.02 20.18 -21.27
CA PHE A 265 6.71 18.92 -21.01
C PHE A 265 5.99 18.01 -20.03
N CYS A 266 6.43 16.77 -19.99
CA CYS A 266 5.97 15.81 -18.99
C CYS A 266 6.54 16.22 -17.61
N GLU A 267 5.85 15.79 -16.56
CA GLU A 267 6.16 16.21 -15.20
C GLU A 267 7.29 15.43 -14.60
N ARG A 268 7.99 16.05 -13.68
CA ARG A 268 8.96 15.38 -12.85
C ARG A 268 8.26 14.39 -11.93
N ARG A 269 8.96 13.31 -11.59
CA ARG A 269 8.39 12.33 -10.70
C ARG A 269 9.32 12.03 -9.54
N ARG A 270 8.81 12.24 -8.33
CA ARG A 270 9.53 11.95 -7.11
C ARG A 270 9.10 10.57 -6.62
N THR A 271 10.06 9.75 -6.23
CA THR A 271 9.69 8.47 -5.67
C THR A 271 9.14 8.76 -4.27
N ALA A 272 8.19 7.95 -3.82
CA ALA A 272 7.60 8.10 -2.50
C ALA A 272 7.47 6.73 -1.88
N MET A 273 7.76 6.61 -0.59
CA MET A 273 7.70 5.30 0.02
C MET A 273 6.62 5.19 1.07
N GLY A 274 5.70 4.27 0.83
CA GLY A 274 4.63 3.97 1.76
C GLY A 274 5.00 2.90 2.76
N GLY A 275 4.92 3.24 4.04
CA GLY A 275 5.34 2.31 5.08
C GLY A 275 4.35 1.23 5.49
N PRO A 276 4.86 0.07 5.91
CA PRO A 276 3.98 -0.96 6.47
C PRO A 276 3.38 -0.37 7.73
N PHE A 277 2.05 -0.28 7.79
CA PHE A 277 1.45 0.55 8.83
C PHE A 277 1.65 -0.01 10.23
N ALA A 278 1.70 -1.32 10.35
CA ALA A 278 1.83 -1.95 11.67
C ALA A 278 3.15 -1.55 12.31
N LEU A 279 4.14 -1.28 11.48
CA LEU A 279 5.46 -0.92 11.92
C LEU A 279 5.55 0.57 12.22
N ASN A 280 4.89 1.37 11.40
CA ASN A 280 4.93 2.81 11.56
C ASN A 280 4.14 3.33 12.74
N ALA A 281 3.10 2.60 13.11
CA ALA A 281 2.27 3.00 14.22
C ALA A 281 3.08 3.28 15.50
N PRO A 282 3.88 2.30 15.96
CA PRO A 282 4.69 2.40 17.17
C PRO A 282 5.62 3.60 17.12
N ILE A 283 6.04 3.95 15.90
CA ILE A 283 6.97 5.03 15.67
C ILE A 283 6.30 6.39 15.70
N MET A 284 5.17 6.52 15.02
CA MET A 284 4.39 7.76 15.01
C MET A 284 3.92 8.15 16.43
N ALA A 285 3.62 7.15 17.25
CA ALA A 285 3.19 7.38 18.61
C ALA A 285 4.23 8.16 19.41
N VAL A 286 5.49 8.04 19.03
CA VAL A 286 6.56 8.72 19.72
C VAL A 286 6.97 9.98 18.96
N ALA A 287 6.92 9.87 17.63
CA ALA A 287 7.34 10.96 16.78
C ALA A 287 6.57 12.22 17.10
N GLN A 288 5.26 12.07 17.31
CA GLN A 288 4.39 13.24 17.51
C GLN A 288 4.72 13.97 18.81
N PRO A 289 4.84 13.23 19.93
CA PRO A 289 5.36 13.88 21.13
C PRO A 289 6.65 14.66 20.89
N VAL A 290 7.60 14.05 20.17
CA VAL A 290 8.85 14.75 19.84
C VAL A 290 8.62 16.05 19.07
N ARG A 291 7.79 15.99 18.03
CA ARG A 291 7.42 17.18 17.27
C ARG A 291 6.88 18.22 18.21
N ASN A 292 6.06 17.77 19.15
CA ASN A 292 5.46 18.69 20.10
C ASN A 292 6.52 19.40 20.92
N LYS A 293 7.50 18.65 21.40
CA LYS A 293 8.52 19.23 22.26
C LYS A 293 9.28 20.30 21.51
N ILE A 294 9.79 19.97 20.34
CA ILE A 294 10.62 20.92 19.63
C ILE A 294 9.85 22.19 19.24
N TYR A 295 8.56 22.06 18.92
CA TYR A 295 7.78 23.22 18.48
C TYR A 295 7.38 24.07 19.68
N SER A 296 7.58 23.51 20.88
CA SER A 296 7.37 24.29 22.09
C SER A 296 8.68 24.85 22.60
N LYS A 297 9.45 24.03 23.30
CA LYS A 297 10.69 24.48 23.91
C LYS A 297 11.69 25.08 22.92
N TYR A 298 11.78 24.54 21.72
CA TYR A 298 12.74 25.05 20.76
C TYR A 298 12.01 25.66 19.57
N ALA A 299 10.89 26.26 19.92
CA ALA A 299 10.07 26.95 18.96
C ALA A 299 10.87 27.95 18.15
N TYR A 300 11.93 28.51 18.70
CA TYR A 300 12.66 29.54 17.96
C TYR A 300 13.12 29.05 16.62
N THR A 301 13.84 27.93 16.62
CA THR A 301 14.43 27.44 15.40
C THR A 301 13.54 26.44 14.68
N PHE A 302 12.46 26.01 15.31
CA PHE A 302 11.70 24.88 14.78
C PHE A 302 10.22 25.10 14.46
N HIS A 303 9.59 26.08 15.12
CA HIS A 303 8.16 26.29 14.97
C HIS A 303 7.82 27.53 14.16
N HIS A 304 7.33 27.31 12.94
CA HIS A 304 7.11 28.42 12.03
C HIS A 304 5.70 28.41 11.48
N THR A 305 5.09 29.59 11.39
CA THR A 305 3.70 29.73 10.99
C THR A 305 3.47 30.97 10.13
N THR A 306 3.26 32.11 10.79
CA THR A 306 2.89 33.32 10.09
C THR A 306 4.14 33.94 9.48
N ARG A 307 3.96 34.76 8.47
CA ARG A 307 5.10 35.43 7.86
C ARG A 307 5.72 36.42 8.84
N LEU A 308 4.92 36.98 9.74
CA LEU A 308 5.43 37.92 10.73
C LEU A 308 6.20 37.14 11.77
N ASN A 309 5.75 35.91 12.01
CA ASN A 309 6.48 35.00 12.89
C ASN A 309 7.95 34.88 12.47
N LYS A 310 8.18 34.70 11.19
CA LYS A 310 9.52 34.52 10.68
C LYS A 310 10.26 35.83 10.70
N GLU A 311 9.63 36.86 10.16
CA GLU A 311 10.21 38.19 10.10
C GLU A 311 10.74 38.68 11.45
N GLU A 312 9.98 38.44 12.52
CA GLU A 312 10.36 38.86 13.86
C GLU A 312 11.73 38.30 14.25
N LYS A 313 11.95 37.03 13.94
CA LYS A 313 13.20 36.38 14.32
C LYS A 313 14.36 36.91 13.49
N VAL A 314 14.12 37.08 12.19
CA VAL A 314 15.18 37.39 11.24
C VAL A 314 15.62 38.84 11.25
N LYS A 315 14.66 39.76 11.40
CA LYS A 315 14.96 41.19 11.39
C LYS A 315 16.03 41.56 12.43
N GLU A 316 16.21 40.70 13.43
CA GLU A 316 17.17 40.93 14.50
C GLU A 316 18.58 40.51 14.12
N TRP A 317 18.74 40.00 12.91
CA TRP A 317 20.00 39.44 12.46
C TRP A 317 20.81 40.48 11.68
N SER A 318 22.13 40.38 11.73
CA SER A 318 22.98 41.25 10.90
C SER A 318 23.27 40.58 9.56
N LEU A 319 23.16 39.25 9.54
CA LEU A 319 23.35 38.45 8.34
C LEU A 319 22.40 37.27 8.30
N CYS A 320 21.72 37.09 7.17
CA CYS A 320 20.84 35.95 6.99
C CYS A 320 21.25 35.19 5.74
N VAL A 321 21.73 33.97 5.91
CA VAL A 321 22.14 33.16 4.77
C VAL A 321 21.13 32.05 4.50
N ALA A 322 20.59 32.02 3.30
CA ALA A 322 19.59 31.01 2.98
C ALA A 322 20.22 29.79 2.32
N THR A 323 20.43 28.73 3.08
CA THR A 323 21.03 27.51 2.55
C THR A 323 20.02 26.64 1.86
N ASP A 324 20.50 25.61 1.18
CA ASP A 324 19.64 24.47 0.82
C ASP A 324 20.42 23.20 0.47
N VAL A 325 19.75 22.05 0.54
CA VAL A 325 20.44 20.79 0.31
C VAL A 325 19.94 20.08 -0.94
N SER A 326 20.86 19.43 -1.64
CA SER A 326 20.54 18.69 -2.85
C SER A 326 20.14 17.27 -2.51
N ASP A 327 18.96 16.85 -2.98
CA ASP A 327 18.53 15.46 -2.84
C ASP A 327 18.72 14.95 -1.41
N HIS A 328 18.32 15.78 -0.46
CA HIS A 328 18.50 15.53 0.96
C HIS A 328 18.21 14.10 1.33
N ASP A 329 17.09 13.57 0.85
CA ASP A 329 16.62 12.29 1.32
C ASP A 329 17.50 11.12 0.90
N THR A 330 17.94 11.12 -0.35
CA THR A 330 18.74 10.03 -0.84
C THR A 330 20.16 10.11 -0.23
N PHE A 331 20.53 11.29 0.26
CA PHE A 331 21.87 11.52 0.80
C PHE A 331 22.01 11.23 2.27
N TRP A 332 20.91 11.43 2.99
CA TRP A 332 20.82 11.18 4.43
C TRP A 332 21.58 9.90 4.85
N PRO A 333 22.46 10.01 5.84
CA PRO A 333 23.44 8.98 6.23
C PRO A 333 22.87 7.92 7.16
N GLY A 334 23.09 6.66 6.85
CA GLY A 334 22.62 5.64 7.76
C GLY A 334 23.43 5.63 9.06
N TRP A 335 24.63 6.19 9.03
CA TRP A 335 25.42 6.22 10.25
C TRP A 335 24.67 7.04 11.28
N LEU A 336 23.86 7.98 10.81
CA LEU A 336 23.09 8.81 11.72
C LEU A 336 22.03 7.97 12.40
N ARG A 337 21.28 7.22 11.58
CA ARG A 337 20.34 6.26 12.10
C ARG A 337 20.96 5.53 13.29
N ASP A 338 22.10 4.88 13.05
CA ASP A 338 22.75 4.08 14.08
C ASP A 338 23.09 4.88 15.33
N LEU A 339 23.69 6.05 15.14
CA LEU A 339 24.06 6.92 16.27
C LEU A 339 22.81 7.28 17.06
N ILE A 340 21.75 7.69 16.37
CA ILE A 340 20.48 8.04 17.00
C ILE A 340 19.97 6.87 17.84
N CYS A 341 20.04 5.67 17.26
CA CYS A 341 19.61 4.45 17.94
C CYS A 341 20.51 4.15 19.14
N ASP A 342 21.78 4.48 19.02
CA ASP A 342 22.70 4.32 20.13
C ASP A 342 22.41 5.22 21.33
N GLU A 343 22.41 6.53 21.13
CA GLU A 343 22.11 7.43 22.23
C GLU A 343 20.71 7.17 22.82
N LEU A 344 19.74 6.84 21.98
CA LEU A 344 18.41 6.51 22.48
C LEU A 344 18.48 5.33 23.46
N LEU A 345 19.30 4.35 23.16
CA LEU A 345 19.51 3.27 24.10
C LEU A 345 20.13 3.77 25.40
N ASN A 346 21.11 4.67 25.28
CA ASN A 346 21.81 5.22 26.46
C ASN A 346 20.91 6.08 27.32
N MET A 347 19.93 6.74 26.70
CA MET A 347 18.93 7.50 27.44
C MET A 347 18.03 6.54 28.22
N GLY A 348 18.11 5.26 27.87
CA GLY A 348 17.31 4.23 28.50
C GLY A 348 15.97 3.98 27.81
N TYR A 349 15.92 4.21 26.50
CA TYR A 349 14.74 3.88 25.73
C TYR A 349 14.62 2.37 25.66
N ALA A 350 13.41 1.88 25.44
CA ALA A 350 13.18 0.45 25.29
C ALA A 350 14.01 -0.16 24.16
N PRO A 351 14.93 -1.06 24.49
CA PRO A 351 15.71 -1.70 23.44
C PRO A 351 14.85 -2.24 22.31
N TRP A 352 13.68 -2.79 22.62
CA TRP A 352 12.80 -3.38 21.59
C TRP A 352 12.20 -2.32 20.68
N TRP A 353 12.04 -1.12 21.21
CA TRP A 353 11.52 -0.03 20.41
C TRP A 353 12.58 0.62 19.53
N VAL A 354 13.80 0.71 20.05
CA VAL A 354 14.86 1.29 19.24
C VAL A 354 15.09 0.38 18.05
N LYS A 355 14.89 -0.92 18.28
CA LYS A 355 15.04 -1.93 17.24
C LYS A 355 13.97 -1.82 16.16
N LEU A 356 12.72 -1.63 16.55
CA LEU A 356 11.69 -1.32 15.58
C LEU A 356 12.16 -0.11 14.78
N PHE A 357 12.47 0.95 15.50
CA PHE A 357 12.92 2.20 14.90
C PHE A 357 14.07 1.94 13.93
N GLU A 358 15.16 1.34 14.44
CA GLU A 358 16.30 1.02 13.59
C GLU A 358 15.84 0.34 12.30
N THR A 359 15.07 -0.72 12.45
CA THR A 359 14.64 -1.49 11.30
C THR A 359 13.91 -0.62 10.29
N SER A 360 13.04 0.25 10.79
CA SER A 360 12.20 1.02 9.90
C SER A 360 13.07 1.83 8.94
N LEU A 361 14.33 2.03 9.32
CA LEU A 361 15.25 2.83 8.52
C LEU A 361 16.24 2.02 7.70
N LYS A 362 16.05 0.70 7.62
CA LYS A 362 16.85 -0.19 6.77
C LYS A 362 16.02 -1.20 6.01
N LEU A 363 14.75 -0.86 5.82
CA LEU A 363 13.79 -1.78 5.25
C LEU A 363 13.92 -1.83 3.73
N PRO A 364 13.69 -3.00 3.15
CA PRO A 364 13.62 -3.17 1.69
C PRO A 364 12.48 -2.36 1.11
N VAL A 365 12.50 -2.14 -0.21
CA VAL A 365 11.46 -1.39 -0.90
C VAL A 365 10.82 -2.17 -2.05
N TYR A 366 9.50 -2.09 -2.18
CA TYR A 366 8.83 -2.70 -3.33
C TYR A 366 8.70 -1.70 -4.43
N VAL A 367 9.39 -1.97 -5.53
CA VAL A 367 9.38 -1.04 -6.63
C VAL A 367 8.22 -1.39 -7.54
N GLY A 368 7.26 -0.48 -7.60
CA GLY A 368 6.03 -0.70 -8.34
C GLY A 368 6.13 -0.55 -9.84
N ALA A 369 6.21 0.68 -10.33
CA ALA A 369 6.11 0.91 -11.77
C ALA A 369 6.72 2.22 -12.28
N PRO A 370 8.05 2.29 -12.34
CA PRO A 370 8.71 3.53 -12.78
C PRO A 370 8.47 3.83 -14.25
N ALA A 371 7.93 2.87 -15.01
CA ALA A 371 7.80 2.99 -16.45
C ALA A 371 6.96 1.86 -17.02
N PRO A 372 6.48 2.01 -18.25
CA PRO A 372 5.83 0.89 -18.92
C PRO A 372 6.81 -0.28 -19.05
N GLU A 373 6.36 -1.47 -18.63
CA GLU A 373 7.16 -2.68 -18.75
C GLU A 373 8.33 -2.64 -17.78
N GLN A 374 8.08 -2.13 -16.59
CA GLN A 374 9.13 -2.00 -15.59
C GLN A 374 8.54 -2.02 -14.19
N GLY A 375 9.29 -2.53 -13.24
CA GLY A 375 8.87 -2.47 -11.86
C GLY A 375 8.64 -3.83 -11.26
N HIS A 376 7.64 -3.92 -10.38
CA HIS A 376 7.25 -5.19 -9.80
C HIS A 376 8.44 -5.97 -9.33
N THR A 377 9.26 -5.32 -8.52
CA THR A 377 10.50 -5.89 -8.07
C THR A 377 10.84 -5.45 -6.67
N LEU A 378 11.13 -6.42 -5.81
CA LEU A 378 11.53 -6.16 -4.41
C LEU A 378 13.03 -5.98 -4.28
N LEU A 379 13.46 -4.90 -3.64
CA LEU A 379 14.88 -4.67 -3.41
C LEU A 379 15.23 -4.86 -1.93
N GLY A 380 16.18 -5.76 -1.66
CA GLY A 380 16.53 -6.11 -0.31
C GLY A 380 15.79 -7.33 0.21
N ASP A 381 16.29 -7.93 1.27
CA ASP A 381 15.65 -9.10 1.84
C ASP A 381 14.95 -8.70 3.14
N PRO A 382 13.64 -8.95 3.24
CA PRO A 382 12.92 -8.59 4.44
C PRO A 382 13.27 -9.49 5.60
N SER A 383 13.81 -10.66 5.29
CA SER A 383 14.29 -11.59 6.32
C SER A 383 15.46 -11.00 7.11
N ASN A 384 16.31 -10.24 6.42
CA ASN A 384 17.38 -9.54 7.08
C ASN A 384 17.52 -8.11 6.57
N PRO A 385 16.69 -7.20 7.07
CA PRO A 385 16.68 -5.82 6.55
C PRO A 385 18.06 -5.15 6.67
N ASP A 386 18.64 -4.73 5.55
CA ASP A 386 19.98 -4.14 5.59
C ASP A 386 20.22 -3.11 4.50
N LEU A 387 19.15 -2.45 4.08
CA LEU A 387 19.22 -1.46 3.01
C LEU A 387 19.64 -0.11 3.54
N GLU A 388 20.36 0.63 2.71
CA GLU A 388 20.78 1.98 3.06
C GLU A 388 20.30 2.97 1.99
N VAL A 389 19.00 3.25 1.99
CA VAL A 389 18.40 4.05 0.92
C VAL A 389 18.48 5.53 1.20
N GLY A 390 18.98 5.85 2.39
CA GLY A 390 18.78 7.17 2.95
C GLY A 390 17.56 7.17 3.86
N LEU A 391 16.73 8.20 3.71
CA LEU A 391 15.55 8.36 4.55
C LEU A 391 14.33 7.95 3.76
N SER A 392 13.56 7.01 4.29
CA SER A 392 12.39 6.53 3.57
C SER A 392 11.23 7.46 3.81
N SER A 393 10.80 8.13 2.74
CA SER A 393 9.71 9.09 2.77
C SER A 393 8.55 8.89 3.79
N GLY A 394 7.99 7.69 3.87
CA GLY A 394 6.85 7.49 4.74
C GLY A 394 7.19 6.67 5.97
N GLN A 395 8.27 7.03 6.67
CA GLN A 395 8.79 6.26 7.80
C GLN A 395 8.16 6.58 9.15
N GLY A 396 7.60 7.77 9.27
CA GLY A 396 6.88 8.12 10.49
C GLY A 396 7.60 9.12 11.35
N ALA A 397 8.90 9.28 11.11
CA ALA A 397 9.67 10.33 11.78
C ALA A 397 10.59 11.06 10.82
N THR A 398 10.21 11.10 9.54
CA THR A 398 11.16 11.52 8.52
C THR A 398 11.41 13.02 8.54
N ASP A 399 10.43 13.79 8.98
CA ASP A 399 10.69 15.22 9.19
C ASP A 399 11.72 15.40 10.30
N LEU A 400 11.53 14.68 11.41
CA LEU A 400 12.45 14.72 12.55
C LEU A 400 13.83 14.21 12.19
N MET A 401 13.91 13.18 11.35
CA MET A 401 15.21 12.64 11.00
C MET A 401 15.96 13.67 10.20
N GLY A 402 15.24 14.33 9.30
CA GLY A 402 15.82 15.37 8.48
C GLY A 402 16.29 16.50 9.36
N THR A 403 15.42 16.90 10.28
CA THR A 403 15.72 18.01 11.16
C THR A 403 16.96 17.77 12.00
N LEU A 404 17.01 16.60 12.65
CA LEU A 404 18.18 16.17 13.40
C LEU A 404 19.46 16.40 12.58
N LEU A 405 19.58 15.70 11.45
CA LEU A 405 20.73 15.86 10.56
C LEU A 405 21.07 17.30 10.23
N MET A 406 20.12 17.99 9.60
CA MET A 406 20.44 19.31 9.05
C MET A 406 20.62 20.40 10.10
N SER A 407 19.92 20.29 11.21
CA SER A 407 20.07 21.29 12.26
C SER A 407 21.50 21.25 12.83
N ILE A 408 22.00 20.07 13.14
CA ILE A 408 23.38 19.99 13.61
C ILE A 408 24.38 20.34 12.48
N THR A 409 24.26 19.67 11.34
CA THR A 409 25.12 20.00 10.21
C THR A 409 25.29 21.50 10.10
N TYR A 410 24.16 22.21 10.09
CA TYR A 410 24.15 23.66 9.91
C TYR A 410 24.90 24.40 11.01
N LEU A 411 24.64 24.01 12.25
CA LEU A 411 25.37 24.58 13.36
C LEU A 411 26.86 24.35 13.18
N VAL A 412 27.22 23.10 12.90
CA VAL A 412 28.62 22.76 12.69
C VAL A 412 29.27 23.65 11.64
N MET A 413 28.60 23.82 10.52
CA MET A 413 29.07 24.74 9.48
C MET A 413 29.35 26.11 10.10
N GLN A 414 28.44 26.60 10.91
CA GLN A 414 28.64 27.88 11.57
C GLN A 414 29.87 27.89 12.46
N LEU A 415 30.04 26.87 13.27
CA LEU A 415 31.23 26.79 14.09
C LEU A 415 32.52 26.78 13.22
N ASP A 416 32.71 25.71 12.45
CA ASP A 416 33.87 25.57 11.55
C ASP A 416 34.27 26.85 10.82
N HIS A 417 33.29 27.60 10.33
CA HIS A 417 33.65 28.72 9.48
C HIS A 417 33.52 30.08 10.14
N THR A 418 32.72 30.18 11.21
CA THR A 418 32.45 31.50 11.77
C THR A 418 32.59 31.66 13.28
N ALA A 419 32.54 30.57 14.04
CA ALA A 419 32.51 30.72 15.49
C ALA A 419 33.35 29.73 16.29
N PRO A 420 34.65 29.63 15.98
CA PRO A 420 35.61 28.78 16.70
C PRO A 420 35.65 29.08 18.20
N HIS A 421 35.53 30.35 18.53
CA HIS A 421 35.56 30.78 19.93
C HIS A 421 34.45 30.13 20.74
N LEU A 422 33.67 29.29 20.09
CA LEU A 422 32.54 28.64 20.74
C LEU A 422 32.79 27.18 21.10
N ASN A 423 33.84 26.59 20.56
CA ASN A 423 34.10 25.18 20.79
C ASN A 423 34.47 24.81 22.23
N SER A 424 35.19 25.70 22.91
CA SER A 424 35.52 25.48 24.31
C SER A 424 34.28 25.21 25.17
N ARG A 425 33.10 25.39 24.61
CA ARG A 425 31.85 25.24 25.38
C ARG A 425 31.24 23.86 25.17
N ILE A 426 31.85 23.10 24.26
CA ILE A 426 31.37 21.76 23.93
C ILE A 426 32.49 20.78 24.24
N LYS A 427 32.59 20.43 25.51
CA LYS A 427 33.68 19.59 26.01
C LYS A 427 33.18 18.18 26.28
N ASP A 428 31.99 18.08 26.86
CA ASP A 428 31.41 16.79 27.20
C ASP A 428 29.97 16.74 26.76
N MET A 429 29.23 15.73 27.20
CA MET A 429 27.82 15.65 26.84
C MET A 429 27.00 16.75 27.47
N PRO A 430 27.10 16.89 28.79
CA PRO A 430 26.22 17.85 29.48
C PRO A 430 26.48 19.26 29.00
N SER A 431 27.74 19.60 28.77
CA SER A 431 28.09 20.93 28.29
C SER A 431 27.53 21.13 26.89
N ALA A 432 27.54 20.05 26.12
CA ALA A 432 27.03 20.08 24.75
C ALA A 432 25.52 20.34 24.77
N CYS A 433 24.80 19.59 25.60
CA CYS A 433 23.38 19.74 25.71
C CYS A 433 23.04 21.18 26.06
N ARG A 434 23.70 21.71 27.08
CA ARG A 434 23.41 23.06 27.54
C ARG A 434 23.68 24.04 26.41
N PHE A 435 24.74 23.80 25.64
CA PHE A 435 25.01 24.65 24.49
C PHE A 435 23.92 24.53 23.45
N LEU A 436 23.58 23.30 23.06
CA LEU A 436 22.52 23.10 22.09
C LEU A 436 21.20 23.71 22.57
N ASP A 437 20.88 23.50 23.85
CA ASP A 437 19.65 24.01 24.43
C ASP A 437 19.61 25.51 24.23
N SER A 438 20.74 26.15 24.48
CA SER A 438 20.80 27.58 24.31
C SER A 438 20.68 27.91 22.84
N TYR A 439 21.47 27.23 22.01
CA TYR A 439 21.49 27.54 20.57
C TYR A 439 20.11 27.49 19.97
N TRP A 440 19.41 26.39 20.20
CA TRP A 440 18.08 26.22 19.66
C TRP A 440 17.03 27.25 20.13
N GLN A 441 17.14 27.75 21.36
CA GLN A 441 16.22 28.79 21.82
C GLN A 441 16.50 30.15 21.17
N GLY A 442 17.66 30.29 20.54
CA GLY A 442 17.99 31.52 19.85
C GLY A 442 18.76 32.49 20.73
N HIS A 443 19.46 31.95 21.71
CA HIS A 443 20.16 32.79 22.68
C HIS A 443 21.63 32.99 22.36
N GLU A 444 22.12 32.43 21.26
CA GLU A 444 23.53 32.63 20.91
C GLU A 444 23.70 33.62 19.75
N GLU A 445 24.97 33.88 19.43
CA GLU A 445 25.37 34.86 18.44
C GLU A 445 25.19 34.32 17.01
N ILE A 446 25.27 32.99 16.88
CA ILE A 446 24.84 32.29 15.68
C ILE A 446 23.46 31.67 15.92
N ARG A 447 22.59 31.81 14.92
CA ARG A 447 21.19 31.42 15.06
C ARG A 447 20.80 30.65 13.86
N GLN A 448 19.64 29.99 13.93
CA GLN A 448 19.14 29.22 12.79
C GLN A 448 17.62 29.06 12.87
N ILE A 449 16.94 29.13 11.72
CA ILE A 449 15.58 28.64 11.65
C ILE A 449 15.58 27.58 10.58
N SER A 450 14.87 26.50 10.82
CA SER A 450 14.88 25.37 9.90
C SER A 450 13.69 24.44 10.04
N LYS A 451 13.38 23.77 8.94
CA LYS A 451 12.58 22.56 8.94
C LYS A 451 13.33 21.61 8.00
N SER A 452 13.76 20.47 8.53
CA SER A 452 14.62 19.59 7.77
C SER A 452 15.75 20.36 7.09
N ASP A 453 15.79 20.28 5.77
CA ASP A 453 16.90 20.87 5.01
C ASP A 453 16.73 22.34 4.70
N ASP A 454 15.50 22.82 4.70
CA ASP A 454 15.24 24.24 4.49
C ASP A 454 15.66 25.01 5.74
N ALA A 455 16.62 25.91 5.57
CA ALA A 455 17.09 26.72 6.67
C ALA A 455 17.41 28.11 6.22
N MET A 456 17.36 29.01 7.19
CA MET A 456 18.06 30.26 7.09
C MET A 456 18.99 30.37 8.28
N LEU A 457 20.26 30.64 8.00
CA LEU A 457 21.28 30.69 9.01
C LEU A 457 21.54 32.14 9.37
N GLY A 458 21.65 32.42 10.67
CA GLY A 458 21.73 33.78 11.18
C GLY A 458 22.92 34.15 12.04
N TRP A 459 23.41 35.38 11.83
CA TRP A 459 24.46 35.97 12.65
C TRP A 459 24.02 37.31 13.23
N THR A 460 24.14 37.45 14.54
CA THR A 460 23.98 38.75 15.15
C THR A 460 25.32 39.46 15.13
N LYS A 461 25.43 40.46 15.98
CA LYS A 461 26.68 41.21 16.10
C LYS A 461 27.62 40.45 17.01
N GLY A 462 28.90 40.48 16.72
CA GLY A 462 29.86 39.71 17.49
C GLY A 462 31.03 39.25 16.65
N ARG A 463 31.75 38.26 17.16
CA ARG A 463 32.96 37.79 16.52
C ARG A 463 32.67 36.89 15.33
N ALA A 464 31.55 36.19 15.39
CA ALA A 464 31.21 35.22 14.36
C ALA A 464 30.85 35.93 13.07
N LEU A 465 30.30 37.13 13.22
CA LEU A 465 29.76 37.86 12.08
C LEU A 465 30.74 37.97 10.93
N VAL A 466 31.94 38.45 11.20
CA VAL A 466 32.90 38.56 10.13
C VAL A 466 33.05 37.20 9.45
N GLY A 467 33.09 36.15 10.25
CA GLY A 467 33.22 34.81 9.73
C GLY A 467 32.01 34.47 8.89
N GLY A 468 30.86 34.94 9.37
CA GLY A 468 29.60 34.72 8.69
C GLY A 468 29.71 35.12 7.24
N HIS A 469 30.05 36.39 7.02
CA HIS A 469 30.20 36.92 5.67
C HIS A 469 31.14 36.13 4.79
N ARG A 470 32.20 35.58 5.36
CA ARG A 470 33.10 34.73 4.58
C ARG A 470 32.41 33.42 4.20
N LEU A 471 31.71 32.83 5.16
CA LEU A 471 30.95 31.64 4.89
C LEU A 471 30.06 31.91 3.67
N PHE A 472 29.37 33.05 3.70
CA PHE A 472 28.44 33.44 2.65
C PHE A 472 29.17 33.59 1.31
N GLU A 473 30.40 34.07 1.39
CA GLU A 473 31.18 34.29 0.20
C GLU A 473 31.61 32.94 -0.33
N MET A 474 32.01 32.07 0.58
CA MET A 474 32.39 30.70 0.24
C MET A 474 31.24 30.02 -0.52
N LEU A 475 30.03 30.22 -0.02
CA LEU A 475 28.83 29.61 -0.58
C LEU A 475 28.48 30.13 -1.97
N LYS A 476 28.88 31.38 -2.23
CA LYS A 476 28.63 32.01 -3.53
C LYS A 476 29.57 31.50 -4.60
N GLU A 477 30.88 31.63 -4.35
CA GLU A 477 31.90 31.13 -5.28
C GLU A 477 31.61 29.68 -5.63
N GLY A 478 31.13 28.93 -4.63
CA GLY A 478 30.65 27.58 -4.81
C GLY A 478 31.67 26.58 -5.30
N LYS A 479 32.95 26.87 -5.07
CA LYS A 479 33.97 25.95 -5.50
C LYS A 479 34.21 24.92 -4.41
N VAL A 480 33.98 25.31 -3.16
CA VAL A 480 34.23 24.41 -2.04
C VAL A 480 33.00 24.15 -1.16
N ASN A 481 32.80 22.88 -0.81
CA ASN A 481 31.72 22.47 0.06
C ASN A 481 32.03 22.77 1.53
N PRO A 482 31.13 23.52 2.20
CA PRO A 482 31.35 24.05 3.56
C PRO A 482 31.09 23.04 4.66
N SER A 483 30.51 21.90 4.31
CA SER A 483 30.21 20.88 5.30
C SER A 483 30.84 19.55 4.90
N PRO A 484 31.20 18.74 5.89
CA PRO A 484 31.68 17.37 5.70
C PRO A 484 30.55 16.41 5.43
N TYR A 485 29.33 16.81 5.78
CA TYR A 485 28.21 15.88 5.91
C TYR A 485 27.17 15.84 4.79
N MET A 486 26.89 16.98 4.18
CA MET A 486 25.91 17.07 3.10
C MET A 486 26.33 18.15 2.12
N LYS A 487 25.88 18.05 0.87
CA LYS A 487 26.20 19.11 -0.10
C LYS A 487 25.35 20.37 0.11
N ILE A 488 25.98 21.40 0.64
CA ILE A 488 25.28 22.64 0.99
C ILE A 488 25.56 23.72 -0.02
N SER A 489 24.60 24.63 -0.19
CA SER A 489 24.75 25.78 -1.07
C SER A 489 23.73 26.84 -0.73
N TYR A 490 23.97 28.05 -1.22
CA TYR A 490 23.04 29.14 -0.99
C TYR A 490 21.86 29.05 -1.96
N GLN A 491 20.63 29.25 -1.45
CA GLN A 491 19.43 29.33 -2.27
C GLN A 491 19.54 30.47 -3.25
N HIS A 492 19.34 30.20 -4.53
CA HIS A 492 19.31 31.30 -5.48
C HIS A 492 17.92 31.95 -5.50
N GLY A 493 17.73 32.89 -4.58
CA GLY A 493 16.43 33.49 -4.33
C GLY A 493 15.98 33.02 -2.97
N GLY A 494 16.53 33.63 -1.94
CA GLY A 494 16.24 33.23 -0.57
C GLY A 494 14.78 33.18 -0.14
N ALA A 495 14.39 32.03 0.40
CA ALA A 495 13.04 31.84 0.93
C ALA A 495 12.99 30.73 1.96
N PHE A 496 12.12 30.89 2.94
CA PHE A 496 11.97 29.92 4.00
C PHE A 496 10.53 29.44 4.03
N LEU A 497 10.36 28.14 4.20
CA LEU A 497 9.03 27.54 4.31
C LEU A 497 7.93 28.23 3.50
N GLY A 498 8.29 28.72 2.31
CA GLY A 498 7.28 29.18 1.38
C GLY A 498 7.18 30.67 1.16
N ASP A 499 7.75 31.43 2.09
CA ASP A 499 7.72 32.88 2.00
C ASP A 499 9.09 33.39 1.60
N ILE A 500 9.11 34.35 0.68
CA ILE A 500 10.35 34.95 0.22
C ILE A 500 10.80 36.08 1.14
N LEU A 501 12.09 36.12 1.45
CA LEU A 501 12.63 37.23 2.19
C LEU A 501 12.92 38.34 1.21
N LEU A 502 12.14 39.42 1.29
CA LEU A 502 12.25 40.54 0.39
C LEU A 502 13.14 41.63 1.00
N TYR A 503 14.37 41.69 0.49
CA TYR A 503 15.34 42.69 0.90
C TYR A 503 15.07 43.96 0.11
N ASP A 504 15.36 45.12 0.69
CA ASP A 504 15.34 46.38 -0.06
C ASP A 504 16.76 46.78 -0.47
N SER A 505 16.96 48.03 -0.84
CA SER A 505 18.26 48.46 -1.32
C SER A 505 19.36 48.37 -0.28
N ARG A 506 19.00 48.36 1.00
CA ARG A 506 19.98 48.17 2.06
C ARG A 506 20.64 46.79 1.93
N ARG A 507 19.84 45.79 1.53
CA ARG A 507 20.29 44.41 1.48
C ARG A 507 20.77 43.97 2.86
N GLU A 508 19.96 44.27 3.87
CA GLU A 508 20.18 43.75 5.21
C GLU A 508 18.86 43.23 5.82
N PRO A 509 18.95 42.17 6.63
CA PRO A 509 17.78 41.59 7.27
C PRO A 509 16.90 42.64 7.95
N GLY A 510 17.52 43.61 8.63
CA GLY A 510 16.80 44.63 9.38
C GLY A 510 15.68 45.31 8.61
N SER A 511 15.97 45.65 7.36
CA SER A 511 14.99 46.27 6.49
C SER A 511 14.44 45.30 5.45
N ALA A 512 14.45 44.01 5.78
CA ALA A 512 13.87 42.97 4.91
C ALA A 512 12.49 42.54 5.40
N ILE A 513 11.66 42.02 4.50
CA ILE A 513 10.34 41.52 4.92
C ILE A 513 9.98 40.19 4.29
N PHE A 514 9.17 39.41 4.99
CA PHE A 514 8.63 38.21 4.40
C PHE A 514 7.32 38.52 3.68
N VAL A 515 7.28 38.22 2.39
CA VAL A 515 6.03 38.17 1.62
C VAL A 515 5.86 36.77 1.04
N GLY A 516 4.64 36.42 0.64
CA GLY A 516 4.42 35.13 0.03
C GLY A 516 5.11 34.97 -1.32
N ASN A 517 5.29 33.74 -1.78
CA ASN A 517 5.87 33.52 -3.11
C ASN A 517 4.81 33.47 -4.18
N ILE A 518 4.77 34.51 -5.00
CA ILE A 518 3.71 34.64 -5.97
C ILE A 518 3.67 33.46 -6.91
N ASN A 519 4.85 32.96 -7.30
CA ASN A 519 4.88 31.82 -8.21
C ASN A 519 4.18 30.59 -7.61
N SER A 520 4.15 30.52 -6.28
CA SER A 520 3.52 29.40 -5.59
C SER A 520 2.00 29.46 -5.70
N MET A 521 1.44 30.66 -5.67
CA MET A 521 0.02 30.84 -5.92
C MET A 521 -0.31 30.22 -7.26
N LEU A 522 0.49 30.54 -8.27
CA LEU A 522 0.27 30.00 -9.62
C LEU A 522 0.37 28.47 -9.68
N ASN A 523 1.45 27.91 -9.14
CA ASN A 523 1.62 26.47 -9.13
C ASN A 523 0.42 25.82 -8.46
N ASN A 524 0.01 26.38 -7.35
CA ASN A 524 -1.08 25.80 -6.58
C ASN A 524 -2.39 25.83 -7.34
N GLN A 525 -2.62 26.92 -8.07
CA GLN A 525 -3.90 27.13 -8.75
C GLN A 525 -4.04 26.49 -10.13
N PHE A 526 -2.94 26.42 -10.89
CA PHE A 526 -3.04 25.91 -12.26
C PHE A 526 -2.26 24.62 -12.52
N SER A 527 -1.41 24.22 -11.59
CA SER A 527 -0.63 23.02 -11.73
C SER A 527 -0.68 22.16 -10.47
N PRO A 528 -1.90 21.77 -10.04
CA PRO A 528 -2.05 20.98 -8.82
C PRO A 528 -1.41 19.62 -8.98
N GLU A 529 -1.05 19.01 -7.85
CA GLU A 529 -0.35 17.74 -7.83
C GLU A 529 -1.28 16.59 -8.20
N TYR A 530 -2.55 16.74 -7.84
CA TYR A 530 -3.57 15.74 -8.14
C TYR A 530 -4.79 16.39 -8.78
N GLY A 531 -5.64 15.56 -9.37
CA GLY A 531 -6.93 16.04 -9.86
C GLY A 531 -7.89 16.20 -8.71
N VAL A 532 -9.13 16.55 -9.00
CA VAL A 532 -10.11 16.79 -7.94
C VAL A 532 -10.78 15.54 -7.40
N GLN A 533 -10.62 14.40 -8.09
CA GLN A 533 -11.14 13.12 -7.59
C GLN A 533 -12.63 13.20 -7.35
N SER A 534 -13.38 13.68 -8.32
CA SER A 534 -14.80 13.86 -8.12
C SER A 534 -15.56 12.53 -8.08
N GLY A 535 -14.83 11.43 -8.20
CA GLY A 535 -15.41 10.11 -8.07
C GLY A 535 -15.47 9.71 -6.61
N VAL A 536 -14.54 10.24 -5.82
CA VAL A 536 -14.55 10.01 -4.39
C VAL A 536 -15.68 10.84 -3.79
N ARG A 537 -16.69 10.21 -3.19
CA ARG A 537 -17.77 11.00 -2.64
C ARG A 537 -17.49 11.49 -1.21
N ASP A 538 -16.72 10.73 -0.42
CA ASP A 538 -16.24 11.25 0.88
C ASP A 538 -15.04 12.17 0.66
N ARG A 539 -15.28 13.47 0.75
CA ARG A 539 -14.26 14.45 0.41
C ARG A 539 -13.12 14.58 1.41
N SER A 540 -13.35 14.15 2.65
CA SER A 540 -12.25 14.15 3.61
C SER A 540 -11.17 13.15 3.16
N LYS A 541 -11.54 12.28 2.23
CA LYS A 541 -10.63 11.25 1.73
C LYS A 541 -9.90 11.69 0.46
N ARG A 542 -10.43 12.71 -0.21
CA ARG A 542 -9.81 13.24 -1.41
C ARG A 542 -8.48 13.92 -1.11
N LYS A 543 -7.62 13.97 -2.12
CA LYS A 543 -6.30 14.59 -1.99
C LYS A 543 -6.52 16.09 -1.93
N ARG A 544 -7.55 16.55 -2.62
CA ARG A 544 -7.93 17.95 -2.60
C ARG A 544 -9.41 18.02 -2.31
N PRO A 545 -9.76 17.90 -1.01
CA PRO A 545 -11.13 17.89 -0.49
C PRO A 545 -12.00 19.08 -0.90
N PHE A 546 -11.49 20.31 -0.80
CA PHE A 546 -12.29 21.52 -1.09
C PHE A 546 -11.49 22.58 -1.82
N PRO A 547 -11.19 22.32 -3.10
CA PRO A 547 -10.35 23.21 -3.91
C PRO A 547 -10.82 24.67 -3.82
N GLY A 548 -12.10 24.92 -4.05
CA GLY A 548 -12.59 26.28 -4.09
C GLY A 548 -12.18 27.17 -2.92
N LEU A 549 -11.93 26.55 -1.77
CA LEU A 549 -11.65 27.29 -0.54
C LEU A 549 -10.40 28.15 -0.56
N ALA A 550 -9.44 27.80 -1.41
CA ALA A 550 -8.17 28.51 -1.45
C ALA A 550 -8.37 29.95 -1.90
N TRP A 551 -9.50 30.22 -2.52
CA TRP A 551 -9.76 31.55 -3.02
C TRP A 551 -9.86 32.51 -1.85
N ALA A 552 -10.40 31.99 -0.75
CA ALA A 552 -10.67 32.79 0.43
C ALA A 552 -9.41 33.08 1.26
N SER A 553 -8.33 32.36 0.96
CA SER A 553 -7.09 32.53 1.71
C SER A 553 -6.04 33.15 0.83
N MET A 554 -6.39 33.35 -0.43
CA MET A 554 -5.45 33.88 -1.41
C MET A 554 -4.94 35.25 -0.96
N LYS A 555 -5.85 36.12 -0.56
CA LYS A 555 -5.46 37.46 -0.13
C LYS A 555 -4.44 37.43 1.02
N ASP A 556 -4.69 36.61 2.04
CA ASP A 556 -3.86 36.58 3.22
C ASP A 556 -2.49 35.94 2.91
N THR A 557 -2.51 34.92 2.05
CA THR A 557 -1.28 34.21 1.73
C THR A 557 -0.39 35.00 0.77
N TYR A 558 -0.99 35.52 -0.29
CA TYR A 558 -0.22 36.14 -1.38
C TYR A 558 -0.45 37.65 -1.56
N GLY A 559 -1.38 38.24 -0.81
CA GLY A 559 -1.68 39.65 -1.00
C GLY A 559 -0.55 40.62 -0.69
N ALA A 560 0.59 40.11 -0.21
CA ALA A 560 1.69 40.96 0.23
C ALA A 560 2.81 40.98 -0.79
N CYS A 561 2.73 40.07 -1.75
CA CYS A 561 3.64 40.10 -2.87
C CYS A 561 3.51 41.42 -3.59
N PRO A 562 4.66 42.02 -3.94
CA PRO A 562 4.70 43.28 -4.68
C PRO A 562 3.85 43.29 -5.95
N ILE A 563 3.69 42.15 -6.62
CA ILE A 563 2.94 42.11 -7.87
C ILE A 563 1.60 41.35 -7.82
N TYR A 564 1.09 41.12 -6.62
CA TYR A 564 -0.18 40.43 -6.43
C TYR A 564 -1.26 40.96 -7.33
N SER A 565 -1.59 42.22 -7.14
CA SER A 565 -2.65 42.84 -7.94
C SER A 565 -2.44 42.59 -9.43
N ASP A 566 -1.25 42.89 -9.91
CA ASP A 566 -0.95 42.80 -11.33
C ASP A 566 -1.12 41.37 -11.85
N VAL A 567 -0.82 40.40 -11.00
CA VAL A 567 -0.92 39.01 -11.38
C VAL A 567 -2.35 38.55 -11.51
N LEU A 568 -3.20 38.91 -10.55
CA LEU A 568 -4.59 38.52 -10.61
C LEU A 568 -5.21 39.10 -11.87
N GLU A 569 -4.81 40.32 -12.19
CA GLU A 569 -5.31 41.02 -13.38
C GLU A 569 -4.89 40.34 -14.68
N ALA A 570 -3.60 40.01 -14.79
CA ALA A 570 -3.10 39.32 -15.99
C ALA A 570 -3.81 38.00 -16.20
N ILE A 571 -4.02 37.26 -15.12
CA ILE A 571 -4.76 36.01 -15.17
C ILE A 571 -6.14 36.24 -15.75
N GLU A 572 -6.86 37.20 -15.18
CA GLU A 572 -8.23 37.49 -15.58
C GLU A 572 -8.28 37.71 -17.07
N ARG A 573 -7.38 38.58 -17.52
CA ARG A 573 -7.26 38.96 -18.92
C ARG A 573 -6.98 37.77 -19.82
N CYS A 574 -5.96 36.99 -19.48
CA CYS A 574 -5.59 35.80 -20.25
C CYS A 574 -6.68 34.72 -20.19
N TRP A 575 -7.34 34.63 -19.05
CA TRP A 575 -8.40 33.67 -18.90
C TRP A 575 -9.56 34.06 -19.81
N TRP A 576 -9.86 35.35 -19.90
CA TRP A 576 -10.93 35.79 -20.78
C TRP A 576 -10.56 35.42 -22.21
N ASN A 577 -9.31 35.66 -22.59
CA ASN A 577 -8.82 35.28 -23.92
C ASN A 577 -9.08 33.80 -24.23
N ALA A 578 -8.92 32.97 -23.21
CA ALA A 578 -8.95 31.53 -23.40
C ALA A 578 -10.32 30.89 -23.12
N PHE A 579 -11.17 31.57 -22.37
CA PHE A 579 -12.41 30.95 -21.91
C PHE A 579 -13.68 31.77 -22.11
N GLY A 580 -13.54 33.08 -22.33
CA GLY A 580 -14.70 33.92 -22.48
C GLY A 580 -15.42 33.99 -21.17
N GLU A 581 -14.70 33.67 -20.10
CA GLU A 581 -15.24 33.70 -18.73
C GLU A 581 -14.47 34.71 -17.89
N SER A 582 -15.08 35.16 -16.80
CA SER A 582 -14.32 35.80 -15.73
C SER A 582 -13.74 34.73 -14.82
N TYR A 583 -12.41 34.62 -14.80
CA TYR A 583 -11.77 33.65 -13.94
C TYR A 583 -12.20 33.95 -12.52
N ARG A 584 -12.22 35.24 -12.20
CA ARG A 584 -12.63 35.69 -10.87
C ARG A 584 -14.00 35.16 -10.49
N ALA A 585 -14.94 35.19 -11.44
CA ALA A 585 -16.29 34.75 -11.17
C ALA A 585 -16.26 33.25 -10.86
N TYR A 586 -15.65 32.52 -11.79
CA TYR A 586 -15.53 31.08 -11.72
C TYR A 586 -14.93 30.60 -10.39
N ARG A 587 -14.09 31.43 -9.79
CA ARG A 587 -13.52 31.09 -8.48
C ARG A 587 -14.50 31.38 -7.36
N GLU A 588 -15.10 32.56 -7.40
CA GLU A 588 -16.07 32.96 -6.40
C GLU A 588 -17.26 32.01 -6.38
N ASP A 589 -17.61 31.47 -7.55
CA ASP A 589 -18.62 30.44 -7.67
C ASP A 589 -18.15 29.20 -6.89
N MET A 590 -16.95 28.73 -7.25
CA MET A 590 -16.40 27.51 -6.67
C MET A 590 -16.15 27.73 -5.20
N LEU A 591 -15.81 28.95 -4.81
CA LEU A 591 -15.65 29.23 -3.40
C LEU A 591 -16.96 28.94 -2.70
N LYS A 592 -18.06 29.37 -3.29
CA LYS A 592 -19.36 29.24 -2.65
C LYS A 592 -19.75 27.77 -2.53
N ARG A 593 -19.59 27.03 -3.62
CA ARG A 593 -20.02 25.65 -3.62
C ARG A 593 -19.29 24.85 -2.56
N ASP A 594 -17.96 24.98 -2.55
CA ASP A 594 -17.18 24.20 -1.59
C ASP A 594 -17.46 24.67 -0.15
N THR A 595 -17.90 25.91 0.00
CA THR A 595 -18.25 26.44 1.30
C THR A 595 -19.51 25.78 1.85
N LEU A 596 -20.52 25.65 1.01
CA LEU A 596 -21.68 24.87 1.38
C LEU A 596 -21.28 23.44 1.75
N GLU A 597 -20.67 22.77 0.78
CA GLU A 597 -20.34 21.36 0.92
C GLU A 597 -19.51 21.08 2.19
N LEU A 598 -18.86 22.12 2.70
CA LEU A 598 -18.00 21.96 3.86
C LEU A 598 -18.82 21.80 5.13
N SER A 599 -19.89 22.58 5.24
CA SER A 599 -20.75 22.55 6.41
C SER A 599 -21.19 21.13 6.74
N ARG A 600 -21.30 20.31 5.68
CA ARG A 600 -21.61 18.88 5.79
C ARG A 600 -20.60 18.12 6.64
N TYR A 601 -19.32 18.39 6.40
CA TYR A 601 -18.24 17.63 7.01
C TYR A 601 -17.81 18.20 8.36
N VAL A 602 -18.32 19.40 8.67
CA VAL A 602 -18.02 20.04 9.93
C VAL A 602 -19.33 20.29 10.66
N ALA A 603 -20.03 19.23 11.04
CA ALA A 603 -21.29 19.46 11.75
C ALA A 603 -21.13 20.59 12.78
N SER A 604 -19.91 20.76 13.29
CA SER A 604 -19.60 21.81 14.27
C SER A 604 -19.59 23.23 13.66
N MET A 605 -20.25 23.39 12.52
CA MET A 605 -20.49 24.73 11.96
C MET A 605 -21.92 25.18 12.23
N ALA A 606 -22.93 24.61 11.57
CA ALA A 606 -22.82 23.71 10.42
C ALA A 606 -23.71 24.32 9.34
N ARG A 607 -23.16 25.31 8.64
CA ARG A 607 -23.92 26.25 7.80
C ARG A 607 -24.57 27.30 8.70
N GLN A 608 -24.38 28.56 8.34
CA GLN A 608 -24.67 29.69 9.22
C GLN A 608 -23.43 29.97 10.09
N ALA A 609 -22.46 30.69 9.53
CA ALA A 609 -21.21 30.96 10.25
C ALA A 609 -20.36 32.16 9.78
N GLY A 610 -19.99 32.29 8.49
CA GLY A 610 -20.28 31.34 7.42
C GLY A 610 -19.04 30.57 6.98
N LEU A 611 -18.04 31.26 6.43
CA LEU A 611 -16.67 30.75 6.40
C LEU A 611 -16.05 31.01 7.76
N ALA A 612 -16.75 31.85 8.52
CA ALA A 612 -16.72 31.83 9.98
C ALA A 612 -15.37 31.92 10.68
N GLU A 613 -15.16 30.94 11.55
CA GLU A 613 -14.08 30.93 12.51
C GLU A 613 -12.79 30.43 11.90
N LEU A 614 -12.83 30.17 10.61
CA LEU A 614 -11.68 29.57 9.94
C LEU A 614 -10.55 30.56 9.73
N THR A 615 -9.35 30.18 10.13
CA THR A 615 -8.15 30.93 9.82
C THR A 615 -7.70 30.65 8.37
N PRO A 616 -6.79 31.48 7.84
CA PRO A 616 -6.27 31.17 6.51
C PRO A 616 -5.63 29.78 6.44
N ILE A 617 -4.90 29.40 7.48
CA ILE A 617 -4.23 28.10 7.53
C ILE A 617 -5.21 26.98 7.29
N ASP A 618 -6.32 27.00 8.01
CA ASP A 618 -7.35 26.01 7.82
C ASP A 618 -7.71 25.97 6.34
N LEU A 619 -8.13 27.12 5.82
CA LEU A 619 -8.60 27.18 4.44
C LEU A 619 -7.62 26.63 3.42
N GLU A 620 -6.34 26.89 3.60
CA GLU A 620 -5.37 26.36 2.67
C GLU A 620 -5.21 24.83 2.85
N VAL A 621 -5.27 24.38 4.11
CA VAL A 621 -5.16 22.96 4.42
C VAL A 621 -6.35 22.16 3.91
N LEU A 622 -7.53 22.75 3.96
CA LEU A 622 -8.73 22.08 3.47
C LEU A 622 -8.66 21.88 1.97
N ALA A 623 -8.05 22.83 1.28
CA ALA A 623 -7.92 22.72 -0.16
C ALA A 623 -6.73 21.84 -0.54
N ASP A 624 -5.87 21.59 0.44
CA ASP A 624 -4.59 20.96 0.20
C ASP A 624 -4.03 20.48 1.53
N PRO A 625 -4.46 19.28 1.96
CA PRO A 625 -4.06 18.69 3.25
C PRO A 625 -2.64 18.13 3.21
N ASN A 626 -2.11 18.09 2.00
CA ASN A 626 -0.73 17.71 1.77
C ASN A 626 0.17 18.73 2.44
N LYS A 627 -0.43 19.82 2.93
CA LYS A 627 0.30 20.85 3.66
C LYS A 627 0.41 20.55 5.17
N LEU A 628 -0.22 19.47 5.62
CA LEU A 628 -0.03 18.98 6.99
C LEU A 628 1.37 18.39 7.16
N GLN A 629 1.86 17.75 6.10
CA GLN A 629 3.09 16.97 6.14
C GLN A 629 4.22 17.62 5.38
N TYR A 630 4.26 18.95 5.39
CA TYR A 630 5.46 19.69 4.97
C TYR A 630 5.50 21.14 5.46
N LYS A 631 4.34 21.80 5.53
CA LYS A 631 4.30 23.21 5.92
C LYS A 631 3.83 23.48 7.34
N TRP A 632 2.60 23.07 7.66
CA TRP A 632 2.00 23.33 8.97
C TRP A 632 1.83 22.06 9.80
N THR A 633 1.55 22.25 11.10
CA THR A 633 1.34 21.11 12.02
C THR A 633 0.09 21.27 12.87
N GLU A 634 -0.50 20.13 13.23
CA GLU A 634 -1.66 20.05 14.12
C GLU A 634 -2.16 21.38 14.69
N ALA A 635 -1.40 21.92 15.65
CA ALA A 635 -1.83 23.07 16.44
C ALA A 635 -1.88 24.37 15.64
N ASP A 636 -1.58 24.27 14.35
CA ASP A 636 -1.78 25.40 13.44
C ASP A 636 -3.16 25.32 12.78
N VAL A 637 -3.85 24.20 12.98
CA VAL A 637 -5.19 24.01 12.44
C VAL A 637 -6.24 23.90 13.54
N SER A 638 -7.34 24.64 13.35
CA SER A 638 -8.47 24.61 14.28
C SER A 638 -8.86 23.16 14.59
N ALA A 639 -9.20 22.89 15.84
CA ALA A 639 -9.39 21.52 16.29
C ALA A 639 -10.55 20.82 15.62
N ASN A 640 -11.62 21.54 15.32
CA ASN A 640 -12.77 20.90 14.70
C ASN A 640 -12.55 20.72 13.21
N ILE A 641 -11.52 21.39 12.70
CA ILE A 641 -11.14 21.25 11.30
C ILE A 641 -10.24 20.05 11.14
N HIS A 642 -9.35 19.85 12.11
CA HIS A 642 -8.47 18.69 12.10
C HIS A 642 -9.30 17.42 11.91
N GLU A 643 -10.30 17.23 12.77
CA GLU A 643 -11.11 16.01 12.78
C GLU A 643 -11.85 15.72 11.47
N VAL A 644 -11.85 16.67 10.55
CA VAL A 644 -12.38 16.44 9.21
C VAL A 644 -11.38 15.59 8.44
N LEU A 645 -10.10 15.93 8.59
CA LEU A 645 -9.04 15.29 7.84
C LEU A 645 -8.46 14.10 8.60
N MET A 646 -8.42 14.20 9.93
CA MET A 646 -7.70 13.22 10.75
C MET A 646 -8.62 12.45 11.70
N HIS A 647 -8.08 11.37 12.27
CA HIS A 647 -8.78 10.55 13.23
C HIS A 647 -7.80 10.00 14.27
N GLY A 648 -8.17 10.08 15.53
CA GLY A 648 -7.27 9.67 16.59
C GLY A 648 -7.39 8.22 17.00
N VAL A 649 -6.62 7.85 18.02
CA VAL A 649 -6.68 6.51 18.61
C VAL A 649 -6.80 6.65 20.12
N SER A 650 -7.51 5.71 20.74
CA SER A 650 -7.58 5.60 22.19
C SER A 650 -6.36 6.27 22.84
N VAL A 651 -6.60 7.39 23.54
CA VAL A 651 -5.52 8.06 24.24
C VAL A 651 -4.97 7.21 25.40
N GLU A 652 -5.84 6.42 26.03
CA GLU A 652 -5.37 5.52 27.08
C GLU A 652 -4.32 4.61 26.49
N LYS A 653 -4.54 4.19 25.25
CA LYS A 653 -3.71 3.15 24.66
C LYS A 653 -2.35 3.65 24.24
N THR A 654 -2.29 4.88 23.74
CA THR A 654 -0.98 5.50 23.44
C THR A 654 -0.28 5.77 24.75
N GLU A 655 -1.00 6.40 25.69
CA GLU A 655 -0.42 6.70 26.98
C GLU A 655 0.16 5.45 27.62
N ARG A 656 -0.57 4.34 27.58
CA ARG A 656 -0.04 3.09 28.10
C ARG A 656 1.22 2.69 27.34
N PHE A 657 1.16 2.79 26.01
CA PHE A 657 2.25 2.38 25.13
C PHE A 657 3.52 3.22 25.36
N LEU A 658 3.35 4.53 25.41
CA LEU A 658 4.49 5.39 25.51
C LEU A 658 5.24 5.00 26.76
N ARG A 659 4.50 4.81 27.84
CA ARG A 659 5.10 4.52 29.13
C ARG A 659 6.11 3.36 29.08
N SER A 660 5.82 2.30 28.32
CA SER A 660 6.70 1.15 28.26
C SER A 660 7.91 1.42 27.35
N VAL A 661 7.88 2.54 26.65
CA VAL A 661 8.87 2.86 25.61
C VAL A 661 9.97 3.74 26.15
N MET A 662 9.56 4.76 26.89
CA MET A 662 10.48 5.81 27.32
C MET A 662 11.22 5.49 28.62
N PRO A 663 12.38 6.13 28.82
CA PRO A 663 13.22 5.89 30.01
C PRO A 663 12.41 6.10 31.25
N ARG A 664 12.03 7.38 31.38
CA ARG A 664 11.27 8.01 32.44
C ARG A 664 10.17 8.82 31.75
N PRO B 1 50.05 -61.19 10.53
CA PRO B 1 51.21 -60.28 10.63
C PRO B 1 50.92 -59.00 11.45
N ARG B 2 51.89 -58.09 11.52
CA ARG B 2 53.25 -58.43 11.11
C ARG B 2 54.09 -58.73 12.33
N ARG B 3 54.41 -57.77 13.23
CA ARG B 3 54.50 -56.32 13.20
C ARG B 3 55.68 -55.88 12.30
N ALA B 4 55.83 -54.58 12.06
CA ALA B 4 56.92 -54.14 11.20
C ALA B 4 58.19 -53.97 12.01
N PRO B 5 59.32 -54.33 11.42
CA PRO B 5 60.59 -54.04 12.10
C PRO B 5 60.71 -52.54 12.37
N ALA B 6 61.12 -52.14 13.56
CA ALA B 6 61.44 -50.74 13.79
C ALA B 6 62.89 -50.57 14.24
N PHE B 7 63.55 -49.54 13.71
CA PHE B 7 64.93 -49.27 14.06
C PHE B 7 65.06 -47.85 14.50
N PRO B 8 66.01 -47.59 15.41
CA PRO B 8 66.30 -46.27 15.94
C PRO B 8 67.41 -45.63 15.12
N LEU B 9 67.48 -44.31 15.15
CA LEU B 9 68.50 -43.61 14.39
C LEU B 9 69.88 -44.23 14.62
N SER B 10 70.15 -44.61 15.86
CA SER B 10 71.45 -45.17 16.22
C SER B 10 71.78 -46.46 15.45
N ASP B 11 70.74 -47.20 15.09
CA ASP B 11 70.91 -48.48 14.42
C ASP B 11 71.65 -48.33 13.10
N ILE B 12 72.46 -49.32 12.75
CA ILE B 12 73.17 -49.30 11.48
C ILE B 12 72.18 -49.20 10.33
N LYS B 13 71.05 -49.89 10.44
CA LYS B 13 70.02 -49.87 9.41
C LYS B 13 69.55 -48.44 9.10
N ALA B 14 69.48 -47.61 10.14
CA ALA B 14 69.04 -46.22 9.99
C ALA B 14 70.22 -45.35 9.62
N GLN B 15 71.35 -45.55 10.30
CA GLN B 15 72.55 -44.80 10.01
C GLN B 15 72.89 -44.76 8.52
N MET B 16 72.68 -45.88 7.83
CA MET B 16 73.07 -46.00 6.43
C MET B 16 72.14 -45.27 5.49
N LEU B 17 71.13 -44.61 6.03
CA LEU B 17 70.17 -43.86 5.22
C LEU B 17 70.66 -42.44 5.01
N PHE B 18 71.75 -42.08 5.65
CA PHE B 18 72.25 -40.70 5.63
C PHE B 18 73.74 -40.58 5.34
N ALA B 19 74.06 -39.92 4.24
CA ALA B 19 75.43 -39.90 3.74
C ALA B 19 76.34 -39.12 4.64
N ASN B 20 77.66 -39.33 4.45
CA ASN B 20 78.65 -38.69 5.31
C ASN B 20 78.86 -37.25 4.92
N ASN B 21 77.76 -36.50 4.92
CA ASN B 21 77.81 -35.06 4.72
C ASN B 21 76.93 -34.33 5.73
N ILE B 22 77.10 -33.03 5.85
CA ILE B 22 76.47 -32.28 6.95
C ILE B 22 74.97 -32.13 6.84
N LYS B 23 74.47 -31.94 5.63
CA LYS B 23 73.02 -31.90 5.41
C LYS B 23 72.32 -33.23 5.78
N ALA B 24 72.73 -34.33 5.16
CA ALA B 24 72.17 -35.62 5.50
C ALA B 24 72.20 -35.89 7.03
N GLN B 25 73.35 -35.66 7.66
CA GLN B 25 73.45 -35.90 9.09
C GLN B 25 72.41 -35.07 9.81
N GLN B 26 72.26 -33.84 9.37
CA GLN B 26 71.32 -32.94 10.03
C GLN B 26 69.87 -33.35 9.79
N ALA B 27 69.59 -33.89 8.62
CA ALA B 27 68.27 -34.42 8.35
C ALA B 27 67.92 -35.55 9.33
N SER B 28 68.88 -36.41 9.63
CA SER B 28 68.58 -37.60 10.42
C SER B 28 68.24 -37.22 11.84
N LYS B 29 68.85 -36.13 12.31
CA LYS B 29 68.76 -35.69 13.70
C LYS B 29 67.63 -34.70 13.90
N ARG B 30 67.16 -34.13 12.79
CA ARG B 30 66.26 -32.98 12.88
C ARG B 30 65.18 -33.19 13.92
N SER B 31 64.98 -32.17 14.75
CA SER B 31 64.02 -32.28 15.84
C SER B 31 62.75 -31.53 15.52
N PHE B 32 61.71 -31.80 16.30
CA PHE B 32 60.48 -31.04 16.19
C PHE B 32 60.82 -29.58 16.26
N LYS B 33 60.44 -28.83 15.22
CA LYS B 33 60.54 -27.37 15.28
C LYS B 33 59.19 -26.74 14.91
N GLU B 34 59.03 -25.48 15.33
CA GLU B 34 57.82 -24.70 15.07
C GLU B 34 58.08 -23.21 15.30
N GLY B 35 57.17 -22.39 14.80
CA GLY B 35 57.30 -20.94 14.89
C GLY B 35 56.44 -20.22 13.88
N ALA B 36 56.02 -19.01 14.24
CA ALA B 36 55.20 -18.20 13.36
C ALA B 36 55.84 -18.06 11.97
N ILE B 37 55.05 -18.22 10.92
CA ILE B 37 55.58 -18.03 9.59
C ILE B 37 55.61 -16.56 9.19
N GLU B 38 56.44 -16.27 8.21
CA GLU B 38 56.48 -14.92 7.66
C GLU B 38 55.45 -14.83 6.53
N THR B 39 54.19 -14.61 6.91
CA THR B 39 53.09 -14.62 5.97
C THR B 39 53.38 -13.79 4.71
N TYR B 40 53.78 -12.54 4.92
CA TYR B 40 54.38 -11.73 3.86
C TYR B 40 55.62 -11.08 4.46
N GLU B 41 56.40 -10.38 3.65
CA GLU B 41 57.63 -9.75 4.16
C GLU B 41 57.36 -8.86 5.35
N GLY B 42 58.03 -9.15 6.45
CA GLY B 42 57.92 -8.36 7.67
C GLY B 42 56.59 -8.51 8.40
N LEU B 43 55.82 -9.53 8.04
CA LEU B 43 54.56 -9.81 8.73
C LEU B 43 54.52 -11.24 9.26
N LEU B 44 54.41 -11.39 10.57
CA LEU B 44 54.28 -12.70 11.22
C LEU B 44 52.83 -13.15 11.33
N SER B 45 52.61 -14.44 11.12
CA SER B 45 51.26 -15.00 11.20
C SER B 45 50.58 -14.74 12.54
N VAL B 46 51.35 -14.43 13.58
CA VAL B 46 50.78 -14.16 14.90
C VAL B 46 50.84 -12.69 15.29
N ASP B 47 51.20 -11.83 14.34
CA ASP B 47 51.17 -10.39 14.58
C ASP B 47 49.77 -10.03 15.06
N PRO B 48 49.66 -9.34 16.20
CA PRO B 48 48.33 -9.08 16.79
C PRO B 48 47.38 -8.23 15.94
N ARG B 49 47.89 -7.30 15.12
CA ARG B 49 47.03 -6.63 14.13
C ARG B 49 46.47 -7.64 13.14
N PHE B 50 47.29 -8.63 12.78
CA PHE B 50 46.92 -9.63 11.78
C PHE B 50 45.88 -10.58 12.34
N LEU B 51 46.09 -11.02 13.58
CA LEU B 51 45.12 -11.87 14.24
C LEU B 51 43.82 -11.13 14.44
N SER B 52 43.90 -9.86 14.84
CA SER B 52 42.70 -9.09 15.06
C SER B 52 41.94 -9.08 13.76
N PHE B 53 42.65 -8.81 12.68
CA PHE B 53 42.05 -8.77 11.36
C PHE B 53 41.32 -10.07 11.03
N LYS B 54 41.96 -11.20 11.32
CA LYS B 54 41.36 -12.49 11.00
C LYS B 54 40.12 -12.74 11.84
N ASN B 55 40.17 -12.31 13.09
CA ASN B 55 38.98 -12.36 13.92
C ASN B 55 37.83 -11.58 13.27
N GLU B 56 38.04 -10.29 12.96
CA GLU B 56 36.95 -9.50 12.41
C GLU B 56 36.52 -9.97 11.03
N LEU B 57 37.47 -10.10 10.10
CA LEU B 57 37.11 -10.63 8.79
C LEU B 57 36.34 -11.95 8.85
N SER B 58 36.96 -12.98 9.40
CA SER B 58 36.34 -14.30 9.45
C SER B 58 34.90 -14.23 9.96
N ARG B 59 34.66 -13.46 11.03
CA ARG B 59 33.31 -13.38 11.59
C ARG B 59 32.35 -12.67 10.65
N TYR B 60 32.76 -11.50 10.19
CA TYR B 60 31.92 -10.71 9.31
C TYR B 60 31.37 -11.52 8.16
N LEU B 61 32.23 -12.27 7.47
CA LEU B 61 31.80 -12.98 6.27
C LEU B 61 30.91 -14.17 6.62
N THR B 62 31.30 -14.93 7.63
CA THR B 62 30.48 -16.05 8.10
C THR B 62 29.07 -15.54 8.40
N ASP B 63 29.01 -14.32 8.89
CA ASP B 63 27.78 -13.72 9.34
C ASP B 63 26.93 -13.35 8.15
N HIS B 64 27.53 -12.59 7.24
CA HIS B 64 26.77 -12.00 6.15
C HIS B 64 26.58 -12.91 4.95
N PHE B 65 27.49 -13.88 4.78
CA PHE B 65 27.43 -14.78 3.64
C PHE B 65 27.47 -16.22 4.11
N PRO B 66 26.43 -16.64 4.84
CA PRO B 66 26.37 -18.03 5.31
C PRO B 66 26.26 -18.96 4.11
N ALA B 67 26.67 -20.21 4.30
CA ALA B 67 26.71 -21.16 3.19
C ALA B 67 25.34 -21.41 2.56
N ASN B 68 25.31 -21.38 1.22
CA ASN B 68 24.15 -21.81 0.47
C ASN B 68 24.35 -23.20 -0.11
N VAL B 69 24.11 -24.21 0.71
CA VAL B 69 24.28 -25.59 0.25
C VAL B 69 23.05 -26.42 0.59
N ASP B 70 22.56 -27.13 -0.41
CA ASP B 70 21.36 -27.94 -0.29
C ASP B 70 21.38 -28.91 0.85
N GLU B 71 20.34 -29.73 0.83
CA GLU B 71 20.29 -30.96 1.57
C GLU B 71 21.00 -31.96 0.66
N TYR B 72 21.26 -31.51 -0.57
CA TYR B 72 21.84 -32.34 -1.62
C TYR B 72 23.28 -31.96 -1.99
N GLY B 73 23.93 -31.21 -1.11
CA GLY B 73 25.32 -30.83 -1.30
C GLY B 73 25.60 -29.98 -2.54
N ARG B 74 24.56 -29.61 -3.28
CA ARG B 74 24.72 -28.66 -4.38
C ARG B 74 24.73 -27.25 -3.79
N VAL B 75 25.63 -26.40 -4.26
CA VAL B 75 25.67 -25.06 -3.73
C VAL B 75 25.01 -24.10 -4.72
N TYR B 76 24.35 -23.09 -4.17
CA TYR B 76 23.60 -22.13 -4.97
C TYR B 76 23.87 -20.76 -4.39
N GLY B 77 23.13 -19.77 -4.85
CA GLY B 77 23.20 -18.43 -4.28
C GLY B 77 24.58 -17.78 -4.25
N ASN B 78 25.08 -17.54 -3.04
CA ASN B 78 26.31 -16.79 -2.87
C ASN B 78 27.57 -17.55 -3.29
N GLY B 79 27.45 -18.86 -3.47
CA GLY B 79 28.61 -19.67 -3.84
C GLY B 79 29.52 -19.98 -2.68
N VAL B 80 28.99 -19.80 -1.47
CA VAL B 80 29.68 -20.17 -0.25
C VAL B 80 29.25 -21.58 0.20
N ARG B 81 30.21 -22.46 0.45
CA ARG B 81 29.91 -23.81 0.90
C ARG B 81 30.15 -24.02 2.40
N THR B 82 30.77 -23.04 3.05
CA THR B 82 30.99 -23.17 4.48
C THR B 82 31.32 -21.84 5.14
N ASN B 83 31.45 -21.87 6.48
CA ASN B 83 31.85 -20.70 7.23
C ASN B 83 33.25 -20.25 6.84
N PHE B 84 33.67 -19.08 7.32
CA PHE B 84 35.00 -18.59 6.97
C PHE B 84 36.00 -18.71 8.10
N PHE B 85 35.65 -19.41 9.17
CA PHE B 85 36.54 -19.55 10.32
C PHE B 85 37.84 -20.30 10.03
N GLY B 86 37.93 -20.90 8.85
CA GLY B 86 39.11 -21.62 8.44
C GLY B 86 40.42 -20.88 8.65
N MET B 87 40.36 -19.55 8.69
CA MET B 87 41.57 -18.77 8.76
C MET B 87 42.07 -18.63 10.17
N ARG B 88 41.30 -19.10 11.13
CA ARG B 88 41.62 -18.89 12.55
C ARG B 88 42.70 -19.82 13.10
N HIS B 89 43.83 -19.86 12.41
CA HIS B 89 44.94 -20.73 12.82
C HIS B 89 46.26 -19.98 13.10
N MET B 90 46.97 -20.40 14.14
CA MET B 90 48.30 -19.86 14.40
C MET B 90 49.35 -20.44 13.43
N ASN B 91 49.31 -19.99 12.16
CA ASN B 91 50.11 -20.54 11.08
C ASN B 91 51.58 -20.74 11.43
N GLY B 92 52.05 -21.98 11.32
CA GLY B 92 53.41 -22.31 11.68
C GLY B 92 53.44 -23.19 12.92
N PHE B 93 52.33 -23.21 13.64
CA PHE B 93 52.26 -23.98 14.88
C PHE B 93 51.38 -25.20 14.67
N PRO B 94 52.00 -26.39 14.67
CA PRO B 94 51.34 -27.68 14.41
C PRO B 94 50.51 -28.21 15.58
N MET B 95 49.48 -28.96 15.24
CA MET B 95 48.79 -29.77 16.22
C MET B 95 49.80 -30.74 16.82
N ILE B 96 49.51 -31.27 18.00
CA ILE B 96 50.40 -32.23 18.63
C ILE B 96 49.58 -33.44 19.05
N PRO B 97 50.03 -34.64 18.64
CA PRO B 97 51.21 -34.82 17.80
C PRO B 97 50.74 -34.94 16.36
N ALA B 98 51.68 -35.12 15.44
CA ALA B 98 51.35 -35.48 14.08
C ALA B 98 51.18 -36.98 14.14
N THR B 99 50.66 -37.60 13.07
CA THR B 99 50.43 -39.03 13.07
C THR B 99 51.68 -39.80 12.73
N TRP B 100 51.75 -41.05 13.15
CA TRP B 100 52.77 -41.96 12.68
C TRP B 100 52.24 -42.68 11.44
N PRO B 101 53.07 -42.77 10.41
CA PRO B 101 52.64 -43.46 9.19
C PRO B 101 52.37 -44.93 9.48
N LEU B 102 51.22 -45.44 9.04
CA LEU B 102 50.92 -46.84 9.26
C LEU B 102 51.81 -47.65 8.37
N ALA B 103 52.47 -48.64 8.97
CA ALA B 103 53.35 -49.54 8.23
C ALA B 103 52.58 -50.56 7.38
N SER B 104 51.35 -50.84 7.80
CA SER B 104 50.44 -51.75 7.08
C SER B 104 49.00 -51.26 7.17
N ASN B 105 48.30 -51.23 6.04
CA ASN B 105 46.94 -50.75 6.04
C ASN B 105 45.93 -51.85 5.83
N LEU B 106 46.41 -53.09 5.70
CA LEU B 106 45.53 -54.22 5.47
C LEU B 106 44.40 -54.26 6.51
N LYS B 107 44.76 -54.11 7.79
CA LYS B 107 43.72 -54.13 8.79
C LYS B 107 42.83 -52.91 8.65
N LYS B 108 43.44 -51.75 8.42
CA LYS B 108 42.65 -50.54 8.23
C LYS B 108 41.56 -50.82 7.20
N ARG B 109 41.93 -51.49 6.12
CA ARG B 109 41.04 -51.73 4.99
C ARG B 109 40.01 -52.84 5.25
N ALA B 110 40.43 -53.86 5.97
CA ALA B 110 39.54 -54.94 6.36
C ALA B 110 38.45 -54.40 7.29
N ASP B 111 38.86 -53.67 8.32
CA ASP B 111 37.89 -53.11 9.27
C ASP B 111 36.95 -52.10 8.59
N ALA B 112 37.37 -51.56 7.46
CA ALA B 112 36.57 -50.59 6.75
C ALA B 112 35.64 -51.28 5.75
N ASP B 113 35.73 -52.60 5.73
CA ASP B 113 34.96 -53.41 4.80
C ASP B 113 35.37 -53.21 3.36
N LEU B 114 36.67 -53.19 3.13
CA LEU B 114 37.15 -52.93 1.79
C LEU B 114 37.83 -54.16 1.23
N ALA B 115 37.50 -54.51 -0.01
CA ALA B 115 37.98 -55.73 -0.64
C ALA B 115 39.51 -55.84 -0.64
N ASP B 116 40.00 -57.07 -0.55
CA ASP B 116 41.44 -57.28 -0.61
C ASP B 116 41.92 -57.71 -2.00
N GLY B 117 41.16 -57.35 -3.03
CA GLY B 117 41.50 -57.60 -4.41
C GLY B 117 40.30 -57.29 -5.25
N PRO B 118 40.39 -57.43 -6.58
CA PRO B 118 39.19 -57.27 -7.39
C PRO B 118 38.14 -58.29 -6.93
N VAL B 119 36.88 -57.89 -6.87
CA VAL B 119 35.85 -58.78 -6.34
C VAL B 119 35.20 -59.60 -7.45
N SER B 120 35.07 -58.99 -8.64
CA SER B 120 34.53 -59.68 -9.79
C SER B 120 35.52 -59.62 -10.95
N GLU B 121 35.46 -60.59 -11.84
CA GLU B 121 36.35 -60.66 -12.98
C GLU B 121 36.26 -59.40 -13.81
N ARG B 122 35.06 -58.84 -13.88
CA ARG B 122 34.84 -57.60 -14.61
C ARG B 122 35.75 -56.52 -14.09
N ASP B 123 35.79 -56.34 -12.77
CA ASP B 123 36.58 -55.27 -12.20
C ASP B 123 38.06 -55.56 -12.43
N ASN B 124 38.45 -56.81 -12.23
CA ASN B 124 39.83 -57.21 -12.50
C ASN B 124 40.21 -56.84 -13.94
N LEU B 125 39.27 -57.04 -14.86
CA LEU B 125 39.47 -56.67 -16.26
C LEU B 125 39.69 -55.17 -16.43
N LEU B 126 38.78 -54.39 -15.87
CA LEU B 126 38.82 -52.93 -15.93
C LEU B 126 40.05 -52.30 -15.27
N PHE B 127 40.54 -52.88 -14.18
CA PHE B 127 41.78 -52.39 -13.59
C PHE B 127 42.97 -52.63 -14.53
N ARG B 128 43.03 -53.81 -15.14
CA ARG B 128 44.11 -54.12 -16.06
C ARG B 128 43.92 -53.32 -17.34
N ALA B 129 42.67 -53.06 -17.67
CA ALA B 129 42.34 -52.23 -18.82
C ALA B 129 42.93 -50.84 -18.60
N ALA B 130 42.77 -50.31 -17.39
CA ALA B 130 43.30 -49.00 -17.09
C ALA B 130 44.83 -48.97 -17.20
N VAL B 131 45.48 -50.07 -16.84
CA VAL B 131 46.92 -50.13 -16.93
C VAL B 131 47.33 -50.07 -18.37
N ARG B 132 46.62 -50.83 -19.20
CA ARG B 132 46.97 -50.91 -20.60
C ARG B 132 46.73 -49.58 -21.31
N LEU B 133 45.57 -48.97 -21.11
CA LEU B 133 45.29 -47.69 -21.77
C LEU B 133 46.33 -46.64 -21.41
N MET B 134 46.80 -46.66 -20.16
CA MET B 134 47.70 -45.63 -19.63
C MET B 134 49.18 -45.82 -19.95
N PHE B 135 49.61 -47.07 -20.05
CA PHE B 135 51.05 -47.32 -20.12
C PHE B 135 51.54 -47.71 -21.50
N SER B 136 50.70 -47.53 -22.50
CA SER B 136 50.99 -48.00 -23.84
C SER B 136 51.26 -46.85 -24.80
N ASP B 137 51.99 -47.16 -25.85
CA ASP B 137 52.26 -46.20 -26.89
C ASP B 137 52.70 -44.85 -26.32
N LEU B 138 53.74 -44.85 -25.48
CA LEU B 138 54.20 -43.61 -24.84
C LEU B 138 55.28 -42.84 -25.59
N GLU B 139 55.23 -41.51 -25.51
CA GLU B 139 56.21 -40.65 -26.16
C GLU B 139 57.21 -40.12 -25.16
N PRO B 140 58.52 -40.28 -25.46
CA PRO B 140 59.59 -39.82 -24.57
C PRO B 140 59.61 -38.30 -24.42
N VAL B 141 59.87 -37.84 -23.20
CA VAL B 141 60.07 -36.42 -22.94
C VAL B 141 61.20 -36.33 -21.94
N PRO B 142 61.75 -35.12 -21.74
CA PRO B 142 62.90 -35.06 -20.85
C PRO B 142 62.40 -35.04 -19.42
N LEU B 143 63.18 -35.60 -18.52
CA LEU B 143 62.83 -35.64 -17.11
C LEU B 143 63.00 -34.23 -16.55
N LYS B 144 61.91 -33.65 -16.04
CA LYS B 144 61.97 -32.31 -15.44
C LYS B 144 62.19 -32.40 -13.92
N ILE B 145 62.84 -31.39 -13.37
CA ILE B 145 63.17 -31.38 -11.95
C ILE B 145 62.90 -30.02 -11.31
N ARG B 146 62.07 -30.04 -10.27
CA ARG B 146 61.79 -28.87 -9.43
C ARG B 146 63.11 -28.29 -8.87
N LYS B 147 63.34 -27.00 -9.08
CA LYS B 147 64.52 -26.34 -8.53
C LYS B 147 64.45 -26.31 -7.00
N GLY B 148 65.51 -26.78 -6.36
CA GLY B 148 65.60 -26.72 -4.91
C GLY B 148 64.92 -27.83 -4.14
N SER B 149 64.43 -28.85 -4.82
CA SER B 149 63.88 -30.01 -4.13
C SER B 149 65.01 -30.86 -3.60
N SER B 150 64.72 -31.73 -2.65
CA SER B 150 65.78 -32.55 -2.05
C SER B 150 65.90 -33.89 -2.75
N THR B 151 67.12 -34.41 -2.84
CA THR B 151 67.28 -35.77 -3.32
C THR B 151 66.95 -36.72 -2.17
N CYS B 152 66.72 -36.15 -1.01
CA CYS B 152 66.47 -36.92 0.20
C CYS B 152 67.49 -38.05 0.29
N ILE B 153 67.01 -39.27 0.53
CA ILE B 153 67.94 -40.33 0.91
C ILE B 153 68.81 -40.88 -0.23
N PRO B 154 70.14 -40.88 -0.01
CA PRO B 154 70.76 -40.53 1.27
C PRO B 154 71.55 -39.22 1.28
N TYR B 155 71.57 -38.46 0.18
CA TYR B 155 72.47 -37.30 0.10
C TYR B 155 71.87 -35.99 0.59
N PHE B 156 70.59 -35.78 0.34
CA PHE B 156 69.93 -34.54 0.71
C PHE B 156 70.59 -33.31 0.05
N SER B 157 70.60 -33.30 -1.27
CA SER B 157 71.20 -32.20 -1.99
C SER B 157 70.09 -31.38 -2.60
N ASN B 158 70.31 -30.07 -2.71
CA ASN B 158 69.39 -29.23 -3.48
C ASN B 158 70.13 -28.60 -4.63
N ASP B 159 71.37 -29.06 -4.86
CA ASP B 159 72.18 -28.59 -5.97
C ASP B 159 71.66 -29.21 -7.25
N MET B 160 71.22 -28.37 -8.19
CA MET B 160 70.71 -28.88 -9.45
C MET B 160 71.79 -29.70 -10.15
N GLY B 161 72.99 -29.15 -10.16
CA GLY B 161 74.10 -29.85 -10.77
C GLY B 161 74.15 -31.26 -10.25
N THR B 162 74.01 -31.38 -8.93
CA THR B 162 74.12 -32.67 -8.28
C THR B 162 72.88 -33.52 -8.52
N LYS B 163 71.74 -32.87 -8.64
CA LYS B 163 70.51 -33.58 -8.95
C LYS B 163 70.58 -34.19 -10.35
N ILE B 164 70.76 -33.34 -11.35
CA ILE B 164 70.94 -33.79 -12.73
C ILE B 164 71.92 -34.95 -12.79
N GLU B 165 73.07 -34.77 -12.13
CA GLU B 165 74.10 -35.79 -12.00
C GLU B 165 73.50 -37.10 -11.52
N ILE B 166 72.71 -37.03 -10.45
CA ILE B 166 72.14 -38.21 -9.85
C ILE B 166 71.13 -38.84 -10.79
N ALA B 167 70.20 -38.03 -11.27
CA ALA B 167 69.20 -38.50 -12.21
C ALA B 167 69.84 -39.23 -13.39
N GLU B 168 70.71 -38.54 -14.12
CA GLU B 168 71.32 -39.12 -15.29
C GLU B 168 71.92 -40.46 -14.92
N ARG B 169 72.75 -40.47 -13.89
CA ARG B 169 73.41 -41.70 -13.47
C ARG B 169 72.34 -42.75 -13.17
N ALA B 170 71.20 -42.30 -12.68
CA ALA B 170 70.16 -43.20 -12.26
C ALA B 170 69.52 -43.87 -13.46
N LEU B 171 69.50 -43.20 -14.59
CA LEU B 171 68.87 -43.83 -15.73
C LEU B 171 69.77 -44.93 -16.30
N GLU B 172 71.07 -44.74 -16.14
CA GLU B 172 72.04 -45.71 -16.62
C GLU B 172 72.01 -46.95 -15.75
N LYS B 173 71.93 -46.73 -14.44
CA LYS B 173 72.07 -47.83 -13.51
C LYS B 173 70.74 -48.39 -13.07
N ALA B 174 69.65 -47.85 -13.62
CA ALA B 174 68.32 -48.33 -13.27
C ALA B 174 68.24 -49.82 -13.51
N GLU B 175 68.72 -50.24 -14.69
CA GLU B 175 68.60 -51.64 -15.05
C GLU B 175 69.33 -52.56 -14.09
N GLU B 176 70.59 -52.28 -13.79
CA GLU B 176 71.35 -53.12 -12.87
C GLU B 176 70.67 -53.23 -11.51
N ALA B 177 70.13 -52.11 -11.06
CA ALA B 177 69.47 -52.03 -9.77
C ALA B 177 68.26 -52.94 -9.70
N GLY B 178 67.42 -52.87 -10.72
CA GLY B 178 66.20 -53.65 -10.77
C GLY B 178 66.47 -55.13 -10.86
N ASN B 179 67.48 -55.48 -11.65
CA ASN B 179 67.91 -56.87 -11.75
C ASN B 179 68.44 -57.39 -10.42
N LEU B 180 69.36 -56.64 -9.83
CA LEU B 180 69.79 -56.89 -8.45
C LEU B 180 68.60 -57.17 -7.54
N MET B 181 67.61 -56.28 -7.57
CA MET B 181 66.41 -56.44 -6.77
C MET B 181 65.69 -57.74 -7.11
N LEU B 182 65.50 -57.98 -8.40
CA LEU B 182 64.94 -59.25 -8.84
C LEU B 182 65.69 -60.44 -8.24
N GLN B 183 66.95 -60.25 -7.84
CA GLN B 183 67.77 -61.31 -7.21
C GLN B 183 67.68 -61.32 -5.69
N GLY B 184 66.82 -60.43 -5.16
CA GLY B 184 66.64 -60.30 -3.74
C GLY B 184 67.74 -59.45 -3.14
N LYS B 185 68.60 -58.91 -3.99
CA LYS B 185 69.80 -58.24 -3.49
C LYS B 185 69.56 -56.74 -3.32
N PHE B 186 68.64 -56.40 -2.42
CA PHE B 186 68.24 -55.01 -2.19
C PHE B 186 69.35 -54.13 -1.63
N ASP B 187 70.04 -54.59 -0.61
CA ASP B 187 71.11 -53.81 -0.02
C ASP B 187 72.17 -53.45 -1.05
N ASP B 188 72.52 -54.40 -1.92
CA ASP B 188 73.48 -54.12 -2.98
C ASP B 188 72.97 -53.00 -3.86
N ALA B 189 71.74 -53.14 -4.35
CA ALA B 189 71.07 -52.09 -5.12
C ALA B 189 71.17 -50.70 -4.45
N TYR B 190 70.93 -50.64 -3.15
CA TYR B 190 70.99 -49.36 -2.46
C TYR B 190 72.41 -48.85 -2.28
N GLN B 191 73.32 -49.74 -1.90
CA GLN B 191 74.72 -49.35 -1.76
C GLN B 191 75.38 -48.96 -3.08
N LEU B 192 74.99 -49.58 -4.19
CA LEU B 192 75.65 -49.28 -5.46
C LEU B 192 75.00 -48.16 -6.24
N HIS B 193 73.71 -47.92 -6.02
CA HIS B 193 73.01 -46.96 -6.85
C HIS B 193 72.05 -46.09 -6.07
N GLN B 194 72.07 -46.23 -4.74
CA GLN B 194 71.22 -45.42 -3.89
C GLN B 194 69.73 -45.60 -4.22
N MET B 195 69.36 -46.78 -4.72
CA MET B 195 67.98 -47.09 -5.04
C MET B 195 67.38 -48.03 -4.02
N GLY B 196 66.64 -47.47 -3.08
CA GLY B 196 66.14 -48.22 -1.94
C GLY B 196 66.25 -47.36 -0.71
N GLY B 197 66.56 -47.97 0.43
CA GLY B 197 66.61 -47.22 1.68
C GLY B 197 65.22 -46.96 2.27
N ALA B 198 64.72 -45.74 2.12
CA ALA B 198 63.41 -45.40 2.65
C ALA B 198 62.90 -44.06 2.17
N TYR B 199 61.63 -43.79 2.45
CA TYR B 199 61.06 -42.45 2.31
C TYR B 199 61.42 -41.68 3.55
N TYR B 200 61.54 -40.36 3.37
CA TYR B 200 61.83 -39.46 4.47
C TYR B 200 60.56 -38.71 4.81
N VAL B 201 60.09 -38.87 6.04
CA VAL B 201 58.78 -38.36 6.40
C VAL B 201 58.84 -36.92 6.87
N VAL B 202 58.40 -36.03 5.99
CA VAL B 202 58.34 -34.59 6.24
C VAL B 202 56.91 -34.20 6.58
N TYR B 203 56.71 -33.48 7.68
CA TYR B 203 55.38 -33.06 8.09
C TYR B 203 55.05 -31.67 7.60
N ARG B 204 54.04 -31.58 6.73
CA ARG B 204 53.65 -30.30 6.16
C ARG B 204 52.33 -29.77 6.71
N ALA B 205 52.06 -28.50 6.44
CA ALA B 205 50.93 -27.82 7.06
C ALA B 205 49.70 -27.82 6.18
N GLN B 206 48.56 -27.96 6.82
CA GLN B 206 47.30 -27.60 6.19
C GLN B 206 46.76 -26.47 7.01
N SER B 207 46.94 -25.27 6.46
CA SER B 207 46.76 -24.04 7.22
C SER B 207 45.30 -23.79 7.59
N THR B 208 44.40 -24.39 6.84
CA THR B 208 42.97 -24.10 6.99
C THR B 208 42.13 -25.37 7.13
N ASP B 209 41.85 -25.75 8.36
CA ASP B 209 40.98 -26.90 8.61
C ASP B 209 39.71 -26.41 9.30
N ALA B 210 38.77 -27.33 9.52
CA ALA B 210 37.41 -26.96 9.94
C ALA B 210 37.35 -26.37 11.33
N ILE B 211 36.70 -25.22 11.43
CA ILE B 211 36.42 -24.65 12.72
C ILE B 211 34.99 -24.12 12.70
N THR B 212 34.17 -24.64 13.59
CA THR B 212 32.80 -24.18 13.72
C THR B 212 32.62 -23.34 14.99
N LEU B 213 31.50 -22.64 15.06
CA LEU B 213 31.22 -21.75 16.19
C LEU B 213 29.94 -22.18 16.91
N ASP B 214 30.07 -22.57 18.17
CA ASP B 214 28.94 -23.03 18.95
C ASP B 214 28.03 -21.88 19.38
N PRO B 215 26.85 -21.75 18.74
CA PRO B 215 25.88 -20.70 19.08
C PRO B 215 25.41 -20.99 20.47
N LYS B 216 25.29 -22.28 20.75
CA LYS B 216 25.11 -22.78 22.10
C LYS B 216 26.25 -22.22 22.97
N THR B 217 27.35 -22.97 23.08
CA THR B 217 28.42 -22.63 24.03
C THR B 217 28.91 -21.17 23.94
N GLY B 218 28.96 -20.62 22.74
CA GLY B 218 29.46 -19.27 22.52
C GLY B 218 30.98 -19.20 22.33
N LYS B 219 31.55 -20.26 21.76
CA LYS B 219 33.00 -20.37 21.55
C LYS B 219 33.33 -21.29 20.36
N PHE B 220 34.57 -21.20 19.88
CA PHE B 220 34.99 -21.93 18.69
C PHE B 220 35.49 -23.36 18.97
N VAL B 221 35.13 -24.28 18.06
CA VAL B 221 35.48 -25.69 18.17
C VAL B 221 36.26 -26.17 16.95
N SER B 222 37.47 -26.65 17.19
CA SER B 222 38.32 -27.14 16.10
C SER B 222 37.96 -28.56 15.69
N LYS B 223 38.04 -28.86 14.41
CA LYS B 223 37.84 -30.25 13.92
C LYS B 223 38.85 -31.21 14.52
N ASP B 224 38.38 -32.40 14.89
CA ASP B 224 39.27 -33.35 15.52
C ASP B 224 39.94 -34.15 14.43
N ARG B 225 41.27 -34.04 14.38
CA ARG B 225 42.09 -34.84 13.46
C ARG B 225 42.71 -36.05 14.16
N MET B 226 42.31 -37.25 13.73
CA MET B 226 42.76 -38.45 14.42
C MET B 226 44.14 -38.88 13.94
N VAL B 227 44.96 -39.29 14.90
CA VAL B 227 46.34 -39.67 14.63
C VAL B 227 46.74 -40.93 15.38
N ALA B 228 47.68 -41.67 14.81
CA ALA B 228 48.22 -42.90 15.40
C ALA B 228 49.51 -42.65 16.19
N ASP B 229 49.68 -43.40 17.28
CA ASP B 229 50.96 -43.37 18.00
C ASP B 229 51.87 -44.47 17.45
N PHE B 230 53.13 -44.47 17.87
CA PHE B 230 54.08 -45.46 17.38
C PHE B 230 53.50 -46.87 17.36
N GLU B 231 52.99 -47.32 18.51
CA GLU B 231 52.46 -48.68 18.59
C GLU B 231 51.45 -48.99 17.51
N TYR B 232 50.46 -48.11 17.36
CA TYR B 232 49.43 -48.29 16.34
C TYR B 232 50.10 -48.51 15.01
N ALA B 233 50.90 -47.55 14.59
CA ALA B 233 51.53 -47.59 13.28
C ALA B 233 52.34 -48.87 12.99
N VAL B 234 53.19 -49.32 13.91
CA VAL B 234 53.99 -50.54 13.69
C VAL B 234 53.13 -51.80 13.64
N THR B 235 51.98 -51.80 14.31
CA THR B 235 51.18 -53.02 14.39
C THR B 235 49.98 -53.00 13.43
N GLY B 236 49.91 -51.97 12.59
CA GLY B 236 48.79 -51.85 11.68
C GLY B 236 47.44 -51.55 12.33
N GLY B 237 47.47 -51.07 13.58
CA GLY B 237 46.27 -50.80 14.33
C GLY B 237 45.75 -51.98 15.18
N GLU B 238 46.59 -52.99 15.38
CA GLU B 238 46.28 -54.09 16.29
C GLU B 238 46.35 -53.61 17.74
N GLN B 239 47.54 -53.22 18.15
CA GLN B 239 47.75 -52.61 19.46
C GLN B 239 47.81 -51.10 19.27
N GLY B 240 48.28 -50.39 20.28
CA GLY B 240 48.39 -48.94 20.23
C GLY B 240 47.04 -48.25 20.20
N SER B 241 47.05 -46.92 20.27
CA SER B 241 45.81 -46.16 20.24
C SER B 241 45.75 -45.12 19.10
N LEU B 242 44.52 -44.87 18.65
CA LEU B 242 44.23 -43.86 17.63
C LEU B 242 43.40 -42.75 18.27
N PHE B 243 43.91 -41.52 18.28
CA PHE B 243 43.30 -40.49 19.10
C PHE B 243 43.42 -39.11 18.48
N ALA B 244 42.82 -38.12 19.12
CA ALA B 244 42.80 -36.78 18.55
C ALA B 244 44.02 -35.95 18.92
N ALA B 245 44.66 -35.41 17.90
CA ALA B 245 45.78 -34.50 18.12
C ALA B 245 45.20 -33.25 18.79
N SER B 246 46.01 -32.54 19.56
CA SER B 246 45.51 -31.36 20.23
C SER B 246 45.85 -30.09 19.47
N LYS B 247 44.83 -29.41 18.97
CA LYS B 247 45.01 -28.16 18.26
C LYS B 247 45.02 -26.97 19.22
N ASP B 248 44.89 -27.26 20.51
CA ASP B 248 44.76 -26.20 21.51
C ASP B 248 45.99 -25.27 21.44
N ALA B 249 45.73 -23.98 21.26
CA ALA B 249 46.80 -23.01 21.03
C ALA B 249 47.29 -22.34 22.31
N SER B 250 46.68 -22.69 23.43
CA SER B 250 47.07 -22.08 24.69
C SER B 250 48.56 -22.24 25.00
N ARG B 251 49.11 -23.38 24.63
CA ARG B 251 50.51 -23.62 24.95
C ARG B 251 51.36 -22.49 24.39
N LEU B 252 50.81 -21.79 23.41
CA LEU B 252 51.56 -20.75 22.72
C LEU B 252 51.85 -19.55 23.65
N LYS B 253 50.90 -19.23 24.51
CA LYS B 253 51.10 -18.15 25.47
C LYS B 253 52.16 -18.58 26.50
N GLU B 254 51.88 -19.69 27.17
CA GLU B 254 52.75 -20.18 28.25
C GLU B 254 54.19 -20.38 27.80
N GLN B 255 54.36 -20.97 26.61
CA GLN B 255 55.69 -21.30 26.08
C GLN B 255 56.44 -20.08 25.56
N TYR B 256 55.89 -19.46 24.52
CA TYR B 256 56.65 -18.49 23.76
C TYR B 256 56.19 -17.07 24.03
N GLY B 257 55.35 -16.88 25.04
CA GLY B 257 54.78 -15.56 25.31
C GLY B 257 54.11 -14.93 24.09
N ILE B 258 53.43 -15.77 23.31
CA ILE B 258 52.65 -15.28 22.17
C ILE B 258 51.19 -15.16 22.56
N ASP B 259 50.60 -14.02 22.20
CA ASP B 259 49.24 -13.74 22.59
C ASP B 259 48.24 -14.46 21.68
N VAL B 260 47.39 -15.29 22.29
CA VAL B 260 46.45 -16.14 21.58
C VAL B 260 44.99 -15.74 21.81
N PRO B 261 44.42 -15.03 20.85
CA PRO B 261 43.00 -14.65 20.94
C PRO B 261 42.11 -15.88 21.02
N ASP B 262 40.84 -15.66 21.39
CA ASP B 262 39.89 -16.76 21.48
C ASP B 262 39.54 -17.31 20.10
N GLY B 263 39.49 -18.64 19.99
CA GLY B 263 39.02 -19.28 18.77
C GLY B 263 40.07 -19.46 17.70
N PHE B 264 41.34 -19.44 18.12
CA PHE B 264 42.43 -19.73 17.21
C PHE B 264 43.14 -21.00 17.62
N PHE B 265 43.52 -21.80 16.62
CA PHE B 265 44.11 -23.09 16.92
C PHE B 265 45.39 -23.40 16.14
N CYS B 266 46.12 -24.39 16.63
CA CYS B 266 47.28 -24.94 15.95
C CYS B 266 46.82 -25.60 14.65
N GLU B 267 47.73 -25.72 13.68
CA GLU B 267 47.35 -26.20 12.34
C GLU B 267 47.32 -27.70 12.28
N ARG B 268 46.55 -28.22 11.33
CA ARG B 268 46.61 -29.62 10.99
C ARG B 268 47.93 -29.97 10.31
N ARG B 269 48.41 -31.20 10.51
CA ARG B 269 49.66 -31.63 9.88
C ARG B 269 49.50 -32.90 9.07
N ARG B 270 49.83 -32.81 7.79
CA ARG B 270 49.79 -33.94 6.88
C ARG B 270 51.17 -34.55 6.78
N THR B 271 51.25 -35.87 6.91
CA THR B 271 52.54 -36.48 6.77
C THR B 271 52.85 -36.48 5.28
N ALA B 272 54.12 -36.31 4.93
CA ALA B 272 54.53 -36.27 3.53
C ALA B 272 55.76 -37.12 3.40
N MET B 273 55.85 -37.85 2.31
CA MET B 273 57.00 -38.71 2.12
C MET B 273 57.95 -38.28 1.00
N GLY B 274 59.20 -37.96 1.36
CA GLY B 274 60.24 -37.67 0.40
C GLY B 274 60.97 -38.91 -0.10
N GLY B 275 60.95 -39.10 -1.42
CA GLY B 275 61.58 -40.27 -2.02
C GLY B 275 63.09 -40.24 -2.23
N PRO B 276 63.72 -41.41 -2.11
CA PRO B 276 65.14 -41.48 -2.44
C PRO B 276 65.21 -41.14 -3.91
N PHE B 277 65.94 -40.10 -4.25
CA PHE B 277 65.86 -39.59 -5.62
C PHE B 277 66.36 -40.57 -6.67
N ALA B 278 67.37 -41.35 -6.33
CA ALA B 278 67.96 -42.23 -7.32
C ALA B 278 66.93 -43.26 -7.79
N LEU B 279 66.00 -43.58 -6.91
CA LEU B 279 64.97 -44.57 -7.19
C LEU B 279 63.80 -43.94 -7.92
N ASN B 280 63.48 -42.70 -7.60
CA ASN B 280 62.35 -42.04 -8.22
C ASN B 280 62.63 -41.61 -9.64
N ALA B 281 63.89 -41.31 -9.94
CA ALA B 281 64.24 -40.84 -11.27
C ALA B 281 63.69 -41.75 -12.36
N PRO B 282 64.08 -43.03 -12.33
CA PRO B 282 63.65 -44.01 -13.32
C PRO B 282 62.15 -44.06 -13.46
N ILE B 283 61.45 -43.78 -12.36
CA ILE B 283 60.00 -43.83 -12.34
C ILE B 283 59.36 -42.59 -12.93
N MET B 284 59.88 -41.43 -12.56
CA MET B 284 59.41 -40.16 -13.09
C MET B 284 59.57 -40.10 -14.62
N ALA B 285 60.63 -40.74 -15.12
CA ALA B 285 60.94 -40.73 -16.55
C ALA B 285 59.83 -41.36 -17.36
N VAL B 286 59.08 -42.25 -16.71
CA VAL B 286 58.00 -42.93 -17.37
C VAL B 286 56.68 -42.28 -17.00
N ALA B 287 56.55 -41.88 -15.73
CA ALA B 287 55.34 -41.25 -15.25
C ALA B 287 54.92 -40.07 -16.12
N GLN B 288 55.88 -39.28 -16.54
CA GLN B 288 55.55 -38.05 -17.26
C GLN B 288 54.94 -38.34 -18.64
N PRO B 289 55.58 -39.21 -19.42
CA PRO B 289 54.94 -39.66 -20.66
C PRO B 289 53.52 -40.14 -20.40
N VAL B 290 53.31 -40.94 -19.36
CA VAL B 290 51.97 -41.43 -19.01
C VAL B 290 51.00 -40.29 -18.77
N ARG B 291 51.42 -39.31 -17.97
CA ARG B 291 50.59 -38.12 -17.73
C ARG B 291 50.26 -37.46 -19.06
N ASN B 292 51.25 -37.43 -19.95
CA ASN B 292 51.03 -36.82 -21.24
C ASN B 292 49.97 -37.54 -22.03
N LYS B 293 49.98 -38.85 -21.98
CA LYS B 293 49.03 -39.62 -22.78
C LYS B 293 47.63 -39.34 -22.31
N ILE B 294 47.39 -39.49 -21.02
CA ILE B 294 46.04 -39.36 -20.51
C ILE B 294 45.47 -37.96 -20.70
N TYR B 295 46.30 -36.94 -20.57
CA TYR B 295 45.83 -35.57 -20.75
C TYR B 295 45.59 -35.24 -22.22
N SER B 296 46.06 -36.10 -23.12
CA SER B 296 45.80 -35.92 -24.52
C SER B 296 44.63 -36.78 -24.95
N LYS B 297 44.89 -38.07 -25.14
CA LYS B 297 43.88 -39.01 -25.62
C LYS B 297 42.64 -39.12 -24.72
N TYR B 298 42.83 -39.07 -23.40
CA TYR B 298 41.68 -39.15 -22.52
C TYR B 298 41.49 -37.83 -21.79
N ALA B 299 41.74 -36.78 -22.54
CA ALA B 299 41.62 -35.42 -22.03
C ALA B 299 40.26 -35.18 -21.42
N TYR B 300 39.24 -35.87 -21.91
CA TYR B 300 37.87 -35.64 -21.42
C TYR B 300 37.78 -35.79 -19.91
N THR B 301 38.22 -36.94 -19.42
CA THR B 301 38.06 -37.24 -18.01
C THR B 301 39.28 -36.86 -17.20
N PHE B 302 40.36 -36.44 -17.85
CA PHE B 302 41.61 -36.30 -17.13
C PHE B 302 42.29 -34.93 -17.19
N HIS B 303 42.03 -34.18 -18.25
CA HIS B 303 42.74 -32.92 -18.48
C HIS B 303 41.87 -31.69 -18.22
N HIS B 304 42.15 -31.01 -17.11
CA HIS B 304 41.29 -29.92 -16.66
C HIS B 304 42.09 -28.66 -16.41
N THR B 305 41.54 -27.54 -16.85
CA THR B 305 42.25 -26.25 -16.80
C THR B 305 41.34 -25.08 -16.44
N THR B 306 40.69 -24.53 -17.46
CA THR B 306 39.87 -23.35 -17.29
C THR B 306 38.52 -23.76 -16.73
N ARG B 307 37.85 -22.80 -16.10
CA ARG B 307 36.54 -23.07 -15.56
C ARG B 307 35.53 -23.38 -16.65
N LEU B 308 35.71 -22.77 -17.81
CA LEU B 308 34.82 -23.04 -18.94
C LEU B 308 35.11 -24.43 -19.48
N ASN B 309 36.36 -24.84 -19.40
CA ASN B 309 36.76 -26.19 -19.76
C ASN B 309 35.85 -27.20 -19.06
N LYS B 310 35.68 -27.03 -17.75
CA LYS B 310 34.93 -27.98 -16.94
C LYS B 310 33.44 -27.86 -17.24
N GLU B 311 32.95 -26.63 -17.20
CA GLU B 311 31.56 -26.31 -17.47
C GLU B 311 31.06 -26.94 -18.80
N GLU B 312 31.85 -26.83 -19.86
CA GLU B 312 31.51 -27.40 -21.18
C GLU B 312 31.17 -28.88 -21.10
N LYS B 313 31.94 -29.62 -20.32
CA LYS B 313 31.73 -31.05 -20.20
C LYS B 313 30.49 -31.34 -19.38
N VAL B 314 30.31 -30.60 -18.30
CA VAL B 314 29.30 -30.91 -17.31
C VAL B 314 27.90 -30.46 -17.70
N LYS B 315 27.82 -29.30 -18.34
CA LYS B 315 26.52 -28.74 -18.75
C LYS B 315 25.72 -29.72 -19.62
N GLU B 316 26.42 -30.65 -20.27
CA GLU B 316 25.81 -31.67 -21.12
C GLU B 316 25.18 -32.83 -20.34
N TRP B 317 25.32 -32.80 -19.02
CA TRP B 317 24.88 -33.90 -18.17
C TRP B 317 23.45 -33.68 -17.66
N SER B 318 22.73 -34.75 -17.40
CA SER B 318 21.43 -34.63 -16.75
C SER B 318 21.57 -34.74 -15.23
N LEU B 319 22.68 -35.33 -14.79
CA LEU B 319 22.99 -35.46 -13.38
C LEU B 319 24.48 -35.38 -13.17
N CYS B 320 24.90 -34.59 -12.19
CA CYS B 320 26.30 -34.49 -11.80
C CYS B 320 26.45 -34.76 -10.30
N VAL B 321 27.07 -35.88 -9.97
CA VAL B 321 27.32 -36.21 -8.57
C VAL B 321 28.76 -35.95 -8.18
N ALA B 322 28.95 -35.15 -7.14
CA ALA B 322 30.30 -34.82 -6.67
C ALA B 322 30.80 -35.73 -5.54
N THR B 323 31.61 -36.71 -5.89
CA THR B 323 32.08 -37.66 -4.88
C THR B 323 33.28 -37.12 -4.17
N ASP B 324 33.72 -37.85 -3.15
CA ASP B 324 35.05 -37.65 -2.58
C ASP B 324 35.48 -38.81 -1.68
N VAL B 325 36.79 -38.94 -1.50
CA VAL B 325 37.31 -40.05 -0.73
C VAL B 325 38.01 -39.62 0.56
N SER B 326 37.80 -40.41 1.59
CA SER B 326 38.40 -40.17 2.90
C SER B 326 39.82 -40.74 2.99
N ASP B 327 40.78 -39.90 3.32
CA ASP B 327 42.13 -40.39 3.57
C ASP B 327 42.62 -41.33 2.45
N HIS B 328 42.34 -40.92 1.22
CA HIS B 328 42.65 -41.71 0.05
C HIS B 328 44.00 -42.41 0.12
N ASP B 329 45.01 -41.68 0.53
CA ASP B 329 46.38 -42.18 0.40
C ASP B 329 46.69 -43.33 1.35
N THR B 330 46.21 -43.22 2.58
CA THR B 330 46.47 -44.24 3.58
C THR B 330 45.61 -45.49 3.28
N PHE B 331 44.56 -45.33 2.48
CA PHE B 331 43.63 -46.42 2.17
C PHE B 331 43.98 -47.17 0.91
N TRP B 332 44.65 -46.47 0.00
CA TRP B 332 45.10 -47.05 -1.26
C TRP B 332 45.66 -48.44 -1.07
N PRO B 333 45.15 -49.43 -1.83
CA PRO B 333 45.42 -50.87 -1.66
C PRO B 333 46.70 -51.36 -2.29
N GLY B 334 47.53 -52.06 -1.52
CA GLY B 334 48.72 -52.67 -2.07
C GLY B 334 48.42 -53.70 -3.15
N TRP B 335 47.23 -54.29 -3.13
CA TRP B 335 46.91 -55.31 -4.11
C TRP B 335 46.84 -54.67 -5.49
N LEU B 336 46.57 -53.36 -5.52
CA LEU B 336 46.54 -52.64 -6.79
C LEU B 336 47.94 -52.53 -7.35
N ARG B 337 48.86 -52.11 -6.48
CA ARG B 337 50.27 -52.08 -6.84
C ARG B 337 50.61 -53.36 -7.56
N ASP B 338 50.36 -54.48 -6.92
CA ASP B 338 50.75 -55.76 -7.47
C ASP B 338 50.11 -56.03 -8.83
N LEU B 339 48.81 -55.75 -8.95
CA LEU B 339 48.08 -55.99 -10.19
C LEU B 339 48.71 -55.14 -11.28
N ILE B 340 48.95 -53.87 -10.96
CA ILE B 340 49.55 -52.95 -11.91
C ILE B 340 50.88 -53.48 -12.41
N CYS B 341 51.71 -53.92 -11.48
CA CYS B 341 52.99 -54.53 -11.80
C CYS B 341 52.84 -55.78 -12.66
N ASP B 342 51.79 -56.55 -12.40
CA ASP B 342 51.50 -57.75 -13.18
C ASP B 342 51.14 -57.45 -14.64
N GLU B 343 50.12 -56.63 -14.88
CA GLU B 343 49.75 -56.33 -16.26
C GLU B 343 50.89 -55.62 -16.98
N LEU B 344 51.62 -54.78 -16.28
CA LEU B 344 52.77 -54.12 -16.90
C LEU B 344 53.78 -55.16 -17.42
N LEU B 345 53.99 -56.24 -16.67
CA LEU B 345 54.87 -57.30 -17.16
C LEU B 345 54.26 -57.94 -18.40
N ASN B 346 52.95 -58.11 -18.39
CA ASN B 346 52.26 -58.79 -19.49
C ASN B 346 52.29 -57.94 -20.73
N MET B 347 52.31 -56.63 -20.56
CA MET B 347 52.43 -55.73 -21.69
C MET B 347 53.85 -55.80 -22.22
N GLY B 348 54.72 -56.47 -21.48
CA GLY B 348 56.08 -56.66 -21.90
C GLY B 348 56.98 -55.52 -21.50
N TYR B 349 56.67 -54.90 -20.36
CA TYR B 349 57.54 -53.90 -19.75
C TYR B 349 58.77 -54.60 -19.19
N ALA B 350 59.88 -53.87 -19.09
CA ALA B 350 61.11 -54.41 -18.52
C ALA B 350 60.89 -54.97 -17.11
N PRO B 351 61.11 -56.28 -16.94
CA PRO B 351 60.96 -56.86 -15.60
C PRO B 351 61.73 -56.09 -14.54
N TRP B 352 62.92 -55.61 -14.86
CA TRP B 352 63.76 -54.91 -13.89
C TRP B 352 63.19 -53.54 -13.54
N TRP B 353 62.43 -52.96 -14.45
CA TRP B 353 61.80 -51.68 -14.15
C TRP B 353 60.53 -51.85 -13.33
N VAL B 354 59.72 -52.86 -13.66
CA VAL B 354 58.52 -53.07 -12.88
C VAL B 354 58.94 -53.33 -11.43
N LYS B 355 60.11 -53.94 -11.26
CA LYS B 355 60.63 -54.26 -9.92
C LYS B 355 61.07 -53.02 -9.14
N LEU B 356 61.74 -52.09 -9.80
CA LEU B 356 61.98 -50.80 -9.21
C LEU B 356 60.63 -50.22 -8.81
N PHE B 357 59.73 -50.13 -9.77
CA PHE B 357 58.40 -49.61 -9.53
C PHE B 357 57.75 -50.29 -8.35
N GLU B 358 57.65 -51.61 -8.40
CA GLU B 358 57.08 -52.36 -7.30
C GLU B 358 57.71 -51.91 -5.97
N THR B 359 59.03 -51.97 -5.90
CA THR B 359 59.73 -51.64 -4.66
C THR B 359 59.35 -50.26 -4.15
N SER B 360 59.35 -49.29 -5.05
CA SER B 360 59.06 -47.91 -4.69
C SER B 360 57.74 -47.81 -3.90
N LEU B 361 56.88 -48.81 -4.07
CA LEU B 361 55.59 -48.81 -3.42
C LEU B 361 55.49 -49.72 -2.21
N LYS B 362 56.62 -50.25 -1.76
CA LYS B 362 56.66 -51.02 -0.51
C LYS B 362 57.87 -50.66 0.36
N LEU B 363 58.37 -49.45 0.18
CA LEU B 363 59.59 -49.00 0.83
C LEU B 363 59.33 -48.54 2.26
N PRO B 364 60.28 -48.81 3.16
CA PRO B 364 60.23 -48.36 4.56
C PRO B 364 60.23 -46.85 4.63
N VAL B 365 59.88 -46.29 5.79
CA VAL B 365 59.81 -44.83 5.94
C VAL B 365 60.62 -44.34 7.15
N TYR B 366 61.34 -43.24 6.98
CA TYR B 366 62.05 -42.69 8.13
C TYR B 366 61.20 -41.65 8.79
N VAL B 367 60.81 -41.93 10.02
CA VAL B 367 59.94 -41.02 10.71
C VAL B 367 60.80 -40.01 11.45
N GLY B 368 60.68 -38.76 11.02
CA GLY B 368 61.51 -37.70 11.55
C GLY B 368 61.13 -37.20 12.92
N ALA B 369 60.04 -36.45 13.01
CA ALA B 369 59.72 -35.72 14.23
C ALA B 369 58.26 -35.29 14.33
N PRO B 370 57.38 -36.22 14.67
CA PRO B 370 55.96 -35.88 14.78
C PRO B 370 55.66 -35.01 16.00
N ALA B 371 56.63 -34.84 16.89
CA ALA B 371 56.38 -34.21 18.19
C ALA B 371 57.66 -34.00 18.95
N PRO B 372 57.63 -33.12 19.95
CA PRO B 372 58.82 -32.98 20.81
C PRO B 372 59.14 -34.30 21.50
N GLU B 373 60.40 -34.74 21.41
CA GLU B 373 60.81 -35.99 22.07
C GLU B 373 60.19 -37.18 21.39
N GLN B 374 60.16 -37.15 20.06
CA GLN B 374 59.55 -38.22 19.28
C GLN B 374 60.09 -38.24 17.86
N GLY B 375 60.13 -39.43 17.27
CA GLY B 375 60.58 -39.60 15.90
C GLY B 375 61.88 -40.38 15.79
N HIS B 376 62.69 -39.99 14.81
CA HIS B 376 64.01 -40.55 14.64
C HIS B 376 63.95 -42.07 14.66
N THR B 377 63.05 -42.60 13.85
CA THR B 377 62.77 -44.02 13.87
C THR B 377 62.44 -44.54 12.49
N LEU B 378 63.16 -45.58 12.07
CA LEU B 378 62.94 -46.24 10.79
C LEU B 378 61.91 -47.35 10.89
N LEU B 379 60.90 -47.31 10.00
CA LEU B 379 59.85 -48.33 9.97
C LEU B 379 60.01 -49.22 8.74
N GLY B 380 60.19 -50.51 8.98
CA GLY B 380 60.42 -51.46 7.91
C GLY B 380 61.89 -51.72 7.72
N ASP B 381 62.20 -52.83 7.06
CA ASP B 381 63.58 -53.18 6.80
C ASP B 381 63.87 -52.90 5.35
N PRO B 382 64.89 -52.06 5.08
CA PRO B 382 65.26 -51.74 3.69
C PRO B 382 65.91 -52.93 2.99
N SER B 383 66.36 -53.90 3.77
CA SER B 383 66.97 -55.09 3.20
C SER B 383 65.90 -55.96 2.55
N ASN B 384 64.70 -55.92 3.11
CA ASN B 384 63.58 -56.58 2.46
C ASN B 384 62.32 -55.70 2.50
N PRO B 385 62.21 -54.75 1.55
CA PRO B 385 61.08 -53.84 1.57
C PRO B 385 59.76 -54.61 1.51
N ASP B 386 58.88 -54.44 2.50
CA ASP B 386 57.60 -55.14 2.51
C ASP B 386 56.51 -54.37 3.24
N LEU B 387 56.59 -53.05 3.20
CA LEU B 387 55.61 -52.21 3.87
C LEU B 387 54.38 -51.99 3.01
N GLU B 388 53.24 -51.82 3.67
CA GLU B 388 52.02 -51.54 2.98
C GLU B 388 51.43 -50.28 3.54
N VAL B 389 51.99 -49.13 3.17
CA VAL B 389 51.59 -47.86 3.78
C VAL B 389 50.40 -47.23 3.09
N GLY B 390 50.01 -47.82 1.96
CA GLY B 390 49.18 -47.16 0.97
C GLY B 390 50.07 -46.58 -0.12
N LEU B 391 49.76 -45.35 -0.51
CA LEU B 391 50.52 -44.61 -1.52
C LEU B 391 51.46 -43.62 -0.87
N SER B 392 52.75 -43.73 -1.18
CA SER B 392 53.73 -42.85 -0.59
C SER B 392 53.77 -41.56 -1.35
N SER B 393 53.37 -40.49 -0.69
CA SER B 393 53.31 -39.14 -1.26
C SER B 393 54.31 -38.75 -2.36
N GLY B 394 55.58 -39.01 -2.16
CA GLY B 394 56.56 -38.56 -3.12
C GLY B 394 57.15 -39.68 -3.92
N GLN B 395 56.31 -40.54 -4.46
CA GLN B 395 56.75 -41.74 -5.15
C GLN B 395 57.08 -41.56 -6.64
N GLY B 396 56.55 -40.52 -7.24
CA GLY B 396 56.93 -40.22 -8.60
C GLY B 396 55.82 -40.51 -9.58
N ALA B 397 54.86 -41.33 -9.17
CA ALA B 397 53.68 -41.60 -9.98
C ALA B 397 52.40 -41.58 -9.15
N THR B 398 52.42 -40.84 -8.05
CA THR B 398 51.35 -40.95 -7.06
C THR B 398 50.04 -40.32 -7.50
N ASP B 399 50.11 -39.31 -8.37
CA ASP B 399 48.91 -38.80 -8.99
C ASP B 399 48.29 -39.87 -9.89
N LEU B 400 49.13 -40.54 -10.69
CA LEU B 400 48.70 -41.62 -11.58
C LEU B 400 48.19 -42.86 -10.83
N MET B 401 48.82 -43.19 -9.70
CA MET B 401 48.38 -44.32 -8.92
C MET B 401 47.00 -44.05 -8.36
N GLY B 402 46.78 -42.82 -7.91
CA GLY B 402 45.50 -42.39 -7.37
C GLY B 402 44.45 -42.43 -8.46
N THR B 403 44.78 -41.86 -9.60
CA THR B 403 43.87 -41.82 -10.73
C THR B 403 43.45 -43.22 -11.16
N LEU B 404 44.42 -44.11 -11.33
CA LEU B 404 44.15 -45.49 -11.69
C LEU B 404 43.08 -46.05 -10.78
N LEU B 405 43.37 -46.16 -9.48
CA LEU B 405 42.41 -46.62 -8.49
C LEU B 405 41.05 -45.96 -8.58
N MET B 406 41.00 -44.65 -8.47
CA MET B 406 39.71 -43.99 -8.30
C MET B 406 38.89 -43.91 -9.57
N SER B 407 39.56 -43.83 -10.71
CA SER B 407 38.83 -43.74 -11.97
C SER B 407 38.06 -45.06 -12.21
N ILE B 408 38.72 -46.19 -12.05
CA ILE B 408 38.00 -47.45 -12.18
C ILE B 408 36.94 -47.64 -11.09
N THR B 409 37.34 -47.52 -9.82
CA THR B 409 36.41 -47.59 -8.70
C THR B 409 35.14 -46.83 -9.04
N TYR B 410 35.30 -45.58 -9.45
CA TYR B 410 34.16 -44.74 -9.79
C TYR B 410 33.29 -45.34 -10.90
N LEU B 411 33.91 -45.74 -12.00
CA LEU B 411 33.17 -46.40 -13.06
C LEU B 411 32.40 -47.60 -12.53
N VAL B 412 33.10 -48.48 -11.81
CA VAL B 412 32.46 -49.65 -11.23
C VAL B 412 31.22 -49.27 -10.44
N MET B 413 31.36 -48.28 -9.57
CA MET B 413 30.24 -47.74 -8.81
C MET B 413 29.08 -47.41 -9.76
N GLN B 414 29.40 -46.75 -10.88
CA GLN B 414 28.39 -46.44 -11.87
C GLN B 414 27.73 -47.70 -12.47
N LEU B 415 28.54 -48.70 -12.79
CA LEU B 415 27.96 -49.92 -13.32
C LEU B 415 27.07 -50.58 -12.27
N ASP B 416 27.65 -50.97 -11.14
CA ASP B 416 26.93 -51.63 -10.05
C ASP B 416 25.56 -51.00 -9.73
N HIS B 417 25.48 -49.69 -9.70
CA HIS B 417 24.27 -49.06 -9.22
C HIS B 417 23.39 -48.45 -10.30
N THR B 418 23.95 -48.19 -11.48
CA THR B 418 23.20 -47.45 -12.48
C THR B 418 23.21 -48.01 -13.90
N ALA B 419 24.19 -48.83 -14.27
CA ALA B 419 24.30 -49.24 -15.69
C ALA B 419 24.63 -50.71 -15.96
N PRO B 420 23.87 -51.63 -15.36
CA PRO B 420 24.06 -53.08 -15.55
C PRO B 420 24.02 -53.49 -17.02
N HIS B 421 23.16 -52.82 -17.77
CA HIS B 421 23.02 -53.11 -19.18
C HIS B 421 24.33 -52.91 -19.92
N LEU B 422 25.37 -52.53 -19.20
CA LEU B 422 26.65 -52.24 -19.82
C LEU B 422 27.67 -53.37 -19.67
N ASN B 423 27.40 -54.29 -18.75
CA ASN B 423 28.35 -55.35 -18.42
C ASN B 423 28.65 -56.34 -19.55
N SER B 424 27.63 -56.62 -20.37
CA SER B 424 27.80 -57.50 -21.52
C SER B 424 28.91 -57.01 -22.47
N ARG B 425 29.39 -55.80 -22.23
CA ARG B 425 30.39 -55.22 -23.10
C ARG B 425 31.80 -55.45 -22.58
N ILE B 426 31.88 -55.98 -21.37
CA ILE B 426 33.16 -56.21 -20.72
C ILE B 426 33.28 -57.69 -20.46
N LYS B 427 33.69 -58.42 -21.50
CA LYS B 427 33.74 -59.87 -21.47
C LYS B 427 35.17 -60.35 -21.34
N ASP B 428 36.07 -59.71 -22.09
CA ASP B 428 37.47 -60.12 -22.10
C ASP B 428 38.33 -58.88 -21.96
N MET B 429 39.64 -59.03 -22.12
CA MET B 429 40.52 -57.87 -22.07
C MET B 429 40.28 -56.87 -23.20
N PRO B 430 40.29 -57.34 -24.46
CA PRO B 430 40.19 -56.39 -25.57
C PRO B 430 38.87 -55.65 -25.55
N SER B 431 37.78 -56.35 -25.21
CA SER B 431 36.47 -55.71 -25.10
C SER B 431 36.46 -54.68 -23.98
N ALA B 432 37.16 -55.01 -22.89
CA ALA B 432 37.28 -54.10 -21.75
C ALA B 432 38.04 -52.83 -22.13
N CYS B 433 39.16 -52.99 -22.82
CA CYS B 433 39.93 -51.86 -23.27
C CYS B 433 39.08 -50.94 -24.14
N ARG B 434 38.41 -51.52 -25.13
CA ARG B 434 37.61 -50.74 -26.05
C ARG B 434 36.53 -50.01 -25.27
N PHE B 435 35.98 -50.66 -24.25
CA PHE B 435 34.98 -50.01 -23.43
C PHE B 435 35.59 -48.86 -22.67
N LEU B 436 36.69 -49.13 -21.99
CA LEU B 436 37.35 -48.10 -21.21
C LEU B 436 37.75 -46.95 -22.14
N ASP B 437 38.31 -47.29 -23.30
CA ASP B 437 38.77 -46.26 -24.24
C ASP B 437 37.60 -45.36 -24.51
N SER B 438 36.45 -45.95 -24.77
CA SER B 438 35.25 -45.16 -25.05
C SER B 438 34.87 -44.36 -23.81
N TYR B 439 34.75 -45.03 -22.66
CA TYR B 439 34.31 -44.37 -21.44
C TYR B 439 35.12 -43.12 -21.12
N TRP B 440 36.44 -43.25 -21.11
CA TRP B 440 37.32 -42.13 -20.82
C TRP B 440 37.24 -40.97 -21.82
N GLN B 441 36.94 -41.26 -23.08
CA GLN B 441 36.80 -40.17 -24.06
C GLN B 441 35.50 -39.39 -23.84
N GLY B 442 34.59 -39.97 -23.06
CA GLY B 442 33.32 -39.33 -22.77
C GLY B 442 32.20 -39.69 -23.75
N HIS B 443 32.33 -40.85 -24.37
CA HIS B 443 31.39 -41.24 -25.39
C HIS B 443 30.27 -42.13 -24.85
N GLU B 444 30.30 -42.46 -23.57
CA GLU B 444 29.22 -43.27 -23.01
C GLU B 444 28.18 -42.46 -22.25
N GLU B 445 27.15 -43.17 -21.81
CA GLU B 445 26.00 -42.59 -21.13
C GLU B 445 26.32 -42.25 -19.65
N ILE B 446 27.30 -42.96 -19.10
CA ILE B 446 27.92 -42.61 -17.84
C ILE B 446 29.27 -41.96 -18.12
N ARG B 447 29.55 -40.87 -17.42
CA ARG B 447 30.73 -40.07 -17.71
C ARG B 447 31.39 -39.73 -16.42
N GLN B 448 32.63 -39.25 -16.49
CA GLN B 448 33.36 -38.91 -15.28
C GLN B 448 34.44 -37.90 -15.61
N ILE B 449 34.62 -36.93 -14.72
CA ILE B 449 35.84 -36.11 -14.73
C ILE B 449 36.53 -36.32 -13.39
N SER B 450 37.84 -36.47 -13.41
CA SER B 450 38.56 -36.72 -12.18
C SER B 450 40.03 -36.40 -12.23
N LYS B 451 40.59 -36.14 -11.06
CA LYS B 451 42.01 -36.20 -10.83
C LYS B 451 42.16 -36.93 -9.50
N SER B 452 42.79 -38.10 -9.54
CA SER B 452 42.86 -38.94 -8.35
C SER B 452 41.48 -39.17 -7.76
N ASP B 453 41.33 -38.80 -6.50
CA ASP B 453 40.09 -39.03 -5.77
C ASP B 453 39.02 -37.99 -6.00
N ASP B 454 39.41 -36.79 -6.43
CA ASP B 454 38.44 -35.75 -6.72
C ASP B 454 37.76 -36.10 -8.04
N ALA B 455 36.45 -36.25 -7.99
CA ALA B 455 35.69 -36.56 -9.19
C ALA B 455 34.34 -35.90 -9.19
N MET B 456 33.81 -35.72 -10.39
CA MET B 456 32.41 -35.51 -10.54
C MET B 456 31.92 -36.58 -11.48
N LEU B 457 30.87 -37.27 -11.07
CA LEU B 457 30.34 -38.39 -11.83
C LEU B 457 29.11 -37.94 -12.60
N GLY B 458 28.99 -38.38 -13.85
CA GLY B 458 27.99 -37.85 -14.76
C GLY B 458 27.09 -38.85 -15.45
N TRP B 459 25.81 -38.47 -15.57
CA TRP B 459 24.83 -39.23 -16.31
C TRP B 459 24.17 -38.38 -17.36
N THR B 460 24.17 -38.85 -18.60
CA THR B 460 23.35 -38.23 -19.62
C THR B 460 21.96 -38.85 -19.58
N LYS B 461 21.22 -38.69 -20.66
CA LYS B 461 19.92 -39.30 -20.79
C LYS B 461 20.08 -40.76 -21.19
N GLY B 462 19.26 -41.63 -20.62
CA GLY B 462 19.34 -43.04 -20.93
C GLY B 462 18.85 -43.89 -19.77
N ARG B 463 19.21 -45.16 -19.80
CA ARG B 463 18.72 -46.11 -18.81
C ARG B 463 19.42 -45.96 -17.47
N ALA B 464 20.68 -45.54 -17.52
CA ALA B 464 21.49 -45.41 -16.32
C ALA B 464 20.98 -44.28 -15.44
N LEU B 465 20.44 -43.27 -16.08
CA LEU B 465 20.05 -42.04 -15.39
C LEU B 465 19.20 -42.32 -14.16
N VAL B 466 18.13 -43.07 -14.33
CA VAL B 466 17.28 -43.36 -13.19
C VAL B 466 18.12 -43.98 -12.07
N GLY B 467 19.01 -44.91 -12.46
CA GLY B 467 19.90 -45.54 -11.51
C GLY B 467 20.81 -44.50 -10.88
N GLY B 468 21.25 -43.55 -11.70
CA GLY B 468 22.10 -42.46 -11.25
C GLY B 468 21.52 -41.81 -10.01
N HIS B 469 20.30 -41.27 -10.15
CA HIS B 469 19.60 -40.61 -9.05
C HIS B 469 19.51 -41.46 -7.79
N ARG B 470 19.32 -42.78 -7.94
CA ARG B 470 19.30 -43.66 -6.77
C ARG B 470 20.68 -43.72 -6.12
N LEU B 471 21.71 -43.80 -6.94
CA LEU B 471 23.07 -43.78 -6.44
C LEU B 471 23.27 -42.52 -5.60
N PHE B 472 22.83 -41.39 -6.15
CA PHE B 472 22.93 -40.11 -5.47
C PHE B 472 22.15 -40.14 -4.14
N GLU B 473 21.01 -40.80 -4.15
CA GLU B 473 20.20 -40.89 -2.96
C GLU B 473 20.91 -41.77 -1.96
N MET B 474 21.51 -42.84 -2.46
CA MET B 474 22.25 -43.74 -1.60
C MET B 474 23.34 -42.97 -0.88
N LEU B 475 24.04 -42.15 -1.67
CA LEU B 475 25.17 -41.38 -1.17
C LEU B 475 24.78 -40.34 -0.11
N LYS B 476 23.54 -39.85 -0.19
CA LYS B 476 23.04 -38.84 0.76
C LYS B 476 22.70 -39.44 2.12
N GLU B 477 21.80 -40.42 2.16
CA GLU B 477 21.48 -41.11 3.42
C GLU B 477 22.77 -41.51 4.08
N GLY B 478 23.68 -42.07 3.29
CA GLY B 478 25.01 -42.37 3.77
C GLY B 478 25.06 -43.51 4.77
N LYS B 479 24.08 -44.39 4.72
CA LYS B 479 24.09 -45.53 5.62
C LYS B 479 24.91 -46.65 4.99
N VAL B 480 24.91 -46.71 3.66
CA VAL B 480 25.62 -47.79 2.97
C VAL B 480 26.70 -47.30 2.00
N ASN B 481 27.85 -47.96 2.04
CA ASN B 481 28.96 -47.67 1.15
C ASN B 481 28.75 -48.26 -0.25
N PRO B 482 28.87 -47.42 -1.28
CA PRO B 482 28.52 -47.79 -2.65
C PRO B 482 29.62 -48.53 -3.38
N SER B 483 30.81 -48.53 -2.79
CA SER B 483 31.92 -49.24 -3.41
C SER B 483 32.51 -50.31 -2.52
N PRO B 484 33.04 -51.37 -3.12
CA PRO B 484 33.77 -52.42 -2.39
C PRO B 484 35.18 -51.98 -2.04
N TYR B 485 35.68 -50.95 -2.74
CA TYR B 485 37.12 -50.65 -2.76
C TYR B 485 37.61 -49.48 -1.90
N MET B 486 36.79 -48.43 -1.77
CA MET B 486 37.18 -47.26 -0.98
C MET B 486 35.94 -46.68 -0.36
N LYS B 487 36.09 -45.91 0.71
CA LYS B 487 34.94 -45.26 1.32
C LYS B 487 34.52 -43.97 0.57
N ILE B 488 33.42 -44.07 -0.17
CA ILE B 488 32.96 -42.99 -1.02
C ILE B 488 31.80 -42.25 -0.37
N SER B 489 31.59 -41.01 -0.79
CA SER B 489 30.68 -40.11 -0.09
C SER B 489 30.49 -38.81 -0.89
N TYR B 490 29.28 -38.29 -0.96
CA TYR B 490 29.06 -37.07 -1.73
C TYR B 490 29.72 -35.87 -1.02
N GLN B 491 30.38 -35.01 -1.79
CA GLN B 491 30.96 -33.77 -1.29
C GLN B 491 29.83 -32.91 -0.77
N HIS B 492 29.97 -32.40 0.45
CA HIS B 492 28.97 -31.46 0.94
C HIS B 492 29.32 -30.04 0.48
N GLY B 493 28.84 -29.69 -0.71
CA GLY B 493 29.25 -28.46 -1.38
C GLY B 493 30.09 -28.83 -2.59
N GLY B 494 29.42 -29.26 -3.66
CA GLY B 494 30.09 -29.77 -4.82
C GLY B 494 31.11 -28.84 -5.47
N ALA B 495 32.34 -29.34 -5.62
CA ALA B 495 33.40 -28.62 -6.34
C ALA B 495 34.42 -29.57 -6.97
N PHE B 496 35.00 -29.15 -8.08
CA PHE B 496 36.00 -29.95 -8.75
C PHE B 496 37.27 -29.13 -8.92
N LEU B 497 38.40 -29.76 -8.64
CA LEU B 497 39.70 -29.15 -8.84
C LEU B 497 39.75 -27.64 -8.56
N GLY B 498 39.00 -27.20 -7.56
CA GLY B 498 39.11 -25.83 -7.07
C GLY B 498 37.95 -24.88 -7.37
N ASP B 499 37.19 -25.21 -8.40
CA ASP B 499 36.04 -24.40 -8.77
C ASP B 499 34.74 -25.03 -8.27
N ILE B 500 33.83 -24.19 -7.78
CA ILE B 500 32.56 -24.65 -7.28
C ILE B 500 31.55 -24.70 -8.41
N LEU B 501 30.72 -25.74 -8.41
CA LEU B 501 29.67 -25.84 -9.42
C LEU B 501 28.49 -25.11 -8.83
N LEU B 502 28.16 -23.99 -9.44
CA LEU B 502 27.09 -23.13 -8.94
C LEU B 502 25.78 -23.44 -9.65
N TYR B 503 24.92 -24.18 -8.94
CA TYR B 503 23.61 -24.52 -9.46
C TYR B 503 22.69 -23.33 -9.22
N ASP B 504 21.70 -23.14 -10.10
CA ASP B 504 20.64 -22.17 -9.83
C ASP B 504 19.37 -22.84 -9.34
N SER B 505 18.29 -22.08 -9.46
CA SER B 505 16.95 -22.52 -9.10
C SER B 505 16.65 -23.94 -9.58
N ARG B 506 17.05 -24.23 -10.81
CA ARG B 506 16.70 -25.47 -11.46
C ARG B 506 17.34 -26.67 -10.76
N ARG B 507 18.53 -26.46 -10.21
CA ARG B 507 19.29 -27.55 -9.60
C ARG B 507 19.58 -28.63 -10.63
N GLU B 508 19.95 -28.21 -11.84
CA GLU B 508 20.40 -29.13 -12.88
C GLU B 508 21.70 -28.62 -13.51
N PRO B 509 22.60 -29.55 -13.88
CA PRO B 509 23.87 -29.22 -14.54
C PRO B 509 23.69 -28.22 -15.68
N GLY B 510 22.65 -28.39 -16.49
CA GLY B 510 22.43 -27.52 -17.63
C GLY B 510 22.56 -26.02 -17.40
N SER B 511 21.95 -25.51 -16.35
CA SER B 511 22.05 -24.08 -16.06
C SER B 511 23.15 -23.76 -15.03
N ALA B 512 23.81 -24.81 -14.52
CA ALA B 512 24.86 -24.63 -13.53
C ALA B 512 26.13 -24.01 -14.14
N ILE B 513 26.91 -23.33 -13.31
CA ILE B 513 28.16 -22.76 -13.78
C ILE B 513 29.33 -22.96 -12.80
N PHE B 514 30.53 -23.03 -13.36
CA PHE B 514 31.71 -23.06 -12.52
C PHE B 514 32.20 -21.66 -12.21
N VAL B 515 32.28 -21.34 -10.92
CA VAL B 515 32.97 -20.14 -10.47
C VAL B 515 34.08 -20.55 -9.52
N GLY B 516 35.03 -19.67 -9.25
CA GLY B 516 36.08 -19.97 -8.30
C GLY B 516 35.58 -20.10 -6.87
N ASN B 517 36.34 -20.76 -6.00
CA ASN B 517 35.94 -20.87 -4.59
C ASN B 517 36.48 -19.70 -3.80
N ILE B 518 35.58 -18.81 -3.40
CA ILE B 518 35.99 -17.58 -2.75
C ILE B 518 36.82 -17.87 -1.50
N ASN B 519 36.45 -18.90 -0.76
CA ASN B 519 37.18 -19.22 0.49
C ASN B 519 38.62 -19.60 0.21
N SER B 520 38.88 -20.04 -1.02
CA SER B 520 40.23 -20.43 -1.42
C SER B 520 41.12 -19.22 -1.63
N MET B 521 40.53 -18.16 -2.17
CA MET B 521 41.23 -16.89 -2.27
C MET B 521 41.71 -16.49 -0.88
N LEU B 522 40.83 -16.61 0.11
CA LEU B 522 41.17 -16.23 1.47
C LEU B 522 42.28 -17.09 2.10
N ASN B 523 42.13 -18.40 1.99
CA ASN B 523 43.15 -19.29 2.50
C ASN B 523 44.49 -18.97 1.86
N ASN B 524 44.47 -18.78 0.56
CA ASN B 524 45.69 -18.54 -0.18
C ASN B 524 46.35 -17.25 0.23
N GLN B 525 45.54 -16.24 0.52
CA GLN B 525 46.09 -14.91 0.81
C GLN B 525 46.46 -14.66 2.26
N PHE B 526 45.72 -15.26 3.20
CA PHE B 526 45.99 -14.99 4.62
C PHE B 526 46.46 -16.19 5.44
N SER B 527 46.31 -17.38 4.88
CA SER B 527 46.78 -18.58 5.56
C SER B 527 47.67 -19.44 4.66
N PRO B 528 48.76 -18.86 4.14
CA PRO B 528 49.64 -19.63 3.26
C PRO B 528 50.29 -20.81 3.99
N GLU B 529 50.68 -21.82 3.21
CA GLU B 529 51.25 -23.04 3.74
C GLU B 529 52.68 -22.83 4.26
N TYR B 530 53.38 -21.86 3.66
CA TYR B 530 54.75 -21.55 4.07
C TYR B 530 54.90 -20.07 4.21
N GLY B 531 55.99 -19.66 4.84
CA GLY B 531 56.37 -18.26 4.87
C GLY B 531 56.99 -17.86 3.56
N VAL B 532 57.47 -16.62 3.49
CA VAL B 532 58.02 -16.12 2.24
C VAL B 532 59.47 -16.50 2.01
N GLN B 533 60.15 -16.95 3.06
CA GLN B 533 61.53 -17.42 2.94
C GLN B 533 62.46 -16.34 2.42
N SER B 534 62.42 -15.15 3.01
CA SER B 534 63.17 -14.03 2.46
C SER B 534 64.67 -14.23 2.67
N GLY B 535 65.03 -15.35 3.29
CA GLY B 535 66.41 -15.69 3.52
C GLY B 535 67.00 -16.40 2.33
N VAL B 536 66.14 -17.11 1.61
CA VAL B 536 66.53 -17.74 0.36
C VAL B 536 66.72 -16.69 -0.71
N ARG B 537 67.94 -16.62 -1.21
CA ARG B 537 68.33 -15.60 -2.17
C ARG B 537 67.70 -15.94 -3.49
N ASP B 538 67.91 -17.16 -3.94
CA ASP B 538 67.39 -17.60 -5.21
C ASP B 538 65.89 -17.91 -5.10
N ARG B 539 65.06 -17.04 -5.65
CA ARG B 539 63.62 -17.16 -5.48
C ARG B 539 62.96 -18.32 -6.24
N SER B 540 63.58 -18.82 -7.28
CA SER B 540 63.03 -19.99 -7.96
C SER B 540 63.04 -21.18 -7.01
N LYS B 541 63.83 -21.08 -5.95
CA LYS B 541 63.99 -22.18 -4.98
C LYS B 541 63.02 -22.06 -3.82
N ARG B 542 62.47 -20.87 -3.63
CA ARG B 542 61.52 -20.59 -2.56
C ARG B 542 60.22 -21.39 -2.78
N LYS B 543 59.49 -21.65 -1.71
CA LYS B 543 58.20 -22.32 -1.83
C LYS B 543 57.17 -21.35 -2.40
N ARG B 544 57.37 -20.06 -2.12
CA ARG B 544 56.53 -19.01 -2.66
C ARG B 544 57.43 -17.94 -3.25
N PRO B 545 57.93 -18.19 -4.46
CA PRO B 545 58.87 -17.36 -5.20
C PRO B 545 58.42 -15.92 -5.39
N PHE B 546 57.17 -15.70 -5.78
CA PHE B 546 56.71 -14.36 -6.07
C PHE B 546 55.30 -14.11 -5.56
N PRO B 547 55.15 -14.00 -4.25
CA PRO B 547 53.83 -13.84 -3.64
C PRO B 547 53.00 -12.74 -4.29
N GLY B 548 53.55 -11.53 -4.39
CA GLY B 548 52.81 -10.40 -4.91
C GLY B 548 52.04 -10.67 -6.17
N LEU B 549 52.55 -11.58 -7.00
CA LEU B 549 51.99 -11.86 -8.31
C LEU B 549 50.53 -12.33 -8.33
N ALA B 550 50.09 -12.95 -7.24
CA ALA B 550 48.74 -13.48 -7.18
C ALA B 550 47.69 -12.39 -7.30
N TRP B 551 48.06 -11.16 -6.95
CA TRP B 551 47.15 -10.04 -7.04
C TRP B 551 46.66 -9.85 -8.48
N ALA B 552 47.55 -10.10 -9.44
CA ALA B 552 47.26 -9.92 -10.85
C ALA B 552 46.40 -11.03 -11.45
N SER B 553 46.26 -12.14 -10.74
CA SER B 553 45.48 -13.25 -11.25
C SER B 553 44.19 -13.42 -10.44
N MET B 554 44.06 -12.61 -9.39
CA MET B 554 42.90 -12.64 -8.49
C MET B 554 41.58 -12.45 -9.25
N LYS B 555 41.53 -11.42 -10.08
CA LYS B 555 40.33 -11.13 -10.86
C LYS B 555 39.91 -12.32 -11.71
N ASP B 556 40.85 -12.92 -12.43
CA ASP B 556 40.54 -14.03 -13.34
C ASP B 556 40.15 -15.31 -12.60
N THR B 557 40.80 -15.55 -11.46
CA THR B 557 40.54 -16.73 -10.68
C THR B 557 39.23 -16.62 -9.89
N TYR B 558 39.05 -15.51 -9.21
CA TYR B 558 37.95 -15.38 -8.26
C TYR B 558 36.88 -14.33 -8.62
N GLY B 559 37.12 -13.54 -9.67
CA GLY B 559 36.18 -12.49 -10.02
C GLY B 559 34.79 -12.94 -10.42
N ALA B 560 34.56 -14.25 -10.49
CA ALA B 560 33.28 -14.78 -10.95
C ALA B 560 32.41 -15.25 -9.79
N CYS B 561 33.03 -15.37 -8.62
CA CYS B 561 32.29 -15.63 -7.40
C CYS B 561 31.22 -14.58 -7.20
N PRO B 562 30.01 -15.01 -6.87
CA PRO B 562 28.90 -14.10 -6.58
C PRO B 562 29.25 -13.00 -5.57
N ILE B 563 30.13 -13.25 -4.61
CA ILE B 563 30.44 -12.24 -3.58
C ILE B 563 31.86 -11.65 -3.66
N TYR B 564 32.51 -11.82 -4.79
CA TYR B 564 33.86 -11.33 -4.99
C TYR B 564 33.99 -9.90 -4.50
N SER B 565 33.26 -9.00 -5.16
CA SER B 565 33.32 -7.58 -4.84
C SER B 565 33.14 -7.31 -3.36
N ASP B 566 32.13 -7.93 -2.76
CA ASP B 566 31.81 -7.75 -1.35
C ASP B 566 32.96 -8.17 -0.44
N VAL B 567 33.64 -9.23 -0.84
CA VAL B 567 34.73 -9.78 -0.06
C VAL B 567 35.98 -8.88 -0.07
N LEU B 568 36.38 -8.41 -1.25
CA LEU B 568 37.51 -7.51 -1.34
C LEU B 568 37.25 -6.27 -0.50
N GLU B 569 36.01 -5.78 -0.56
CA GLU B 569 35.60 -4.63 0.23
C GLU B 569 35.68 -4.89 1.74
N ALA B 570 35.12 -6.00 2.20
CA ALA B 570 35.15 -6.34 3.62
C ALA B 570 36.58 -6.43 4.15
N ILE B 571 37.45 -7.05 3.35
CA ILE B 571 38.87 -7.14 3.65
C ILE B 571 39.45 -5.75 3.85
N GLU B 572 39.28 -4.90 2.84
CA GLU B 572 39.82 -3.55 2.86
C GLU B 572 39.42 -2.85 4.15
N ARG B 573 38.13 -2.92 4.46
CA ARG B 573 37.57 -2.33 5.66
C ARG B 573 38.20 -2.88 6.94
N CYS B 574 38.24 -4.20 7.06
CA CYS B 574 38.80 -4.83 8.24
C CYS B 574 40.28 -4.61 8.34
N TRP B 575 40.94 -4.51 7.19
CA TRP B 575 42.38 -4.31 7.16
C TRP B 575 42.67 -2.90 7.65
N TRP B 576 41.87 -1.93 7.22
CA TRP B 576 42.05 -0.58 7.72
C TRP B 576 41.91 -0.58 9.25
N ASN B 577 40.87 -1.23 9.77
CA ASN B 577 40.67 -1.34 11.22
C ASN B 577 41.91 -1.84 11.93
N ALA B 578 42.62 -2.74 11.27
CA ALA B 578 43.70 -3.47 11.91
C ALA B 578 45.08 -2.87 11.63
N PHE B 579 45.18 -2.13 10.52
CA PHE B 579 46.51 -1.66 10.09
C PHE B 579 46.61 -0.16 9.80
N GLY B 580 45.49 0.49 9.59
CA GLY B 580 45.54 1.87 9.17
C GLY B 580 46.10 2.00 7.77
N GLU B 581 46.08 0.90 7.04
CA GLU B 581 46.60 0.86 5.67
C GLU B 581 45.51 0.48 4.70
N SER B 582 45.71 0.80 3.42
CA SER B 582 44.87 0.23 2.39
C SER B 582 45.45 -1.12 2.03
N TYR B 583 44.74 -2.19 2.34
CA TYR B 583 45.21 -3.51 1.97
C TYR B 583 45.43 -3.52 0.46
N ARG B 584 44.51 -2.89 -0.27
CA ARG B 584 44.59 -2.84 -1.72
C ARG B 584 45.90 -2.21 -2.18
N ALA B 585 46.33 -1.16 -1.50
CA ALA B 585 47.56 -0.47 -1.88
C ALA B 585 48.76 -1.39 -1.66
N TYR B 586 48.84 -1.91 -0.45
CA TYR B 586 49.87 -2.84 -0.01
C TYR B 586 50.04 -4.05 -0.95
N ARG B 587 48.97 -4.45 -1.62
CA ARG B 587 49.05 -5.51 -2.60
C ARG B 587 49.61 -5.00 -3.93
N GLU B 588 49.07 -3.88 -4.39
CA GLU B 588 49.50 -3.28 -5.64
C GLU B 588 50.98 -2.92 -5.59
N ASP B 589 51.42 -2.56 -4.40
CA ASP B 589 52.82 -2.28 -4.13
C ASP B 589 53.60 -3.58 -4.32
N MET B 590 53.19 -4.61 -3.59
CA MET B 590 53.84 -5.92 -3.64
C MET B 590 53.74 -6.57 -5.01
N LEU B 591 52.64 -6.32 -5.72
CA LEU B 591 52.54 -6.76 -7.10
C LEU B 591 53.70 -6.15 -7.89
N LYS B 592 53.95 -4.86 -7.67
CA LYS B 592 54.92 -4.16 -8.48
C LYS B 592 56.32 -4.70 -8.21
N ARG B 593 56.65 -4.88 -6.94
CA ARG B 593 58.01 -5.28 -6.57
C ARG B 593 58.30 -6.65 -7.10
N ASP B 594 57.39 -7.59 -6.92
CA ASP B 594 57.64 -8.92 -7.41
C ASP B 594 57.65 -8.96 -8.93
N THR B 595 56.95 -8.02 -9.57
CA THR B 595 56.96 -7.92 -11.03
C THR B 595 58.36 -7.52 -11.55
N LEU B 596 58.97 -6.52 -10.93
CA LEU B 596 60.34 -6.18 -11.26
C LEU B 596 61.26 -7.36 -11.04
N GLU B 597 61.25 -7.89 -9.83
CA GLU B 597 62.14 -8.96 -9.43
C GLU B 597 62.01 -10.20 -10.29
N LEU B 598 60.87 -10.35 -10.95
CA LEU B 598 60.65 -11.46 -11.85
C LEU B 598 61.45 -11.35 -13.14
N SER B 599 61.51 -10.16 -13.71
CA SER B 599 62.25 -9.94 -14.96
C SER B 599 63.65 -10.51 -14.86
N ARG B 600 64.20 -10.49 -13.66
CA ARG B 600 65.51 -11.05 -13.34
C ARG B 600 65.61 -12.52 -13.69
N TYR B 601 64.59 -13.26 -13.31
CA TYR B 601 64.61 -14.71 -13.42
C TYR B 601 64.09 -15.19 -14.76
N VAL B 602 63.54 -14.26 -15.55
CA VAL B 602 62.99 -14.62 -16.86
C VAL B 602 63.73 -13.98 -18.02
N ALA B 603 64.72 -14.74 -18.50
CA ALA B 603 65.51 -14.45 -19.69
C ALA B 603 64.86 -13.50 -20.69
N SER B 604 63.80 -13.97 -21.34
CA SER B 604 63.10 -13.24 -22.40
C SER B 604 62.66 -11.84 -22.01
N MET B 605 62.80 -11.49 -20.74
CA MET B 605 61.99 -10.42 -20.17
C MET B 605 62.57 -8.99 -20.11
N ALA B 606 63.57 -8.75 -19.26
CA ALA B 606 64.20 -7.42 -19.16
C ALA B 606 63.57 -6.39 -18.17
N ARG B 607 64.45 -5.75 -17.40
CA ARG B 607 64.08 -4.95 -16.22
C ARG B 607 62.67 -4.40 -16.19
N GLN B 608 62.35 -3.47 -17.07
CA GLN B 608 61.11 -2.76 -16.91
C GLN B 608 59.96 -3.44 -17.63
N ALA B 609 60.28 -4.52 -18.35
CA ALA B 609 59.24 -5.31 -18.98
C ALA B 609 58.11 -5.61 -17.98
N GLY B 610 56.88 -5.64 -18.49
CA GLY B 610 55.72 -5.77 -17.64
C GLY B 610 55.18 -7.18 -17.52
N LEU B 611 53.91 -7.31 -17.17
CA LEU B 611 53.35 -8.61 -16.84
C LEU B 611 52.93 -9.38 -18.10
N ALA B 612 52.87 -8.65 -19.20
CA ALA B 612 53.11 -9.21 -20.53
C ALA B 612 52.32 -10.44 -20.93
N GLU B 613 53.08 -11.46 -21.33
CA GLU B 613 52.54 -12.61 -22.04
C GLU B 613 52.04 -13.64 -21.07
N LEU B 614 52.08 -13.30 -19.79
CA LEU B 614 51.74 -14.25 -18.74
C LEU B 614 50.25 -14.50 -18.62
N THR B 615 49.87 -15.79 -18.65
CA THR B 615 48.50 -16.17 -18.42
C THR B 615 48.24 -16.13 -16.92
N PRO B 616 46.96 -16.18 -16.51
CA PRO B 616 46.68 -16.27 -15.08
C PRO B 616 47.30 -17.52 -14.46
N ILE B 617 47.30 -18.65 -15.17
CA ILE B 617 47.90 -19.87 -14.66
C ILE B 617 49.34 -19.63 -14.24
N ASP B 618 50.12 -19.03 -15.13
CA ASP B 618 51.49 -18.70 -14.82
C ASP B 618 51.54 -17.95 -13.51
N LEU B 619 50.81 -16.85 -13.45
CA LEU B 619 50.86 -15.96 -12.28
C LEU B 619 50.54 -16.66 -10.96
N GLU B 620 49.61 -17.61 -10.99
CA GLU B 620 49.24 -18.37 -9.79
C GLU B 620 50.40 -19.30 -9.42
N VAL B 621 50.92 -19.98 -10.43
CA VAL B 621 52.01 -20.90 -10.24
C VAL B 621 53.30 -20.23 -9.75
N LEU B 622 53.56 -19.02 -10.22
CA LEU B 622 54.74 -18.30 -9.77
C LEU B 622 54.63 -17.97 -8.28
N ALA B 623 53.42 -17.68 -7.84
CA ALA B 623 53.21 -17.29 -6.45
C ALA B 623 53.11 -18.52 -5.60
N ASP B 624 52.88 -19.64 -6.26
CA ASP B 624 52.56 -20.89 -5.58
C ASP B 624 52.78 -22.08 -6.51
N PRO B 625 54.04 -22.54 -6.63
CA PRO B 625 54.44 -23.62 -7.54
C PRO B 625 53.95 -25.00 -7.09
N ASN B 626 53.22 -25.04 -5.97
CA ASN B 626 52.51 -26.25 -5.60
C ASN B 626 51.51 -26.71 -6.66
N LYS B 627 50.63 -25.80 -7.06
CA LYS B 627 49.60 -26.06 -8.07
C LYS B 627 50.12 -26.66 -9.40
N LEU B 628 51.41 -27.00 -9.48
CA LEU B 628 51.91 -27.76 -10.63
C LEU B 628 51.66 -29.23 -10.37
N GLN B 629 51.22 -29.54 -9.15
CA GLN B 629 50.88 -30.90 -8.72
C GLN B 629 49.38 -31.07 -8.45
N TYR B 630 48.88 -30.38 -7.42
CA TYR B 630 47.47 -30.53 -6.99
C TYR B 630 46.46 -29.93 -7.97
N LYS B 631 46.96 -29.37 -9.08
CA LYS B 631 46.10 -28.65 -10.02
C LYS B 631 46.48 -28.89 -11.48
N TRP B 632 47.43 -28.10 -12.01
CA TRP B 632 47.77 -28.13 -13.44
C TRP B 632 48.94 -29.06 -13.81
N THR B 633 49.76 -28.61 -14.76
CA THR B 633 50.95 -29.36 -15.18
C THR B 633 51.55 -28.69 -16.42
N GLU B 634 52.74 -29.13 -16.83
CA GLU B 634 53.55 -28.42 -17.83
C GLU B 634 52.77 -27.81 -18.97
N ALA B 635 51.86 -28.58 -19.54
CA ALA B 635 51.01 -28.14 -20.65
C ALA B 635 50.40 -26.76 -20.42
N ASP B 636 50.19 -26.42 -19.15
CA ASP B 636 49.35 -25.31 -18.76
C ASP B 636 50.17 -24.08 -18.38
N VAL B 637 51.49 -24.25 -18.32
CA VAL B 637 52.39 -23.14 -18.00
C VAL B 637 53.29 -22.76 -19.20
N SER B 638 53.37 -21.46 -19.47
CA SER B 638 54.22 -20.94 -20.54
C SER B 638 55.62 -21.52 -20.43
N ALA B 639 56.22 -21.86 -21.56
CA ALA B 639 57.46 -22.61 -21.58
C ALA B 639 58.66 -21.88 -20.97
N ASN B 640 58.73 -20.57 -21.14
CA ASN B 640 59.82 -19.84 -20.55
C ASN B 640 59.58 -19.58 -19.06
N ILE B 641 58.34 -19.81 -18.61
CA ILE B 641 58.02 -19.69 -17.20
C ILE B 641 58.38 -20.97 -16.46
N HIS B 642 58.12 -22.11 -17.10
CA HIS B 642 58.47 -23.39 -16.53
C HIS B 642 59.92 -23.39 -16.13
N GLU B 643 60.79 -23.03 -17.06
CA GLU B 643 62.23 -23.09 -16.81
C GLU B 643 62.71 -22.23 -15.64
N VAL B 644 61.82 -21.41 -15.09
CA VAL B 644 62.17 -20.63 -13.91
C VAL B 644 62.10 -21.56 -12.73
N LEU B 645 61.08 -22.42 -12.77
CA LEU B 645 60.78 -23.33 -11.68
C LEU B 645 61.44 -24.70 -11.86
N MET B 646 61.54 -25.14 -13.11
CA MET B 646 61.98 -26.50 -13.41
C MET B 646 63.28 -26.55 -14.21
N HIS B 647 63.88 -27.74 -14.25
CA HIS B 647 65.09 -27.96 -15.02
C HIS B 647 65.05 -29.38 -15.59
N GLY B 648 65.40 -29.52 -16.86
CA GLY B 648 65.32 -30.81 -17.51
C GLY B 648 66.61 -31.62 -17.47
N VAL B 649 66.58 -32.76 -18.14
CA VAL B 649 67.74 -33.61 -18.23
C VAL B 649 67.92 -33.98 -19.69
N SER B 650 69.17 -34.20 -20.08
CA SER B 650 69.50 -34.72 -21.40
C SER B 650 68.33 -35.49 -22.02
N VAL B 651 67.73 -34.96 -23.07
CA VAL B 651 66.66 -35.66 -23.75
C VAL B 651 67.13 -36.96 -24.38
N GLU B 652 68.37 -36.99 -24.86
CA GLU B 652 68.91 -38.21 -25.43
C GLU B 652 68.90 -39.31 -24.38
N LYS B 653 69.17 -38.91 -23.14
CA LYS B 653 69.37 -39.88 -22.09
C LYS B 653 68.09 -40.49 -21.60
N THR B 654 67.02 -39.69 -21.51
CA THR B 654 65.70 -40.23 -21.22
C THR B 654 65.22 -41.08 -22.38
N GLU B 655 65.42 -40.57 -23.60
CA GLU B 655 64.96 -41.26 -24.78
C GLU B 655 65.65 -42.62 -24.88
N ARG B 656 66.95 -42.66 -24.59
CA ARG B 656 67.64 -43.94 -24.54
C ARG B 656 67.07 -44.84 -23.45
N PHE B 657 66.89 -44.27 -22.26
CA PHE B 657 66.36 -44.99 -21.12
C PHE B 657 64.98 -45.58 -21.37
N LEU B 658 64.08 -44.76 -21.89
CA LEU B 658 62.71 -45.19 -22.05
C LEU B 658 62.69 -46.43 -22.92
N ARG B 659 63.44 -46.35 -24.01
CA ARG B 659 63.50 -47.42 -24.99
C ARG B 659 63.77 -48.81 -24.37
N SER B 660 64.70 -48.89 -23.42
CA SER B 660 65.00 -50.16 -22.74
C SER B 660 63.91 -50.61 -21.76
N VAL B 661 62.96 -49.71 -21.47
CA VAL B 661 61.95 -49.96 -20.44
C VAL B 661 60.67 -50.50 -21.02
N MET B 662 60.24 -49.92 -22.12
CA MET B 662 58.92 -50.19 -22.66
C MET B 662 58.89 -51.38 -23.62
N PRO B 663 57.70 -51.96 -23.84
CA PRO B 663 57.52 -53.08 -24.76
C PRO B 663 58.20 -52.88 -26.13
N ARG B 664 57.86 -51.99 -27.08
CA ARG B 664 56.66 -51.16 -27.28
C ARG B 664 56.12 -50.27 -26.16
N PRO C 1 -59.23 26.93 -30.32
CA PRO C 1 -58.27 26.91 -29.21
C PRO C 1 -58.32 28.15 -28.31
N ARG C 2 -57.32 29.02 -28.44
CA ARG C 2 -57.23 30.28 -27.70
C ARG C 2 -56.77 30.11 -26.26
N ARG C 3 -55.46 30.22 -26.09
CA ARG C 3 -54.77 29.74 -24.91
C ARG C 3 -54.75 30.73 -23.75
N ALA C 4 -54.37 30.20 -22.59
CA ALA C 4 -54.36 30.96 -21.37
C ALA C 4 -53.15 31.88 -21.29
N PRO C 5 -53.38 33.13 -20.90
CA PRO C 5 -52.36 34.12 -20.54
C PRO C 5 -51.29 33.47 -19.65
N ALA C 6 -50.03 33.77 -19.93
CA ALA C 6 -48.94 33.31 -19.09
C ALA C 6 -47.94 34.46 -18.95
N PHE C 7 -47.16 34.42 -17.88
CA PHE C 7 -46.26 35.52 -17.56
C PHE C 7 -44.98 35.03 -16.93
N PRO C 8 -43.85 35.62 -17.35
CA PRO C 8 -42.54 35.38 -16.76
C PRO C 8 -42.47 36.15 -15.45
N LEU C 9 -41.86 35.56 -14.43
CA LEU C 9 -41.79 36.25 -13.14
C LEU C 9 -41.40 37.73 -13.31
N SER C 10 -40.61 38.01 -14.35
CA SER C 10 -40.14 39.36 -14.62
C SER C 10 -41.26 40.36 -14.85
N ASP C 11 -42.29 39.97 -15.61
CA ASP C 11 -43.37 40.88 -16.01
C ASP C 11 -43.99 41.51 -14.79
N ILE C 12 -44.49 42.73 -14.93
CA ILE C 12 -45.06 43.47 -13.81
C ILE C 12 -46.32 42.78 -13.27
N LYS C 13 -47.01 42.04 -14.13
CA LYS C 13 -48.17 41.26 -13.68
C LYS C 13 -47.79 40.21 -12.64
N ALA C 14 -46.72 39.46 -12.87
CA ALA C 14 -46.17 38.53 -11.88
C ALA C 14 -45.52 39.27 -10.73
N GLN C 15 -44.61 40.17 -11.07
CA GLN C 15 -44.00 41.08 -10.11
C GLN C 15 -44.99 41.63 -9.08
N MET C 16 -46.11 42.14 -9.56
CA MET C 16 -47.10 42.78 -8.67
C MET C 16 -47.75 41.84 -7.67
N LEU C 17 -47.33 40.57 -7.67
CA LEU C 17 -47.92 39.58 -6.77
C LEU C 17 -47.11 39.44 -5.48
N PHE C 18 -45.86 39.91 -5.50
CA PHE C 18 -44.98 39.76 -4.34
C PHE C 18 -44.50 41.09 -3.78
N ALA C 19 -44.90 41.38 -2.55
CA ALA C 19 -44.57 42.63 -1.85
C ALA C 19 -43.08 42.97 -1.79
N ASN C 20 -42.77 44.24 -1.56
CA ASN C 20 -41.37 44.67 -1.46
C ASN C 20 -40.77 44.29 -0.10
N ASN C 21 -40.68 42.97 0.13
CA ASN C 21 -40.02 42.38 1.29
C ASN C 21 -39.26 41.09 0.96
N ILE C 22 -38.51 40.58 1.92
CA ILE C 22 -37.63 39.42 1.71
C ILE C 22 -38.39 38.09 1.49
N LYS C 23 -39.26 37.70 2.42
CA LYS C 23 -40.03 36.47 2.26
C LYS C 23 -40.73 36.40 0.89
N ALA C 24 -41.41 37.48 0.52
CA ALA C 24 -42.13 37.50 -0.76
C ALA C 24 -41.20 37.38 -1.97
N GLN C 25 -40.07 38.06 -1.94
CA GLN C 25 -39.16 38.04 -3.06
C GLN C 25 -38.65 36.60 -3.23
N GLN C 26 -38.39 35.96 -2.11
CA GLN C 26 -37.82 34.62 -2.15
C GLN C 26 -38.90 33.64 -2.54
N ALA C 27 -40.13 33.94 -2.12
CA ALA C 27 -41.24 33.11 -2.53
C ALA C 27 -41.30 33.15 -4.05
N SER C 28 -41.18 34.34 -4.62
CA SER C 28 -41.25 34.46 -6.06
C SER C 28 -40.08 33.73 -6.69
N LYS C 29 -38.98 33.62 -5.96
CA LYS C 29 -37.74 33.08 -6.54
C LYS C 29 -37.42 31.60 -6.27
N ARG C 30 -38.29 30.91 -5.52
CA ARG C 30 -38.03 29.52 -5.14
C ARG C 30 -37.60 28.63 -6.31
N SER C 31 -36.40 28.07 -6.20
CA SER C 31 -35.91 27.11 -7.19
C SER C 31 -36.45 25.76 -6.78
N PHE C 32 -36.42 24.79 -7.69
CA PHE C 32 -36.94 23.46 -7.35
C PHE C 32 -36.21 22.89 -6.15
N LYS C 33 -36.94 22.19 -5.30
CA LYS C 33 -36.41 21.82 -4.01
C LYS C 33 -36.61 20.35 -3.70
N GLU C 34 -35.58 19.70 -3.16
CA GLU C 34 -35.71 18.35 -2.60
C GLU C 34 -34.73 18.11 -1.46
N GLY C 35 -34.42 16.83 -1.23
CA GLY C 35 -33.50 16.46 -0.16
C GLY C 35 -34.14 15.71 1.00
N ALA C 36 -33.35 14.97 1.74
CA ALA C 36 -33.91 14.16 2.82
C ALA C 36 -34.52 15.01 3.93
N ILE C 37 -35.47 14.43 4.64
CA ILE C 37 -36.09 15.10 5.76
C ILE C 37 -35.64 14.41 7.02
N GLU C 38 -35.24 15.22 8.00
CA GLU C 38 -35.09 14.75 9.35
C GLU C 38 -36.47 14.29 9.79
N THR C 39 -36.72 12.99 9.65
CA THR C 39 -38.00 12.38 10.04
C THR C 39 -38.31 12.65 11.51
N TYR C 40 -37.48 12.11 12.40
CA TYR C 40 -37.48 12.48 13.81
C TYR C 40 -36.15 13.19 14.14
N GLU C 41 -36.06 13.76 15.34
CA GLU C 41 -34.88 14.53 15.74
C GLU C 41 -33.57 13.72 15.66
N GLY C 42 -32.67 14.17 14.79
CA GLY C 42 -31.38 13.52 14.57
C GLY C 42 -31.39 12.52 13.42
N LEU C 43 -32.59 12.12 13.04
CA LEU C 43 -32.81 11.03 12.08
C LEU C 43 -33.22 11.47 10.67
N LEU C 44 -32.31 11.39 9.71
CA LEU C 44 -32.64 11.68 8.33
C LEU C 44 -33.40 10.52 7.69
N SER C 45 -33.93 10.74 6.48
CA SER C 45 -34.69 9.72 5.78
C SER C 45 -33.79 8.80 4.94
N VAL C 46 -32.84 9.38 4.21
CA VAL C 46 -31.89 8.59 3.42
C VAL C 46 -30.75 7.99 4.25
N ASP C 47 -30.96 7.85 5.56
CA ASP C 47 -30.00 7.17 6.42
C ASP C 47 -29.98 5.70 6.06
N PRO C 48 -28.81 5.20 5.64
CA PRO C 48 -28.65 3.79 5.26
C PRO C 48 -29.21 2.84 6.32
N ARG C 49 -29.00 3.18 7.58
CA ARG C 49 -29.55 2.44 8.70
C ARG C 49 -31.06 2.32 8.57
N PHE C 50 -31.70 3.46 8.28
CA PHE C 50 -33.15 3.51 8.19
C PHE C 50 -33.68 2.74 6.98
N LEU C 51 -33.14 3.07 5.82
CA LEU C 51 -33.48 2.41 4.57
C LEU C 51 -33.39 0.89 4.70
N SER C 52 -32.43 0.41 5.48
CA SER C 52 -32.33 -1.02 5.71
C SER C 52 -33.39 -1.49 6.68
N PHE C 53 -33.84 -0.61 7.55
CA PHE C 53 -34.85 -1.00 8.53
C PHE C 53 -36.22 -1.13 7.90
N LYS C 54 -36.51 -0.22 6.97
CA LYS C 54 -37.79 -0.19 6.30
C LYS C 54 -37.92 -1.38 5.37
N ASN C 55 -36.86 -1.62 4.60
CA ASN C 55 -36.80 -2.72 3.65
C ASN C 55 -37.33 -4.00 4.30
N GLU C 56 -36.87 -4.26 5.50
CA GLU C 56 -37.29 -5.43 6.25
C GLU C 56 -38.71 -5.28 6.79
N LEU C 57 -38.89 -4.46 7.82
CA LEU C 57 -40.20 -4.31 8.46
C LEU C 57 -41.36 -4.35 7.47
N SER C 58 -41.17 -3.72 6.30
CA SER C 58 -42.15 -3.80 5.23
C SER C 58 -42.27 -5.25 4.79
N ARG C 59 -41.32 -5.69 3.96
CA ARG C 59 -41.37 -7.01 3.35
C ARG C 59 -41.84 -8.06 4.34
N TYR C 60 -41.26 -8.06 5.53
CA TYR C 60 -41.69 -8.96 6.57
C TYR C 60 -43.19 -8.80 6.83
N LEU C 61 -43.59 -7.62 7.29
CA LEU C 61 -44.99 -7.35 7.63
C LEU C 61 -45.99 -7.61 6.48
N THR C 62 -45.56 -7.36 5.25
CA THR C 62 -46.36 -7.77 4.08
C THR C 62 -46.36 -9.30 3.97
N ASP C 63 -45.17 -9.89 3.83
CA ASP C 63 -45.03 -11.33 3.66
C ASP C 63 -45.53 -12.15 4.84
N HIS C 64 -45.67 -11.51 6.01
CA HIS C 64 -46.19 -12.20 7.18
C HIS C 64 -47.57 -11.70 7.55
N PHE C 65 -48.04 -10.71 6.82
CA PHE C 65 -49.39 -10.23 7.03
C PHE C 65 -49.99 -9.78 5.72
N PRO C 66 -50.55 -10.73 4.97
CA PRO C 66 -51.20 -10.27 3.73
C PRO C 66 -52.59 -9.71 4.02
N ALA C 67 -53.07 -8.87 3.10
CA ALA C 67 -54.35 -8.21 3.26
C ALA C 67 -55.50 -9.18 3.48
N ASN C 68 -56.57 -8.70 4.11
CA ASN C 68 -57.75 -9.52 4.36
C ASN C 68 -59.03 -8.83 3.91
N VAL C 69 -59.36 -8.95 2.62
CA VAL C 69 -60.56 -8.32 2.08
C VAL C 69 -61.38 -9.25 1.19
N ASP C 70 -62.51 -9.72 1.73
CA ASP C 70 -63.36 -10.66 1.02
C ASP C 70 -63.74 -10.16 -0.37
N GLU C 71 -64.21 -11.06 -1.22
CA GLU C 71 -64.57 -10.72 -2.59
C GLU C 71 -65.45 -9.47 -2.62
N TYR C 72 -66.31 -9.30 -1.62
CA TYR C 72 -67.23 -8.16 -1.57
C TYR C 72 -66.64 -6.89 -0.93
N GLY C 73 -65.32 -6.72 -1.01
CA GLY C 73 -64.65 -5.52 -0.52
C GLY C 73 -64.45 -5.46 0.98
N ARG C 74 -65.33 -6.14 1.72
CA ARG C 74 -65.30 -6.17 3.18
C ARG C 74 -63.96 -6.63 3.75
N VAL C 75 -63.32 -5.77 4.52
CA VAL C 75 -62.08 -6.17 5.15
C VAL C 75 -62.38 -6.92 6.45
N TYR C 76 -61.80 -8.11 6.57
CA TYR C 76 -62.08 -9.00 7.70
C TYR C 76 -60.80 -9.50 8.35
N GLY C 77 -60.96 -10.32 9.38
CA GLY C 77 -59.83 -11.04 9.96
C GLY C 77 -58.78 -10.14 10.58
N ASN C 78 -57.64 -10.02 9.90
CA ASN C 78 -56.49 -9.36 10.51
C ASN C 78 -56.47 -7.84 10.41
N GLY C 79 -57.36 -7.26 9.60
CA GLY C 79 -57.52 -5.82 9.53
C GLY C 79 -56.58 -5.11 8.55
N VAL C 80 -55.70 -5.91 7.96
CA VAL C 80 -54.87 -5.43 6.88
C VAL C 80 -55.77 -5.38 5.68
N ARG C 81 -55.69 -4.31 4.90
CA ARG C 81 -56.43 -4.26 3.65
C ARG C 81 -55.52 -3.94 2.48
N THR C 82 -54.23 -3.92 2.76
CA THR C 82 -53.26 -3.75 1.71
C THR C 82 -51.86 -4.05 2.23
N ASN C 83 -50.94 -4.25 1.30
CA ASN C 83 -49.56 -4.50 1.64
C ASN C 83 -49.05 -3.42 2.61
N PHE C 84 -47.84 -3.62 3.12
CA PHE C 84 -47.24 -2.67 4.05
C PHE C 84 -46.16 -1.87 3.37
N PHE C 85 -46.09 -2.01 2.05
CA PHE C 85 -45.06 -1.32 1.29
C PHE C 85 -45.15 0.20 1.45
N GLY C 86 -46.19 0.69 2.11
CA GLY C 86 -46.33 2.12 2.31
C GLY C 86 -44.99 2.80 2.49
N MET C 87 -44.35 2.52 3.62
CA MET C 87 -43.08 3.15 3.96
C MET C 87 -42.07 3.23 2.82
N ARG C 88 -42.10 2.28 1.90
CA ARG C 88 -41.00 2.15 0.94
C ARG C 88 -40.81 3.38 0.06
N HIS C 89 -41.48 4.47 0.41
CA HIS C 89 -41.21 5.76 -0.22
C HIS C 89 -40.02 6.41 0.49
N MET C 90 -39.17 7.11 -0.24
CA MET C 90 -38.09 7.86 0.41
C MET C 90 -38.44 9.32 0.53
N ASN C 91 -39.05 9.64 1.66
CA ASN C 91 -39.60 10.96 1.96
C ASN C 91 -38.68 12.13 1.61
N GLY C 92 -39.28 13.25 1.25
CA GLY C 92 -38.54 14.47 0.92
C GLY C 92 -38.06 14.50 -0.53
N PHE C 93 -38.36 13.42 -1.25
CA PHE C 93 -37.96 13.28 -2.65
C PHE C 93 -39.16 13.14 -3.55
N PRO C 94 -39.43 14.17 -4.36
CA PRO C 94 -40.69 14.28 -5.10
C PRO C 94 -40.65 13.47 -6.38
N MET C 95 -41.82 13.14 -6.88
CA MET C 95 -41.93 12.74 -8.26
C MET C 95 -41.54 13.95 -9.11
N ILE C 96 -41.22 13.70 -10.38
CA ILE C 96 -40.85 14.77 -11.30
C ILE C 96 -41.48 14.52 -12.66
N PRO C 97 -42.24 15.51 -13.15
CA PRO C 97 -42.46 16.71 -12.36
C PRO C 97 -43.76 16.59 -11.59
N ALA C 98 -44.08 17.61 -10.81
CA ALA C 98 -45.43 17.76 -10.32
C ALA C 98 -46.14 18.40 -11.49
N THR C 99 -47.46 18.34 -11.47
CA THR C 99 -48.25 18.75 -12.62
C THR C 99 -48.27 20.24 -12.74
N TRP C 100 -48.53 20.70 -13.95
CA TRP C 100 -48.91 22.08 -14.18
C TRP C 100 -50.42 22.17 -14.00
N PRO C 101 -50.86 23.08 -13.13
CA PRO C 101 -52.27 23.44 -12.95
C PRO C 101 -52.94 23.72 -14.29
N LEU C 102 -53.85 22.86 -14.72
CA LEU C 102 -54.60 23.09 -15.94
C LEU C 102 -55.19 24.47 -15.81
N ALA C 103 -55.21 25.25 -16.89
CA ALA C 103 -55.85 26.57 -16.90
C ALA C 103 -57.39 26.49 -17.05
N SER C 104 -57.88 25.49 -17.78
CA SER C 104 -59.30 25.15 -17.84
C SER C 104 -59.43 23.64 -17.71
N ASN C 105 -60.55 23.21 -17.15
CA ASN C 105 -60.80 21.79 -17.05
C ASN C 105 -61.95 21.33 -17.91
N LEU C 106 -62.53 22.27 -18.64
CA LEU C 106 -63.73 21.92 -19.38
C LEU C 106 -63.44 20.71 -20.24
N LYS C 107 -62.33 20.73 -20.96
CA LYS C 107 -62.02 19.59 -21.80
C LYS C 107 -61.69 18.35 -20.97
N LYS C 108 -60.97 18.51 -19.87
CA LYS C 108 -60.68 17.34 -19.05
C LYS C 108 -61.99 16.63 -18.78
N ARG C 109 -62.97 17.41 -18.33
CA ARG C 109 -64.28 16.87 -17.97
C ARG C 109 -64.96 16.21 -19.16
N ALA C 110 -65.06 16.96 -20.26
CA ALA C 110 -65.67 16.48 -21.49
C ALA C 110 -65.06 15.16 -21.99
N ASP C 111 -63.74 15.14 -22.15
CA ASP C 111 -63.03 13.95 -22.63
C ASP C 111 -63.26 12.78 -21.69
N ALA C 112 -63.78 13.07 -20.50
CA ALA C 112 -64.01 12.01 -19.52
C ALA C 112 -65.48 11.65 -19.41
N ASP C 113 -66.31 12.29 -20.23
CA ASP C 113 -67.74 12.01 -20.27
C ASP C 113 -68.52 12.55 -19.08
N LEU C 114 -67.97 13.54 -18.39
CA LEU C 114 -68.71 14.14 -17.30
C LEU C 114 -69.54 15.32 -17.80
N ALA C 115 -70.66 15.58 -17.15
CA ALA C 115 -71.60 16.57 -17.63
C ALA C 115 -71.05 17.99 -17.46
N ASP C 116 -71.43 18.88 -18.35
CA ASP C 116 -70.98 20.26 -18.24
C ASP C 116 -71.99 21.12 -17.50
N GLY C 117 -72.81 20.48 -16.68
CA GLY C 117 -73.84 21.20 -15.93
C GLY C 117 -74.85 20.21 -15.38
N PRO C 118 -75.83 20.68 -14.61
CA PRO C 118 -76.79 19.68 -14.14
C PRO C 118 -77.51 19.01 -15.33
N VAL C 119 -77.64 17.70 -15.27
CA VAL C 119 -78.25 16.89 -16.33
C VAL C 119 -79.78 16.94 -16.30
N SER C 120 -80.34 16.84 -15.10
CA SER C 120 -81.79 16.79 -14.90
C SER C 120 -82.30 17.84 -13.90
N GLU C 121 -83.38 18.51 -14.25
CA GLU C 121 -83.93 19.55 -13.39
C GLU C 121 -84.05 19.02 -11.95
N ARG C 122 -84.28 17.72 -11.81
CA ARG C 122 -84.24 17.14 -10.48
C ARG C 122 -82.90 17.52 -9.87
N ASP C 123 -81.82 17.05 -10.50
CA ASP C 123 -80.47 17.29 -10.03
C ASP C 123 -80.22 18.78 -9.72
N ASN C 124 -80.59 19.65 -10.67
CA ASN C 124 -80.43 21.10 -10.50
C ASN C 124 -81.06 21.64 -9.21
N LEU C 125 -82.24 21.11 -8.86
CA LEU C 125 -82.89 21.47 -7.61
C LEU C 125 -82.15 20.92 -6.41
N LEU C 126 -81.62 19.70 -6.55
CA LEU C 126 -80.88 19.07 -5.47
C LEU C 126 -79.63 19.85 -5.09
N PHE C 127 -78.94 20.39 -6.09
CA PHE C 127 -77.70 21.16 -5.87
C PHE C 127 -77.98 22.50 -5.21
N ARG C 128 -79.05 23.16 -5.65
CA ARG C 128 -79.44 24.44 -5.10
C ARG C 128 -79.96 24.24 -3.68
N ALA C 129 -80.57 23.07 -3.45
CA ALA C 129 -81.04 22.71 -2.13
C ALA C 129 -79.90 22.80 -1.14
N ALA C 130 -78.87 22.00 -1.38
CA ALA C 130 -77.70 22.01 -0.54
C ALA C 130 -77.28 23.44 -0.25
N VAL C 131 -77.22 24.26 -1.31
CA VAL C 131 -76.74 25.62 -1.13
C VAL C 131 -77.54 26.26 -0.01
N ARG C 132 -78.86 26.13 -0.09
CA ARG C 132 -79.75 26.73 0.90
C ARG C 132 -79.48 26.21 2.29
N LEU C 133 -79.47 24.89 2.45
CA LEU C 133 -79.33 24.31 3.80
C LEU C 133 -77.95 24.60 4.41
N MET C 134 -76.93 24.75 3.57
CA MET C 134 -75.59 25.07 4.07
C MET C 134 -75.45 26.55 4.45
N PHE C 135 -76.00 27.43 3.62
CA PHE C 135 -75.76 28.85 3.80
C PHE C 135 -76.97 29.62 4.33
N SER C 136 -77.55 29.09 5.40
CA SER C 136 -78.71 29.74 6.04
C SER C 136 -78.73 29.45 7.55
N ASP C 137 -79.04 30.49 8.33
CA ASP C 137 -79.10 30.43 9.79
C ASP C 137 -77.74 30.04 10.35
N LEU C 138 -76.78 30.92 10.12
CA LEU C 138 -75.40 30.68 10.56
C LEU C 138 -75.10 31.52 11.79
N GLU C 139 -74.49 30.91 12.79
CA GLU C 139 -74.10 31.63 13.99
C GLU C 139 -72.70 32.24 13.87
N PRO C 140 -72.61 33.59 14.01
CA PRO C 140 -71.39 34.38 13.92
C PRO C 140 -70.37 33.95 14.96
N VAL C 141 -69.19 33.58 14.50
CA VAL C 141 -68.14 33.13 15.41
C VAL C 141 -66.85 33.94 15.17
N PRO C 142 -65.76 33.62 15.89
CA PRO C 142 -64.55 34.37 15.58
C PRO C 142 -63.76 33.72 14.46
N LEU C 143 -63.18 34.51 13.57
CA LEU C 143 -62.39 33.98 12.48
C LEU C 143 -61.08 33.42 13.00
N LYS C 144 -60.91 32.10 12.90
CA LYS C 144 -59.72 31.42 13.42
C LYS C 144 -58.63 31.19 12.38
N ILE C 145 -57.44 31.69 12.70
CA ILE C 145 -56.30 31.66 11.84
C ILE C 145 -55.25 30.72 12.42
N ARG C 146 -54.80 29.76 11.62
CA ARG C 146 -53.76 28.82 12.04
C ARG C 146 -52.47 29.56 12.35
N LYS C 147 -51.63 28.96 13.18
CA LYS C 147 -50.40 29.61 13.59
C LYS C 147 -49.27 29.31 12.62
N GLY C 148 -48.61 30.38 12.15
CA GLY C 148 -47.45 30.23 11.30
C GLY C 148 -47.75 29.76 9.90
N SER C 149 -48.98 30.00 9.45
CA SER C 149 -49.34 29.70 8.06
C SER C 149 -49.15 30.95 7.22
N SER C 150 -48.47 30.82 6.09
CA SER C 150 -48.26 32.00 5.28
C SER C 150 -49.56 32.69 4.90
N THR C 151 -49.50 34.01 4.74
CA THR C 151 -50.63 34.75 4.21
C THR C 151 -50.53 34.74 2.72
N CYS C 152 -49.37 34.31 2.20
CA CYS C 152 -49.15 34.27 0.76
C CYS C 152 -49.40 35.58 0.04
N ILE C 153 -49.50 35.52 -1.27
CA ILE C 153 -49.58 36.72 -2.08
C ILE C 153 -50.45 37.82 -1.45
N PRO C 154 -49.91 39.03 -1.32
CA PRO C 154 -48.60 39.45 -1.80
C PRO C 154 -47.51 39.55 -0.72
N TYR C 155 -47.84 39.55 0.57
CA TYR C 155 -46.85 39.79 1.63
C TYR C 155 -46.12 38.55 2.15
N PHE C 156 -46.83 37.45 2.29
CA PHE C 156 -46.24 36.23 2.81
C PHE C 156 -45.80 36.35 4.29
N SER C 157 -46.57 37.09 5.08
CA SER C 157 -46.26 37.19 6.50
C SER C 157 -46.59 35.86 7.12
N ASN C 158 -45.91 35.56 8.22
CA ASN C 158 -46.08 34.29 8.88
C ASN C 158 -46.43 34.60 10.34
N ASP C 159 -46.41 35.89 10.62
CA ASP C 159 -46.60 36.42 11.96
C ASP C 159 -48.07 36.75 12.24
N MET C 160 -48.54 36.35 13.42
CA MET C 160 -49.94 36.51 13.79
C MET C 160 -50.42 37.97 13.85
N GLY C 161 -49.54 38.84 14.34
CA GLY C 161 -49.87 40.23 14.47
C GLY C 161 -50.18 40.85 13.13
N THR C 162 -49.40 40.48 12.12
CA THR C 162 -49.64 40.99 10.78
C THR C 162 -50.90 40.33 10.23
N LYS C 163 -50.92 38.99 10.27
CA LYS C 163 -52.09 38.20 9.88
C LYS C 163 -53.39 38.82 10.36
N ILE C 164 -53.46 39.10 11.66
CA ILE C 164 -54.66 39.69 12.24
C ILE C 164 -54.95 41.05 11.65
N GLU C 165 -53.92 41.91 11.58
CA GLU C 165 -54.12 43.24 11.00
C GLU C 165 -54.70 43.12 9.59
N ILE C 166 -54.22 42.16 8.82
CA ILE C 166 -54.76 41.92 7.49
C ILE C 166 -56.20 41.43 7.59
N ALA C 167 -56.38 40.28 8.24
CA ALA C 167 -57.70 39.72 8.44
C ALA C 167 -58.71 40.80 8.83
N GLU C 168 -58.49 41.46 9.94
CA GLU C 168 -59.36 42.56 10.34
C GLU C 168 -59.63 43.59 9.22
N ARG C 169 -58.57 44.15 8.67
CA ARG C 169 -58.67 45.10 7.55
C ARG C 169 -59.38 44.48 6.33
N ALA C 170 -59.25 43.17 6.16
CA ALA C 170 -60.00 42.48 5.13
C ALA C 170 -61.51 42.57 5.43
N LEU C 171 -61.91 42.13 6.63
CA LEU C 171 -63.31 42.11 7.01
C LEU C 171 -63.94 43.48 6.88
N GLU C 172 -63.12 44.51 7.02
CA GLU C 172 -63.61 45.88 7.03
C GLU C 172 -63.78 46.48 5.63
N LYS C 173 -62.89 46.13 4.71
CA LYS C 173 -62.94 46.74 3.39
C LYS C 173 -63.37 45.78 2.28
N ALA C 174 -63.79 44.57 2.66
CA ALA C 174 -64.15 43.54 1.66
C ALA C 174 -65.38 43.88 0.84
N GLU C 175 -66.38 44.49 1.49
CA GLU C 175 -67.56 44.95 0.78
C GLU C 175 -67.11 45.89 -0.33
N GLU C 176 -66.31 46.87 0.07
CA GLU C 176 -65.81 47.88 -0.83
C GLU C 176 -65.06 47.29 -2.03
N ALA C 177 -64.29 46.23 -1.78
CA ALA C 177 -63.53 45.57 -2.83
C ALA C 177 -64.43 44.69 -3.68
N GLY C 178 -65.47 44.13 -3.06
CA GLY C 178 -66.46 43.38 -3.81
C GLY C 178 -67.04 44.22 -4.94
N ASN C 179 -67.55 45.38 -4.58
CA ASN C 179 -68.15 46.27 -5.55
C ASN C 179 -67.23 46.73 -6.69
N LEU C 180 -65.96 46.98 -6.40
CA LEU C 180 -65.02 47.29 -7.47
C LEU C 180 -64.91 46.12 -8.45
N MET C 181 -64.80 44.91 -7.92
CA MET C 181 -64.78 43.72 -8.77
C MET C 181 -66.05 43.61 -9.55
N LEU C 182 -67.18 43.89 -8.90
CA LEU C 182 -68.45 43.88 -9.60
C LEU C 182 -68.39 44.81 -10.80
N GLN C 183 -67.68 45.93 -10.64
CA GLN C 183 -67.44 46.85 -11.74
C GLN C 183 -66.26 46.44 -12.61
N GLY C 184 -65.79 45.21 -12.47
CA GLY C 184 -64.72 44.73 -13.32
C GLY C 184 -63.36 45.38 -13.08
N LYS C 185 -63.29 46.23 -12.06
CA LYS C 185 -62.05 46.91 -11.69
C LYS C 185 -61.30 46.07 -10.67
N PHE C 186 -60.76 44.95 -11.10
CA PHE C 186 -60.05 44.02 -10.22
C PHE C 186 -58.72 44.58 -9.76
N ASP C 187 -57.95 45.10 -10.70
CA ASP C 187 -56.67 45.70 -10.37
C ASP C 187 -56.85 46.69 -9.23
N ASP C 188 -57.98 47.40 -9.23
CA ASP C 188 -58.25 48.42 -8.23
C ASP C 188 -58.61 47.79 -6.89
N ALA C 189 -59.22 46.61 -6.93
CA ALA C 189 -59.60 45.91 -5.72
C ALA C 189 -58.35 45.28 -5.09
N TYR C 190 -57.50 44.70 -5.94
CA TYR C 190 -56.26 44.11 -5.48
C TYR C 190 -55.27 45.16 -4.96
N GLN C 191 -55.07 46.24 -5.69
CA GLN C 191 -54.03 47.18 -5.33
C GLN C 191 -54.40 47.90 -4.06
N LEU C 192 -55.70 48.14 -3.91
CA LEU C 192 -56.20 48.88 -2.78
C LEU C 192 -56.33 48.01 -1.56
N HIS C 193 -56.70 46.75 -1.76
CA HIS C 193 -57.07 45.90 -0.65
C HIS C 193 -56.37 44.55 -0.64
N GLN C 194 -55.56 44.32 -1.66
CA GLN C 194 -54.87 43.06 -1.81
C GLN C 194 -55.87 41.92 -2.00
N MET C 195 -57.03 42.24 -2.53
CA MET C 195 -58.04 41.21 -2.72
C MET C 195 -58.09 40.87 -4.21
N GLY C 196 -57.61 39.67 -4.51
CA GLY C 196 -57.42 39.23 -5.87
C GLY C 196 -55.97 38.87 -5.99
N GLY C 197 -55.41 39.01 -7.19
CA GLY C 197 -54.00 38.70 -7.40
C GLY C 197 -53.87 37.34 -8.02
N ALA C 198 -53.61 36.34 -7.19
CA ALA C 198 -53.48 34.95 -7.66
C ALA C 198 -53.16 33.97 -6.54
N TYR C 199 -53.34 32.69 -6.85
CA TYR C 199 -53.00 31.65 -5.92
C TYR C 199 -51.53 31.31 -6.07
N TYR C 200 -50.90 30.85 -4.99
CA TYR C 200 -49.48 30.46 -5.03
C TYR C 200 -49.37 28.95 -4.79
N VAL C 201 -48.82 28.22 -5.75
CA VAL C 201 -48.77 26.75 -5.69
C VAL C 201 -47.90 26.27 -4.54
N VAL C 202 -48.47 25.49 -3.62
CA VAL C 202 -47.70 24.87 -2.56
C VAL C 202 -47.80 23.38 -2.78
N TYR C 203 -46.79 22.64 -2.32
CA TYR C 203 -46.79 21.19 -2.49
C TYR C 203 -46.96 20.46 -1.14
N ARG C 204 -47.46 19.24 -1.19
CA ARG C 204 -47.63 18.42 0.00
C ARG C 204 -47.28 17.01 -0.40
N ALA C 205 -46.24 16.45 0.22
CA ALA C 205 -45.90 15.08 -0.09
C ALA C 205 -46.82 14.16 0.67
N GLN C 206 -47.04 12.99 0.08
CA GLN C 206 -47.74 11.93 0.77
C GLN C 206 -47.63 10.74 -0.15
N SER C 207 -46.70 9.83 0.09
CA SER C 207 -45.96 9.61 1.34
C SER C 207 -46.23 8.12 1.34
N THR C 208 -47.44 7.83 0.87
CA THR C 208 -47.85 6.54 0.36
C THR C 208 -49.08 6.74 -0.53
N ASP C 209 -48.81 6.93 -1.82
CA ASP C 209 -49.81 6.78 -2.84
C ASP C 209 -50.19 5.31 -2.75
N ALA C 210 -49.42 4.48 -3.46
CA ALA C 210 -49.46 3.01 -3.35
C ALA C 210 -48.34 2.33 -4.15
N ILE C 211 -47.69 1.34 -3.53
CA ILE C 211 -46.62 0.55 -4.17
C ILE C 211 -46.99 -0.93 -4.14
N THR C 212 -46.68 -1.66 -5.20
CA THR C 212 -47.02 -3.08 -5.26
C THR C 212 -46.02 -3.97 -6.01
N LEU C 213 -46.28 -5.27 -5.95
CA LEU C 213 -45.45 -6.33 -6.55
C LEU C 213 -46.18 -7.00 -7.71
N ASP C 214 -45.52 -7.15 -8.86
CA ASP C 214 -46.21 -7.58 -10.11
C ASP C 214 -46.95 -8.94 -10.10
N PRO C 215 -46.22 -10.08 -10.07
CA PRO C 215 -44.79 -10.35 -10.13
C PRO C 215 -44.40 -10.96 -11.47
N LYS C 216 -45.27 -10.89 -12.46
CA LYS C 216 -44.90 -11.25 -13.82
C LYS C 216 -44.60 -9.98 -14.61
N THR C 217 -43.42 -9.41 -14.35
CA THR C 217 -42.95 -8.19 -15.00
C THR C 217 -41.47 -8.00 -14.72
N GLY C 218 -41.10 -7.78 -13.46
CA GLY C 218 -42.04 -7.63 -12.36
C GLY C 218 -41.59 -8.43 -11.16
N LYS C 219 -40.97 -7.83 -10.15
CA LYS C 219 -40.60 -6.41 -10.06
C LYS C 219 -41.69 -5.45 -9.55
N PHE C 220 -41.24 -4.26 -9.16
CA PHE C 220 -42.03 -3.27 -8.42
C PHE C 220 -42.70 -2.18 -9.27
N VAL C 221 -43.90 -1.80 -8.86
CA VAL C 221 -44.63 -0.75 -9.54
C VAL C 221 -45.30 0.20 -8.55
N SER C 222 -45.08 1.49 -8.77
CA SER C 222 -45.67 2.57 -8.00
C SER C 222 -46.79 3.25 -8.77
N LYS C 223 -47.89 3.55 -8.09
CA LYS C 223 -49.06 4.18 -8.72
C LYS C 223 -48.63 5.29 -9.66
N ASP C 224 -48.98 5.15 -10.93
CA ASP C 224 -48.64 6.19 -11.89
C ASP C 224 -49.60 7.33 -11.65
N ARG C 225 -49.04 8.54 -11.60
CA ARG C 225 -49.85 9.73 -11.36
C ARG C 225 -49.70 10.75 -12.48
N MET C 226 -50.69 10.79 -13.35
CA MET C 226 -50.61 11.63 -14.54
C MET C 226 -50.53 13.11 -14.15
N VAL C 227 -49.59 13.81 -14.78
CA VAL C 227 -49.41 15.24 -14.56
C VAL C 227 -49.30 15.98 -15.90
N ALA C 228 -49.68 17.25 -15.90
CA ALA C 228 -49.71 18.00 -17.15
C ALA C 228 -48.41 18.77 -17.41
N ASP C 229 -48.18 19.08 -18.69
CA ASP C 229 -47.06 19.93 -19.11
C ASP C 229 -47.57 21.31 -19.47
N PHE C 230 -46.71 22.31 -19.36
CA PHE C 230 -47.12 23.68 -19.60
C PHE C 230 -48.08 23.77 -20.75
N GLU C 231 -47.76 23.07 -21.84
CA GLU C 231 -48.57 23.15 -23.06
C GLU C 231 -50.03 22.73 -22.81
N TYR C 232 -50.22 21.56 -22.19
CA TYR C 232 -51.54 21.12 -21.73
C TYR C 232 -52.22 22.19 -20.87
N ALA C 233 -51.53 22.63 -19.82
CA ALA C 233 -52.08 23.60 -18.90
C ALA C 233 -52.70 24.79 -19.61
N VAL C 234 -51.86 25.54 -20.31
CA VAL C 234 -52.30 26.81 -20.89
C VAL C 234 -53.32 26.63 -22.00
N THR C 235 -53.47 25.41 -22.49
CA THR C 235 -54.31 25.19 -23.67
C THR C 235 -55.45 24.23 -23.39
N GLY C 236 -55.83 24.12 -22.14
CA GLY C 236 -56.93 23.24 -21.79
C GLY C 236 -56.67 21.82 -22.24
N GLY C 237 -55.40 21.47 -22.41
CA GLY C 237 -55.04 20.13 -22.83
C GLY C 237 -55.30 19.78 -24.29
N GLU C 238 -55.29 20.79 -25.16
CA GLU C 238 -55.52 20.56 -26.58
C GLU C 238 -54.20 20.40 -27.29
N GLN C 239 -53.16 20.98 -26.71
CA GLN C 239 -51.81 20.67 -27.08
C GLN C 239 -51.12 20.16 -25.80
N GLY C 240 -50.01 19.46 -25.95
CA GLY C 240 -49.28 18.98 -24.79
C GLY C 240 -49.76 17.65 -24.25
N SER C 241 -48.82 16.84 -23.76
CA SER C 241 -49.11 15.51 -23.25
C SER C 241 -49.51 15.47 -21.77
N LEU C 242 -50.41 14.56 -21.44
CA LEU C 242 -50.83 14.37 -20.07
C LEU C 242 -50.14 13.14 -19.50
N PHE C 243 -48.82 13.09 -19.65
CA PHE C 243 -48.06 11.89 -19.30
C PHE C 243 -47.92 11.67 -17.81
N ALA C 244 -47.57 10.45 -17.42
CA ALA C 244 -47.35 10.13 -16.02
C ALA C 244 -46.05 10.75 -15.46
N ALA C 245 -45.98 10.89 -14.14
CA ALA C 245 -44.79 11.43 -13.48
C ALA C 245 -43.84 10.30 -13.09
N SER C 246 -42.61 10.67 -12.72
CA SER C 246 -41.53 9.70 -12.53
C SER C 246 -41.12 9.50 -11.07
N LYS C 247 -41.74 8.53 -10.40
CA LYS C 247 -41.40 8.18 -9.02
C LYS C 247 -40.12 7.35 -8.87
N ASP C 248 -39.17 7.52 -9.78
CA ASP C 248 -37.99 6.65 -9.81
C ASP C 248 -36.99 6.97 -8.71
N ALA C 249 -36.54 5.93 -8.02
CA ALA C 249 -35.62 6.09 -6.91
C ALA C 249 -34.16 5.90 -7.32
N SER C 250 -33.94 5.41 -8.54
CA SER C 250 -32.59 5.15 -9.03
C SER C 250 -31.83 6.42 -9.46
N ARG C 251 -32.53 7.54 -9.52
CA ARG C 251 -31.87 8.79 -9.85
C ARG C 251 -31.16 9.32 -8.62
N LEU C 252 -31.35 8.62 -7.50
CA LEU C 252 -30.86 9.08 -6.20
C LEU C 252 -29.47 8.57 -5.81
N LYS C 253 -29.23 7.27 -5.97
CA LYS C 253 -27.91 6.71 -5.68
C LYS C 253 -26.82 7.42 -6.49
N GLU C 254 -27.24 8.18 -7.49
CA GLU C 254 -26.31 8.88 -8.38
C GLU C 254 -26.35 10.41 -8.22
N GLN C 255 -27.53 10.93 -7.89
CA GLN C 255 -27.73 12.38 -7.88
C GLN C 255 -27.31 13.04 -6.57
N TYR C 256 -26.89 12.24 -5.59
CA TYR C 256 -26.64 12.78 -4.26
C TYR C 256 -25.41 12.28 -3.45
N GLY C 257 -25.20 10.98 -3.38
CA GLY C 257 -26.07 9.99 -3.97
C GLY C 257 -26.31 8.84 -3.02
N ILE C 258 -27.42 8.93 -2.29
CA ILE C 258 -27.79 7.91 -1.31
C ILE C 258 -28.13 6.57 -1.97
N ASP C 259 -27.58 5.49 -1.42
CA ASP C 259 -27.82 4.15 -1.97
C ASP C 259 -29.27 3.71 -1.72
N VAL C 260 -30.01 3.50 -2.80
CA VAL C 260 -31.44 3.28 -2.70
C VAL C 260 -31.88 1.86 -3.06
N PRO C 261 -32.49 1.16 -2.10
CA PRO C 261 -32.96 -0.21 -2.33
C PRO C 261 -34.00 -0.24 -3.46
N ASP C 262 -34.01 -1.30 -4.26
CA ASP C 262 -35.15 -1.53 -5.13
C ASP C 262 -36.29 -1.91 -4.22
N GLY C 263 -37.50 -1.51 -4.59
CA GLY C 263 -38.65 -1.65 -3.70
C GLY C 263 -39.02 -0.32 -3.07
N PHE C 264 -38.15 0.67 -3.26
CA PHE C 264 -38.34 2.01 -2.73
C PHE C 264 -38.69 2.99 -3.83
N PHE C 265 -39.46 4.01 -3.49
CA PHE C 265 -39.92 4.98 -4.48
C PHE C 265 -39.92 6.42 -3.96
N CYS C 266 -39.98 7.36 -4.89
CA CYS C 266 -40.28 8.74 -4.54
C CYS C 266 -41.74 8.82 -4.14
N GLU C 267 -42.07 9.75 -3.23
CA GLU C 267 -43.46 9.92 -2.76
C GLU C 267 -44.29 10.82 -3.68
N ARG C 268 -45.61 10.68 -3.59
CA ARG C 268 -46.52 11.42 -4.45
C ARG C 268 -46.54 12.90 -4.08
N ARG C 269 -46.62 13.77 -5.09
CA ARG C 269 -46.61 15.23 -4.91
C ARG C 269 -47.97 15.87 -5.20
N ARG C 270 -48.81 16.00 -4.17
CA ARG C 270 -50.07 16.73 -4.36
C ARG C 270 -49.74 18.18 -4.52
N THR C 271 -50.40 18.84 -5.47
CA THR C 271 -50.19 20.26 -5.63
C THR C 271 -51.42 21.00 -5.07
N ALA C 272 -51.15 21.93 -4.15
CA ALA C 272 -52.20 22.75 -3.53
C ALA C 272 -51.99 24.24 -3.82
N MET C 273 -52.94 25.07 -3.42
CA MET C 273 -52.86 26.50 -3.70
C MET C 273 -53.10 27.43 -2.49
N GLY C 274 -52.05 28.11 -2.03
CA GLY C 274 -52.15 29.07 -0.96
C GLY C 274 -52.83 30.34 -1.42
N GLY C 275 -53.97 30.67 -0.80
CA GLY C 275 -54.79 31.79 -1.22
C GLY C 275 -54.30 33.17 -0.79
N PRO C 276 -54.69 34.21 -1.53
CA PRO C 276 -54.32 35.56 -1.13
C PRO C 276 -55.11 35.94 0.11
N PHE C 277 -54.46 35.83 1.25
CA PHE C 277 -55.15 35.93 2.53
C PHE C 277 -56.28 36.94 2.57
N ALA C 278 -56.08 38.13 2.02
CA ALA C 278 -57.11 39.17 2.12
C ALA C 278 -58.41 38.85 1.39
N LEU C 279 -58.35 37.99 0.38
CA LEU C 279 -59.56 37.54 -0.29
C LEU C 279 -60.10 36.39 0.51
N ASN C 280 -59.20 35.60 1.08
CA ASN C 280 -59.62 34.38 1.76
C ASN C 280 -60.28 34.69 3.08
N ALA C 281 -59.79 35.70 3.78
CA ALA C 281 -60.32 36.07 5.08
C ALA C 281 -61.85 36.15 5.12
N PRO C 282 -62.44 36.99 4.25
CA PRO C 282 -63.90 37.11 4.24
C PRO C 282 -64.58 35.77 3.97
N ILE C 283 -64.00 34.96 3.10
CA ILE C 283 -64.60 33.67 2.79
C ILE C 283 -64.55 32.78 4.04
N MET C 284 -63.36 32.61 4.63
CA MET C 284 -63.21 31.85 5.86
C MET C 284 -64.24 32.31 6.90
N ALA C 285 -64.45 33.62 6.95
CA ALA C 285 -65.44 34.20 7.86
C ALA C 285 -66.85 33.65 7.66
N VAL C 286 -67.21 33.36 6.41
CA VAL C 286 -68.52 32.79 6.10
C VAL C 286 -68.50 31.27 6.17
N ALA C 287 -67.34 30.67 5.91
CA ALA C 287 -67.28 29.22 5.83
C ALA C 287 -67.36 28.54 7.18
N GLN C 288 -66.56 29.01 8.14
CA GLN C 288 -66.51 28.36 9.45
C GLN C 288 -67.90 28.15 10.03
N PRO C 289 -68.72 29.21 10.07
CA PRO C 289 -70.14 29.12 10.45
C PRO C 289 -70.88 27.99 9.75
N VAL C 290 -70.80 27.96 8.42
CA VAL C 290 -71.38 26.90 7.59
C VAL C 290 -70.93 25.53 8.06
N ARG C 291 -69.68 25.42 8.49
CA ARG C 291 -69.21 24.18 9.10
C ARG C 291 -69.97 23.90 10.40
N ASN C 292 -70.02 24.88 11.28
CA ASN C 292 -70.76 24.72 12.52
C ASN C 292 -72.18 24.27 12.20
N LYS C 293 -72.73 24.75 11.08
CA LYS C 293 -74.07 24.31 10.74
C LYS C 293 -74.07 22.85 10.35
N ILE C 294 -73.49 22.52 9.20
CA ILE C 294 -73.55 21.16 8.70
C ILE C 294 -72.94 20.12 9.63
N TYR C 295 -72.22 20.55 10.66
CA TYR C 295 -71.56 19.58 11.53
C TYR C 295 -72.49 19.18 12.66
N SER C 296 -73.49 20.02 12.91
CA SER C 296 -74.44 19.78 13.95
C SER C 296 -75.78 19.43 13.30
N LYS C 297 -76.49 20.44 12.82
CA LYS C 297 -77.73 20.16 12.13
C LYS C 297 -77.64 18.92 11.24
N TYR C 298 -76.62 18.86 10.40
CA TYR C 298 -76.51 17.72 9.48
C TYR C 298 -75.35 16.81 9.85
N ALA C 299 -75.20 16.60 11.15
CA ALA C 299 -74.11 15.81 11.68
C ALA C 299 -74.10 14.35 11.21
N TYR C 300 -75.25 13.82 10.82
CA TYR C 300 -75.29 12.39 10.56
C TYR C 300 -74.33 12.03 9.44
N THR C 301 -74.41 12.77 8.35
CA THR C 301 -73.54 12.52 7.22
C THR C 301 -72.21 13.25 7.36
N PHE C 302 -72.21 14.39 8.07
CA PHE C 302 -71.07 15.30 8.01
C PHE C 302 -70.10 15.42 9.20
N HIS C 303 -70.37 14.76 10.31
CA HIS C 303 -69.54 14.98 11.50
C HIS C 303 -69.22 13.74 12.33
N HIS C 304 -68.19 13.05 11.90
CA HIS C 304 -67.80 11.82 12.56
C HIS C 304 -66.63 12.07 13.51
N THR C 305 -66.86 11.82 14.79
CA THR C 305 -65.86 12.08 15.81
C THR C 305 -65.15 10.79 16.22
N THR C 306 -65.77 10.03 17.12
CA THR C 306 -65.19 8.78 17.56
C THR C 306 -65.71 7.59 16.77
N ARG C 307 -64.99 6.48 16.88
CA ARG C 307 -65.37 5.24 16.24
C ARG C 307 -66.71 4.72 16.78
N LEU C 308 -66.98 4.98 18.06
CA LEU C 308 -68.27 4.61 18.65
C LEU C 308 -69.37 5.49 18.10
N ASN C 309 -68.98 6.67 17.65
CA ASN C 309 -69.90 7.60 17.01
C ASN C 309 -70.18 7.22 15.54
N LYS C 310 -69.29 6.41 14.96
CA LYS C 310 -69.45 5.92 13.59
C LYS C 310 -70.30 4.65 13.53
N GLU C 311 -69.78 3.56 14.09
CA GLU C 311 -70.52 2.31 14.22
C GLU C 311 -72.00 2.59 14.43
N GLU C 312 -72.29 3.45 15.39
CA GLU C 312 -73.64 3.92 15.66
C GLU C 312 -74.48 4.06 14.38
N LYS C 313 -73.89 4.68 13.37
CA LYS C 313 -74.62 5.06 12.15
C LYS C 313 -74.67 3.94 11.11
N VAL C 314 -73.67 3.09 11.12
CA VAL C 314 -73.57 2.01 10.15
C VAL C 314 -74.45 0.81 10.52
N LYS C 315 -74.70 0.61 11.81
CA LYS C 315 -75.35 -0.61 12.29
C LYS C 315 -76.68 -0.96 11.61
N GLU C 316 -77.48 0.03 11.26
CA GLU C 316 -78.74 -0.23 10.56
C GLU C 316 -78.51 -0.44 9.05
N TRP C 317 -77.28 -0.23 8.63
CA TRP C 317 -76.90 -0.43 7.22
C TRP C 317 -76.81 -1.91 6.87
N SER C 318 -77.48 -2.29 5.78
CA SER C 318 -77.48 -3.68 5.32
C SER C 318 -76.48 -3.83 4.16
N LEU C 319 -75.88 -2.72 3.75
CA LEU C 319 -74.87 -2.69 2.71
C LEU C 319 -74.03 -1.42 2.83
N CYS C 320 -72.72 -1.57 2.72
CA CYS C 320 -71.82 -0.46 3.01
C CYS C 320 -70.69 -0.39 1.99
N VAL C 321 -70.64 0.72 1.25
CA VAL C 321 -69.72 0.84 0.13
C VAL C 321 -68.82 2.08 0.20
N ALA C 322 -67.50 1.83 0.24
CA ALA C 322 -66.51 2.91 0.24
C ALA C 322 -66.27 3.42 -1.16
N THR C 323 -66.69 4.65 -1.41
CA THR C 323 -66.40 5.26 -2.71
C THR C 323 -65.53 6.53 -2.58
N ASP C 324 -64.76 6.80 -3.63
CA ASP C 324 -63.89 7.96 -3.63
C ASP C 324 -63.78 8.52 -5.03
N VAL C 325 -63.30 9.75 -5.10
CA VAL C 325 -62.87 10.41 -6.32
C VAL C 325 -61.47 10.82 -5.93
N SER C 326 -60.40 10.54 -6.68
CA SER C 326 -60.30 10.11 -8.08
C SER C 326 -59.56 11.27 -8.74
N ASP C 327 -58.73 11.93 -7.92
CA ASP C 327 -58.06 13.18 -8.28
C ASP C 327 -58.98 14.42 -8.26
N HIS C 328 -59.97 14.38 -7.37
CA HIS C 328 -60.99 15.42 -7.14
C HIS C 328 -60.75 16.78 -7.77
N ASP C 329 -60.45 17.76 -6.91
CA ASP C 329 -59.82 19.01 -7.29
C ASP C 329 -59.87 19.40 -8.77
N THR C 330 -58.92 18.86 -9.53
CA THR C 330 -58.76 19.21 -10.92
C THR C 330 -60.03 18.90 -11.74
N PHE C 331 -60.99 18.26 -11.10
CA PHE C 331 -62.17 17.81 -11.80
C PHE C 331 -63.38 18.64 -11.44
N TRP C 332 -63.38 19.19 -10.23
CA TRP C 332 -64.45 20.07 -9.77
C TRP C 332 -64.98 21.04 -10.87
N PRO C 333 -66.32 21.18 -10.98
CA PRO C 333 -66.98 21.91 -12.06
C PRO C 333 -67.16 23.40 -11.79
N GLY C 334 -66.55 24.23 -12.61
CA GLY C 334 -66.73 25.66 -12.50
C GLY C 334 -68.21 25.99 -12.56
N TRP C 335 -68.99 25.07 -13.12
CA TRP C 335 -70.42 25.30 -13.27
C TRP C 335 -71.13 25.21 -11.94
N LEU C 336 -70.57 24.43 -11.03
CA LEU C 336 -71.10 24.34 -9.68
C LEU C 336 -70.90 25.66 -8.99
N ARG C 337 -69.69 26.18 -9.07
CA ARG C 337 -69.36 27.49 -8.52
C ARG C 337 -70.33 28.56 -9.01
N ASP C 338 -70.62 28.52 -10.30
CA ASP C 338 -71.55 29.46 -10.90
C ASP C 338 -72.94 29.32 -10.32
N LEU C 339 -73.36 28.06 -10.12
CA LEU C 339 -74.65 27.74 -9.54
C LEU C 339 -74.71 28.24 -8.11
N ILE C 340 -73.79 27.76 -7.27
CA ILE C 340 -73.72 28.16 -5.87
C ILE C 340 -73.83 29.68 -5.68
N CYS C 341 -73.15 30.44 -6.53
CA CYS C 341 -73.20 31.89 -6.43
C CYS C 341 -74.61 32.38 -6.75
N ASP C 342 -75.08 32.00 -7.93
CA ASP C 342 -76.42 32.30 -8.37
C ASP C 342 -77.47 32.03 -7.27
N GLU C 343 -77.38 30.86 -6.67
CA GLU C 343 -78.31 30.49 -5.61
C GLU C 343 -78.12 31.33 -4.35
N LEU C 344 -76.87 31.53 -3.96
CA LEU C 344 -76.56 32.50 -2.91
C LEU C 344 -77.20 33.87 -3.18
N LEU C 345 -77.11 34.36 -4.41
CA LEU C 345 -77.65 35.66 -4.70
C LEU C 345 -79.15 35.64 -4.47
N ASN C 346 -79.82 34.66 -5.09
CA ASN C 346 -81.25 34.45 -4.89
C ASN C 346 -81.63 34.41 -3.40
N MET C 347 -80.82 33.73 -2.58
CA MET C 347 -81.12 33.62 -1.15
C MET C 347 -81.10 34.96 -0.40
N GLY C 348 -80.44 35.97 -0.95
CA GLY C 348 -80.36 37.25 -0.27
C GLY C 348 -78.97 37.71 0.14
N TYR C 349 -77.95 36.90 -0.14
CA TYR C 349 -76.56 37.21 0.21
C TYR C 349 -76.05 38.43 -0.53
N ALA C 350 -75.21 39.22 0.13
CA ALA C 350 -74.70 40.44 -0.47
C ALA C 350 -73.93 40.10 -1.73
N PRO C 351 -74.27 40.75 -2.84
CA PRO C 351 -73.65 40.45 -4.14
C PRO C 351 -72.17 40.76 -4.18
N TRP C 352 -71.73 41.77 -3.42
CA TRP C 352 -70.30 42.09 -3.33
C TRP C 352 -69.52 40.92 -2.71
N TRP C 353 -70.09 40.28 -1.71
CA TRP C 353 -69.48 39.10 -1.13
C TRP C 353 -69.49 37.89 -2.06
N VAL C 354 -70.57 37.72 -2.81
CA VAL C 354 -70.66 36.57 -3.71
C VAL C 354 -69.65 36.77 -4.84
N LYS C 355 -69.49 38.02 -5.25
CA LYS C 355 -68.51 38.32 -6.28
C LYS C 355 -67.06 37.97 -5.84
N LEU C 356 -66.81 38.03 -4.52
CA LEU C 356 -65.50 37.70 -3.93
C LEU C 356 -65.38 36.20 -3.96
N PHE C 357 -66.37 35.55 -3.38
CA PHE C 357 -66.39 34.11 -3.31
C PHE C 357 -66.21 33.60 -4.72
N GLU C 358 -66.89 34.22 -5.66
CA GLU C 358 -66.87 33.77 -7.05
C GLU C 358 -65.47 33.88 -7.63
N THR C 359 -64.82 35.01 -7.34
CA THR C 359 -63.51 35.31 -7.88
C THR C 359 -62.52 34.33 -7.28
N SER C 360 -62.69 34.04 -6.01
CA SER C 360 -61.75 33.16 -5.33
C SER C 360 -61.71 31.83 -6.06
N LEU C 361 -62.73 31.57 -6.88
CA LEU C 361 -62.79 30.32 -7.61
C LEU C 361 -62.49 30.48 -9.10
N LYS C 362 -62.13 31.70 -9.50
CA LYS C 362 -61.71 31.99 -10.88
C LYS C 362 -60.31 32.59 -10.93
N LEU C 363 -59.73 32.83 -9.76
CA LEU C 363 -58.42 33.46 -9.61
C LEU C 363 -57.27 32.71 -10.30
N PRO C 364 -56.37 33.46 -10.98
CA PRO C 364 -55.15 32.95 -11.63
C PRO C 364 -54.28 32.18 -10.65
N VAL C 365 -53.22 31.57 -11.15
CA VAL C 365 -52.30 30.90 -10.26
C VAL C 365 -50.87 31.13 -10.73
N TYR C 366 -49.95 31.13 -9.77
CA TYR C 366 -48.54 31.30 -10.00
C TYR C 366 -47.83 29.98 -9.71
N VAL C 367 -47.28 29.36 -10.74
CA VAL C 367 -46.54 28.12 -10.58
C VAL C 367 -45.06 28.47 -10.42
N GLY C 368 -44.46 28.11 -9.30
CA GLY C 368 -43.11 28.57 -9.01
C GLY C 368 -41.93 27.61 -9.14
N ALA C 369 -42.18 26.30 -9.20
CA ALA C 369 -41.10 25.31 -9.18
C ALA C 369 -41.61 23.88 -9.12
N PRO C 370 -42.28 23.42 -10.19
CA PRO C 370 -42.85 22.07 -10.22
C PRO C 370 -41.80 21.08 -10.67
N ALA C 371 -40.63 21.58 -11.06
CA ALA C 371 -39.58 20.76 -11.65
C ALA C 371 -38.25 21.53 -11.74
N PRO C 372 -37.12 20.79 -11.81
CA PRO C 372 -35.83 21.47 -11.91
C PRO C 372 -35.84 22.39 -13.09
N GLU C 373 -35.27 23.57 -12.93
CA GLU C 373 -35.30 24.60 -13.96
C GLU C 373 -36.67 24.58 -14.61
N GLN C 374 -37.64 25.26 -14.00
CA GLN C 374 -39.02 25.18 -14.48
C GLN C 374 -39.99 25.78 -13.46
N GLY C 375 -40.81 26.72 -13.91
CA GLY C 375 -41.72 27.40 -13.01
C GLY C 375 -41.68 28.90 -13.18
N HIS C 376 -41.72 29.63 -12.07
CA HIS C 376 -41.74 31.07 -12.08
C HIS C 376 -42.59 31.60 -13.21
N THR C 377 -43.87 31.23 -13.22
CA THR C 377 -44.80 31.62 -14.27
C THR C 377 -46.23 31.88 -13.77
N LEU C 378 -46.84 32.95 -14.24
CA LEU C 378 -48.18 33.30 -13.80
C LEU C 378 -49.26 32.94 -14.83
N LEU C 379 -50.12 31.98 -14.53
CA LEU C 379 -51.21 31.61 -15.44
C LEU C 379 -52.47 32.39 -15.13
N GLY C 380 -52.99 33.07 -16.14
CA GLY C 380 -54.17 33.88 -15.94
C GLY C 380 -53.89 35.36 -15.73
N ASP C 381 -54.83 36.20 -16.15
CA ASP C 381 -54.62 37.62 -16.03
C ASP C 381 -55.40 38.19 -14.86
N PRO C 382 -54.70 38.54 -13.79
CA PRO C 382 -55.45 39.06 -12.63
C PRO C 382 -56.33 40.27 -13.00
N SER C 383 -56.01 40.96 -14.09
CA SER C 383 -56.76 42.13 -14.48
C SER C 383 -58.19 41.73 -14.83
N ASN C 384 -58.37 40.43 -15.04
CA ASN C 384 -59.66 39.90 -15.43
C ASN C 384 -59.69 38.39 -15.23
N PRO C 385 -59.85 37.96 -13.97
CA PRO C 385 -59.76 36.57 -13.53
C PRO C 385 -60.81 35.68 -14.20
N ASP C 386 -60.37 34.60 -14.84
CA ASP C 386 -61.29 33.73 -15.56
C ASP C 386 -60.80 32.30 -15.74
N LEU C 387 -59.91 31.86 -14.86
CA LEU C 387 -59.38 30.50 -14.93
C LEU C 387 -60.37 29.45 -14.45
N GLU C 388 -60.23 28.23 -14.94
CA GLU C 388 -61.17 27.17 -14.62
C GLU C 388 -60.40 25.94 -14.18
N VAL C 389 -59.56 26.13 -13.17
CA VAL C 389 -58.76 25.03 -12.63
C VAL C 389 -59.62 24.06 -11.79
N GLY C 390 -60.84 24.47 -11.48
CA GLY C 390 -61.67 23.74 -10.55
C GLY C 390 -61.53 24.22 -9.12
N LEU C 391 -61.34 23.28 -8.22
CA LEU C 391 -61.23 23.57 -6.81
C LEU C 391 -59.79 23.93 -6.50
N SER C 392 -59.54 25.18 -6.11
CA SER C 392 -58.20 25.56 -5.65
C SER C 392 -58.11 25.32 -4.15
N SER C 393 -57.44 24.24 -3.76
CA SER C 393 -57.40 23.73 -2.37
C SER C 393 -57.47 24.77 -1.23
N GLY C 394 -56.48 25.65 -1.15
CA GLY C 394 -56.37 26.57 -0.04
C GLY C 394 -57.42 27.65 0.12
N GLN C 395 -58.48 27.60 -0.71
CA GLN C 395 -59.60 28.53 -0.61
C GLN C 395 -60.44 28.26 0.64
N GLY C 396 -60.88 29.33 1.32
CA GLY C 396 -61.58 29.20 2.57
C GLY C 396 -62.59 28.07 2.66
N ALA C 397 -63.53 28.03 1.73
CA ALA C 397 -64.60 27.03 1.79
C ALA C 397 -64.26 25.73 1.07
N THR C 398 -63.00 25.34 1.11
CA THR C 398 -62.50 24.28 0.24
C THR C 398 -63.14 22.93 0.50
N ASP C 399 -63.27 22.55 1.78
CA ASP C 399 -63.93 21.30 2.09
C ASP C 399 -65.43 21.41 1.81
N LEU C 400 -66.01 22.58 2.08
CA LEU C 400 -67.41 22.77 1.79
C LEU C 400 -67.73 22.55 0.32
N MET C 401 -66.88 23.05 -0.59
CA MET C 401 -67.10 22.83 -2.01
C MET C 401 -66.97 21.34 -2.39
N GLY C 402 -66.04 20.64 -1.76
CA GLY C 402 -65.88 19.22 -2.00
C GLY C 402 -67.17 18.52 -1.63
N THR C 403 -67.67 18.87 -0.46
CA THR C 403 -68.86 18.25 0.07
C THR C 403 -70.12 18.64 -0.70
N LEU C 404 -70.31 19.91 -1.01
CA LEU C 404 -71.46 20.30 -1.81
C LEU C 404 -71.46 19.62 -3.21
N LEU C 405 -70.30 19.47 -3.82
CA LEU C 405 -70.25 18.71 -5.05
C LEU C 405 -70.52 17.23 -4.78
N MET C 406 -69.70 16.65 -3.92
CA MET C 406 -69.65 15.21 -3.83
C MET C 406 -70.76 14.59 -2.99
N SER C 407 -71.36 15.36 -2.11
CA SER C 407 -72.43 14.80 -1.31
C SER C 407 -73.55 14.44 -2.25
N ILE C 408 -74.01 15.46 -2.97
CA ILE C 408 -75.12 15.29 -3.91
C ILE C 408 -74.81 14.26 -5.00
N THR C 409 -73.61 14.32 -5.54
CA THR C 409 -73.26 13.42 -6.61
C THR C 409 -73.56 12.02 -6.17
N TYR C 410 -73.01 11.64 -5.00
CA TYR C 410 -73.33 10.37 -4.35
C TYR C 410 -74.85 10.17 -4.12
N LEU C 411 -75.51 11.19 -3.58
CA LEU C 411 -76.95 11.16 -3.45
C LEU C 411 -77.63 10.84 -4.78
N VAL C 412 -77.11 11.41 -5.85
CA VAL C 412 -77.65 11.11 -7.17
C VAL C 412 -77.38 9.68 -7.59
N MET C 413 -76.12 9.26 -7.53
CA MET C 413 -75.79 7.87 -7.81
C MET C 413 -76.87 6.98 -7.18
N GLN C 414 -77.19 7.25 -5.92
CA GLN C 414 -78.13 6.41 -5.19
C GLN C 414 -79.55 6.37 -5.77
N LEU C 415 -80.17 7.53 -5.99
CA LEU C 415 -81.46 7.55 -6.67
C LEU C 415 -81.30 6.91 -8.06
N ASP C 416 -80.45 7.50 -8.89
CA ASP C 416 -80.18 7.00 -10.23
C ASP C 416 -80.16 5.45 -10.32
N HIS C 417 -79.47 4.79 -9.41
CA HIS C 417 -79.24 3.36 -9.58
C HIS C 417 -79.97 2.45 -8.60
N THR C 418 -80.59 3.01 -7.57
CA THR C 418 -81.18 2.18 -6.52
C THR C 418 -82.45 2.74 -5.86
N ALA C 419 -82.83 3.97 -6.21
CA ALA C 419 -83.95 4.58 -5.55
C ALA C 419 -84.79 5.45 -6.47
N PRO C 420 -85.17 4.93 -7.65
CA PRO C 420 -85.97 5.73 -8.57
C PRO C 420 -87.22 6.27 -7.89
N HIS C 421 -87.84 5.44 -7.06
CA HIS C 421 -89.13 5.77 -6.47
C HIS C 421 -89.18 7.12 -5.78
N LEU C 422 -88.18 7.38 -4.93
CA LEU C 422 -88.11 8.64 -4.18
C LEU C 422 -88.21 9.90 -5.06
N ASN C 423 -88.03 9.73 -6.36
CA ASN C 423 -88.07 10.83 -7.33
C ASN C 423 -89.32 11.69 -7.23
N SER C 424 -90.40 11.08 -6.79
CA SER C 424 -91.67 11.78 -6.69
C SER C 424 -91.68 12.87 -5.61
N ARG C 425 -90.77 12.79 -4.64
CA ARG C 425 -90.78 13.72 -3.50
C ARG C 425 -90.03 15.03 -3.76
N ILE C 426 -89.24 15.03 -4.81
CA ILE C 426 -88.45 16.18 -5.20
C ILE C 426 -89.12 16.89 -6.36
N LYS C 427 -90.20 17.62 -6.08
CA LYS C 427 -91.00 18.28 -7.13
C LYS C 427 -90.46 19.67 -7.47
N ASP C 428 -89.90 20.34 -6.47
CA ASP C 428 -89.39 21.69 -6.65
C ASP C 428 -88.50 22.12 -5.47
N MET C 429 -88.17 23.40 -5.40
CA MET C 429 -87.22 23.88 -4.39
C MET C 429 -87.56 23.43 -2.95
N PRO C 430 -88.71 23.88 -2.41
CA PRO C 430 -89.07 23.53 -1.04
C PRO C 430 -89.19 22.02 -0.86
N SER C 431 -89.58 21.32 -1.93
CA SER C 431 -89.68 19.85 -1.90
C SER C 431 -88.31 19.21 -1.75
N ALA C 432 -87.37 19.74 -2.52
CA ALA C 432 -85.99 19.26 -2.50
C ALA C 432 -85.31 19.52 -1.15
N CYS C 433 -85.36 20.75 -0.66
CA CYS C 433 -84.82 21.06 0.66
C CYS C 433 -85.34 20.04 1.67
N ARG C 434 -86.65 19.85 1.66
CA ARG C 434 -87.31 18.95 2.59
C ARG C 434 -86.66 17.59 2.50
N PHE C 435 -86.70 17.02 1.32
CA PHE C 435 -86.12 15.71 1.12
C PHE C 435 -84.65 15.70 1.51
N LEU C 436 -83.92 16.76 1.18
CA LEU C 436 -82.46 16.76 1.37
C LEU C 436 -82.13 16.79 2.84
N ASP C 437 -82.78 17.71 3.54
CA ASP C 437 -82.70 17.76 4.98
C ASP C 437 -82.92 16.36 5.59
N SER C 438 -83.97 15.68 5.17
CA SER C 438 -84.19 14.27 5.53
C SER C 438 -82.97 13.38 5.23
N TYR C 439 -82.50 13.44 3.98
CA TYR C 439 -81.30 12.72 3.57
C TYR C 439 -80.09 12.97 4.48
N TRP C 440 -79.68 14.22 4.57
CA TRP C 440 -78.47 14.58 5.33
C TRP C 440 -78.60 14.32 6.83
N GLN C 441 -79.81 14.00 7.28
CA GLN C 441 -80.06 13.77 8.71
C GLN C 441 -79.98 12.30 9.11
N GLY C 442 -80.25 11.41 8.15
CA GLY C 442 -80.20 9.98 8.42
C GLY C 442 -81.57 9.38 8.18
N HIS C 443 -82.48 10.27 7.84
CA HIS C 443 -83.86 9.88 7.61
C HIS C 443 -84.13 9.44 6.17
N GLU C 444 -83.41 8.41 5.70
CA GLU C 444 -83.71 7.79 4.41
C GLU C 444 -83.15 6.39 4.33
N GLU C 445 -83.77 5.54 3.50
CA GLU C 445 -83.30 4.17 3.34
C GLU C 445 -81.93 4.19 2.69
N ILE C 446 -81.53 5.38 2.30
CA ILE C 446 -80.22 5.60 1.73
C ILE C 446 -79.49 6.62 2.59
N ARG C 447 -78.32 6.22 3.05
CA ARG C 447 -77.48 7.07 3.89
C ARG C 447 -76.13 7.19 3.22
N GLN C 448 -75.45 8.30 3.45
CA GLN C 448 -74.03 8.38 3.12
C GLN C 448 -73.34 8.88 4.37
N ILE C 449 -72.06 8.59 4.47
CA ILE C 449 -71.19 9.32 5.38
C ILE C 449 -70.02 9.83 4.55
N SER C 450 -69.87 11.14 4.55
CA SER C 450 -68.88 11.76 3.69
C SER C 450 -68.19 12.96 4.32
N LYS C 451 -66.88 13.00 4.11
CA LYS C 451 -66.09 14.19 4.36
C LYS C 451 -65.58 14.58 2.98
N SER C 452 -66.11 15.67 2.43
CA SER C 452 -65.78 16.06 1.06
C SER C 452 -66.08 14.91 0.14
N ASP C 453 -65.07 14.45 -0.61
CA ASP C 453 -65.23 13.38 -1.60
C ASP C 453 -65.07 11.97 -1.04
N ASP C 454 -64.65 11.87 0.20
CA ASP C 454 -64.56 10.57 0.85
C ASP C 454 -65.94 10.16 1.36
N ALA C 455 -66.29 8.89 1.21
CA ALA C 455 -67.57 8.46 1.68
C ALA C 455 -67.63 6.98 1.90
N MET C 456 -68.65 6.57 2.64
CA MET C 456 -69.15 5.22 2.66
C MET C 456 -70.64 5.35 2.41
N LEU C 457 -71.10 4.79 1.32
CA LEU C 457 -72.51 4.85 0.98
C LEU C 457 -73.12 3.61 1.57
N GLY C 458 -74.38 3.72 2.00
CA GLY C 458 -75.03 2.64 2.69
C GLY C 458 -76.52 2.52 2.43
N TRP C 459 -76.98 1.28 2.33
CA TRP C 459 -78.40 0.96 2.16
C TRP C 459 -78.90 0.14 3.33
N THR C 460 -80.12 0.44 3.75
CA THR C 460 -80.85 -0.40 4.69
C THR C 460 -81.54 -1.52 3.92
N LYS C 461 -82.45 -2.22 4.58
CA LYS C 461 -83.33 -3.15 3.90
C LYS C 461 -84.49 -2.32 3.36
N GLY C 462 -85.00 -2.70 2.19
CA GLY C 462 -86.08 -1.96 1.54
C GLY C 462 -86.04 -2.17 0.04
N ARG C 463 -86.90 -1.48 -0.70
CA ARG C 463 -86.89 -1.54 -2.17
C ARG C 463 -85.48 -1.29 -2.64
N ALA C 464 -84.87 -0.27 -2.03
CA ALA C 464 -83.56 0.21 -2.38
C ALA C 464 -82.47 -0.86 -2.37
N LEU C 465 -82.45 -1.69 -1.34
CA LEU C 465 -81.33 -2.61 -1.19
C LEU C 465 -80.93 -3.37 -2.47
N VAL C 466 -81.89 -3.88 -3.22
CA VAL C 466 -81.55 -4.65 -4.43
C VAL C 466 -80.75 -3.80 -5.41
N GLY C 467 -81.24 -2.58 -5.65
CA GLY C 467 -80.51 -1.63 -6.48
C GLY C 467 -79.11 -1.41 -5.94
N GLY C 468 -79.00 -1.28 -4.62
CA GLY C 468 -77.71 -1.18 -3.96
C GLY C 468 -76.78 -2.29 -4.37
N HIS C 469 -77.25 -3.53 -4.33
CA HIS C 469 -76.34 -4.67 -4.54
C HIS C 469 -75.94 -4.85 -6.00
N ARG C 470 -76.58 -4.11 -6.88
CA ARG C 470 -76.20 -4.14 -8.28
C ARG C 470 -75.17 -3.03 -8.49
N LEU C 471 -75.50 -1.86 -7.95
CA LEU C 471 -74.61 -0.70 -8.00
C LEU C 471 -73.22 -1.00 -7.42
N PHE C 472 -73.18 -1.80 -6.36
CA PHE C 472 -71.91 -2.20 -5.82
C PHE C 472 -71.15 -2.91 -6.91
N GLU C 473 -71.78 -3.93 -7.49
CA GLU C 473 -71.15 -4.70 -8.54
C GLU C 473 -70.67 -3.79 -9.69
N MET C 474 -71.46 -2.79 -10.05
CA MET C 474 -71.05 -1.89 -11.11
C MET C 474 -69.72 -1.23 -10.71
N LEU C 475 -69.67 -0.73 -9.49
CA LEU C 475 -68.47 -0.06 -9.00
C LEU C 475 -67.27 -1.00 -8.92
N LYS C 476 -67.45 -2.15 -8.29
CA LYS C 476 -66.35 -3.11 -8.12
C LYS C 476 -65.80 -3.53 -9.47
N GLU C 477 -66.70 -3.73 -10.43
CA GLU C 477 -66.28 -4.00 -11.80
C GLU C 477 -65.46 -2.85 -12.36
N GLY C 478 -65.88 -1.64 -12.07
CA GLY C 478 -65.14 -0.46 -12.47
C GLY C 478 -65.06 -0.25 -13.98
N LYS C 479 -66.15 -0.56 -14.69
CA LYS C 479 -66.13 -0.41 -16.14
C LYS C 479 -67.10 0.65 -16.67
N VAL C 480 -68.16 0.93 -15.94
CA VAL C 480 -69.10 1.95 -16.36
C VAL C 480 -69.19 3.01 -15.28
N ASN C 481 -68.70 4.20 -15.55
CA ASN C 481 -68.87 5.27 -14.58
C ASN C 481 -70.33 5.38 -14.12
N PRO C 482 -70.56 5.32 -12.79
CA PRO C 482 -71.90 5.30 -12.19
C PRO C 482 -72.49 6.68 -12.05
N SER C 483 -71.67 7.71 -12.20
CA SER C 483 -72.13 9.10 -12.14
C SER C 483 -71.91 9.86 -13.42
N PRO C 484 -72.73 10.87 -13.68
CA PRO C 484 -72.51 11.80 -14.79
C PRO C 484 -71.61 12.93 -14.37
N TYR C 485 -71.42 13.10 -13.07
CA TYR C 485 -70.72 14.27 -12.58
C TYR C 485 -69.21 14.15 -12.37
N MET C 486 -68.78 13.18 -11.58
CA MET C 486 -67.35 12.87 -11.43
C MET C 486 -67.13 11.41 -11.75
N LYS C 487 -65.89 11.02 -12.02
CA LYS C 487 -65.62 9.60 -12.23
C LYS C 487 -65.45 8.94 -10.86
N ILE C 488 -66.38 8.04 -10.50
CA ILE C 488 -66.39 7.42 -9.16
C ILE C 488 -65.59 6.13 -9.11
N SER C 489 -64.64 6.05 -8.19
CA SER C 489 -63.75 4.89 -8.13
C SER C 489 -63.84 4.12 -6.81
N TYR C 490 -64.68 3.08 -6.79
CA TYR C 490 -64.85 2.28 -5.59
C TYR C 490 -63.49 1.82 -5.13
N GLN C 491 -63.20 1.92 -3.83
CA GLN C 491 -61.92 1.41 -3.33
C GLN C 491 -62.13 0.11 -2.57
N HIS C 492 -61.29 -0.89 -2.87
CA HIS C 492 -61.37 -2.18 -2.22
C HIS C 492 -60.89 -2.06 -0.80
N GLY C 493 -61.74 -2.37 0.17
CA GLY C 493 -61.35 -2.23 1.56
C GLY C 493 -61.88 -0.95 2.18
N GLY C 494 -63.07 -1.05 2.75
CA GLY C 494 -63.69 0.08 3.43
C GLY C 494 -62.67 0.88 4.20
N ALA C 495 -62.47 2.14 3.79
CA ALA C 495 -61.40 2.98 4.30
C ALA C 495 -61.89 4.40 4.59
N PHE C 496 -62.50 4.60 5.75
CA PHE C 496 -63.13 5.89 6.06
C PHE C 496 -62.49 6.65 7.21
N LEU C 497 -61.66 7.63 6.87
CA LEU C 497 -61.11 8.52 7.89
C LEU C 497 -60.19 7.79 8.86
N GLY C 498 -59.19 7.11 8.31
CA GLY C 498 -58.20 6.37 9.08
C GLY C 498 -58.75 5.11 9.71
N ASP C 499 -60.07 5.02 9.80
CA ASP C 499 -60.71 3.90 10.49
C ASP C 499 -61.15 2.82 9.51
N ILE C 500 -60.82 1.57 9.84
CA ILE C 500 -61.14 0.46 8.96
C ILE C 500 -62.27 -0.38 9.53
N LEU C 501 -62.88 -1.22 8.68
CA LEU C 501 -64.06 -1.97 9.09
C LEU C 501 -63.90 -3.52 9.14
N LEU C 502 -64.02 -4.08 10.34
CA LEU C 502 -64.17 -5.52 10.57
C LEU C 502 -65.59 -5.69 11.13
N TYR C 503 -66.51 -6.41 10.47
CA TYR C 503 -66.31 -7.33 9.34
C TYR C 503 -65.70 -8.68 9.74
N ASP C 504 -66.58 -9.56 10.20
CA ASP C 504 -66.21 -10.81 10.84
C ASP C 504 -66.67 -12.02 10.03
N SER C 505 -66.86 -13.14 10.72
CA SER C 505 -67.53 -14.30 10.15
C SER C 505 -68.99 -13.93 9.90
N ARG C 506 -69.35 -13.92 8.63
CA ARG C 506 -70.52 -13.23 8.08
C ARG C 506 -70.11 -11.87 7.50
N ARG C 507 -71.09 -11.13 6.99
CA ARG C 507 -70.77 -9.96 6.20
C ARG C 507 -71.70 -8.82 6.55
N GLU C 508 -72.28 -8.90 7.73
CA GLU C 508 -73.23 -7.90 8.16
C GLU C 508 -72.53 -6.73 8.85
N PRO C 509 -72.81 -5.51 8.38
CA PRO C 509 -72.31 -4.27 8.98
C PRO C 509 -72.89 -4.07 10.38
N GLY C 510 -73.56 -5.11 10.89
CA GLY C 510 -74.14 -5.04 12.21
C GLY C 510 -73.11 -5.33 13.28
N SER C 511 -72.65 -6.58 13.32
CA SER C 511 -71.62 -6.96 14.28
C SER C 511 -70.33 -6.18 13.98
N ALA C 512 -70.30 -5.56 12.80
CA ALA C 512 -69.14 -4.79 12.37
C ALA C 512 -68.74 -3.71 13.37
N ILE C 513 -67.44 -3.63 13.65
CA ILE C 513 -66.87 -2.58 14.48
C ILE C 513 -65.70 -1.88 13.77
N PHE C 514 -65.61 -0.57 13.97
CA PHE C 514 -64.50 0.21 13.41
C PHE C 514 -63.23 0.13 14.26
N VAL C 515 -62.08 0.04 13.58
CA VAL C 515 -60.80 -0.01 14.26
C VAL C 515 -59.72 0.61 13.38
N GLY C 516 -58.77 1.31 14.01
CA GLY C 516 -57.73 2.04 13.28
C GLY C 516 -57.13 1.30 12.10
N ASN C 517 -56.74 2.03 11.06
CA ASN C 517 -56.18 1.40 9.87
C ASN C 517 -54.71 1.03 10.08
N ILE C 518 -54.47 -0.23 10.45
CA ILE C 518 -53.13 -0.70 10.79
C ILE C 518 -52.05 -0.28 9.79
N ASN C 519 -52.45 -0.13 8.54
CA ASN C 519 -51.51 0.23 7.48
C ASN C 519 -50.99 1.64 7.70
N SER C 520 -51.80 2.49 8.33
CA SER C 520 -51.51 3.91 8.48
C SER C 520 -50.50 4.22 9.60
N MET C 521 -50.58 3.46 10.69
CA MET C 521 -49.73 3.67 11.86
C MET C 521 -48.25 3.56 11.54
N LEU C 522 -47.94 2.77 10.53
CA LEU C 522 -46.55 2.61 10.09
C LEU C 522 -46.07 3.81 9.26
N ASN C 523 -47.00 4.47 8.57
CA ASN C 523 -46.68 5.66 7.78
C ASN C 523 -46.46 6.92 8.63
N ASN C 524 -47.33 7.11 9.62
CA ASN C 524 -47.29 8.29 10.48
C ASN C 524 -46.18 8.18 11.51
N GLN C 525 -45.42 7.10 11.44
CA GLN C 525 -44.24 6.96 12.26
C GLN C 525 -43.00 6.98 11.39
N PHE C 526 -43.10 6.39 10.20
CA PHE C 526 -41.89 6.13 9.39
C PHE C 526 -41.77 6.91 8.06
N SER C 527 -42.90 7.20 7.41
CA SER C 527 -42.88 8.18 6.33
C SER C 527 -44.00 9.21 6.48
N PRO C 528 -43.81 10.17 7.39
CA PRO C 528 -44.75 11.28 7.55
C PRO C 528 -44.56 12.26 6.40
N GLU C 529 -45.59 13.03 6.10
CA GLU C 529 -45.56 13.93 4.95
C GLU C 529 -44.55 15.06 5.16
N TYR C 530 -44.16 15.28 6.42
CA TYR C 530 -43.29 16.41 6.75
C TYR C 530 -42.10 15.99 7.63
N GLY C 531 -41.09 16.86 7.68
CA GLY C 531 -40.00 16.71 8.63
C GLY C 531 -40.33 17.30 9.99
N VAL C 532 -39.29 17.51 10.81
CA VAL C 532 -39.49 18.09 12.14
C VAL C 532 -39.22 19.58 12.15
N GLN C 533 -38.50 20.06 11.14
CA GLN C 533 -38.19 21.48 11.04
C GLN C 533 -37.48 21.94 12.31
N SER C 534 -36.30 21.37 12.59
CA SER C 534 -35.56 21.73 13.81
C SER C 534 -35.11 23.20 13.77
N GLY C 535 -34.99 23.75 12.56
CA GLY C 535 -34.58 25.13 12.40
C GLY C 535 -35.72 26.14 12.47
N VAL C 536 -36.87 25.72 13.00
CA VAL C 536 -37.99 26.65 13.16
C VAL C 536 -38.13 27.17 14.60
N ARG C 537 -37.61 28.38 14.81
CA ARG C 537 -37.89 29.17 16.00
C ARG C 537 -38.94 28.50 16.85
N ASP C 538 -40.19 28.66 16.41
CA ASP C 538 -41.37 28.39 17.22
C ASP C 538 -42.08 27.07 16.86
N ARG C 539 -42.28 26.22 17.86
CA ARG C 539 -42.86 24.91 17.61
C ARG C 539 -44.27 25.00 17.03
N SER C 540 -45.13 25.80 17.67
CA SER C 540 -46.54 25.89 17.26
C SER C 540 -46.72 26.17 15.77
N LYS C 541 -45.73 26.82 15.15
CA LYS C 541 -45.81 27.22 13.76
C LYS C 541 -45.37 26.09 12.82
N ARG C 542 -45.07 24.93 13.39
CA ARG C 542 -44.53 23.81 12.64
C ARG C 542 -45.64 22.89 12.17
N LYS C 543 -45.30 22.04 11.20
CA LYS C 543 -46.27 21.09 10.66
C LYS C 543 -46.39 19.92 11.62
N ARG C 544 -45.27 19.48 12.18
CA ARG C 544 -45.34 18.54 13.29
C ARG C 544 -44.64 19.11 14.52
N PRO C 545 -45.45 19.65 15.45
CA PRO C 545 -45.06 20.35 16.68
C PRO C 545 -44.52 19.44 17.75
N PHE C 546 -45.20 18.33 18.02
CA PHE C 546 -44.76 17.44 19.08
C PHE C 546 -44.90 16.00 18.64
N PRO C 547 -43.93 15.52 17.83
CA PRO C 547 -43.90 14.18 17.23
C PRO C 547 -43.89 13.05 18.25
N GLY C 548 -43.24 13.27 19.38
CA GLY C 548 -43.21 12.29 20.45
C GLY C 548 -44.57 12.05 21.07
N LEU C 549 -45.48 12.99 20.93
CA LEU C 549 -46.82 12.81 21.49
C LEU C 549 -47.52 11.60 20.87
N ALA C 550 -47.28 11.36 19.58
CA ALA C 550 -47.88 10.22 18.86
C ALA C 550 -47.95 8.92 19.67
N TRP C 551 -46.81 8.52 20.21
CA TRP C 551 -46.70 7.34 21.05
C TRP C 551 -47.76 7.35 22.14
N ALA C 552 -48.11 8.54 22.61
CA ALA C 552 -49.06 8.72 23.69
C ALA C 552 -50.53 8.46 23.30
N SER C 553 -50.77 8.16 22.03
CA SER C 553 -52.13 7.89 21.57
C SER C 553 -52.16 6.54 20.89
N MET C 554 -50.96 6.03 20.58
CA MET C 554 -50.81 4.81 19.80
C MET C 554 -51.74 3.70 20.29
N LYS C 555 -51.57 3.31 21.54
CA LYS C 555 -52.36 2.22 22.11
C LYS C 555 -53.84 2.45 21.86
N ASP C 556 -54.25 3.71 21.82
CA ASP C 556 -55.66 4.00 21.66
C ASP C 556 -56.23 3.81 20.25
N THR C 557 -55.69 4.52 19.26
CA THR C 557 -56.27 4.45 17.92
C THR C 557 -55.94 3.12 17.24
N TYR C 558 -54.72 2.65 17.45
CA TYR C 558 -54.27 1.43 16.78
C TYR C 558 -54.34 0.17 17.66
N GLY C 559 -54.58 0.35 18.95
CA GLY C 559 -54.71 -0.78 19.84
C GLY C 559 -55.81 -1.71 19.40
N ALA C 560 -56.92 -1.12 18.96
CA ALA C 560 -58.10 -1.87 18.53
C ALA C 560 -57.85 -2.77 17.30
N CYS C 561 -56.58 -2.96 16.94
CA CYS C 561 -56.24 -3.78 15.79
C CYS C 561 -55.93 -5.21 16.16
N PRO C 562 -56.24 -6.15 15.24
CA PRO C 562 -55.90 -7.56 15.39
C PRO C 562 -54.41 -7.79 15.53
N ILE C 563 -53.64 -7.46 14.51
CA ILE C 563 -52.22 -7.74 14.56
C ILE C 563 -51.42 -6.69 15.34
N TYR C 564 -52.11 -5.76 16.00
CA TYR C 564 -51.42 -4.73 16.77
C TYR C 564 -50.23 -5.29 17.54
N SER C 565 -50.55 -6.17 18.48
CA SER C 565 -49.55 -6.89 19.26
C SER C 565 -48.32 -7.15 18.41
N ASP C 566 -48.49 -7.92 17.35
CA ASP C 566 -47.38 -8.37 16.52
C ASP C 566 -46.70 -7.24 15.75
N VAL C 567 -47.43 -6.17 15.43
CA VAL C 567 -46.81 -5.09 14.68
C VAL C 567 -45.72 -4.45 15.54
N LEU C 568 -46.11 -4.04 16.74
CA LEU C 568 -45.15 -3.49 17.68
C LEU C 568 -43.90 -4.37 17.77
N GLU C 569 -44.07 -5.53 18.41
CA GLU C 569 -42.98 -6.47 18.64
C GLU C 569 -42.10 -6.72 17.41
N ALA C 570 -42.62 -6.47 16.22
CA ALA C 570 -41.87 -6.72 14.98
C ALA C 570 -41.02 -5.53 14.53
N ILE C 571 -41.46 -4.32 14.87
CA ILE C 571 -40.68 -3.11 14.63
C ILE C 571 -39.61 -3.04 15.68
N GLU C 572 -40.00 -3.45 16.89
CA GLU C 572 -39.10 -3.55 18.04
C GLU C 572 -37.90 -4.40 17.66
N ARG C 573 -38.18 -5.57 17.11
CA ARG C 573 -37.15 -6.52 16.69
C ARG C 573 -36.41 -6.07 15.43
N CYS C 574 -37.17 -5.56 14.46
CA CYS C 574 -36.59 -5.18 13.18
C CYS C 574 -35.75 -3.92 13.38
N TRP C 575 -35.87 -3.35 14.57
CA TRP C 575 -35.11 -2.18 14.98
C TRP C 575 -33.76 -2.60 15.57
N TRP C 576 -33.82 -3.46 16.58
CA TRP C 576 -32.63 -3.96 17.27
C TRP C 576 -31.59 -4.50 16.30
N ASN C 577 -32.03 -4.86 15.10
CA ASN C 577 -31.12 -5.33 14.08
C ASN C 577 -30.63 -4.18 13.21
N ALA C 578 -31.35 -3.07 13.27
CA ALA C 578 -31.08 -1.96 12.37
C ALA C 578 -30.08 -0.97 12.98
N PHE C 579 -30.19 -0.77 14.29
CA PHE C 579 -29.46 0.29 14.99
C PHE C 579 -28.76 -0.24 16.24
N GLY C 580 -29.38 -1.20 16.92
CA GLY C 580 -28.79 -1.84 18.08
C GLY C 580 -29.66 -1.75 19.31
N GLU C 581 -30.51 -0.73 19.36
CA GLU C 581 -31.26 -0.39 20.55
C GLU C 581 -32.74 -0.77 20.50
N SER C 582 -33.46 -0.43 21.57
CA SER C 582 -34.89 -0.66 21.65
C SER C 582 -35.67 0.50 21.07
N TYR C 583 -36.60 0.20 20.18
CA TYR C 583 -37.47 1.22 19.61
C TYR C 583 -38.33 1.84 20.71
N ARG C 584 -38.99 1.00 21.49
CA ARG C 584 -39.94 1.50 22.51
C ARG C 584 -39.27 2.50 23.47
N ALA C 585 -37.98 2.35 23.70
CA ALA C 585 -37.22 3.34 24.44
C ALA C 585 -37.18 4.65 23.66
N TYR C 586 -36.64 4.58 22.44
CA TYR C 586 -36.53 5.71 21.52
C TYR C 586 -37.80 6.57 21.42
N ARG C 587 -38.97 5.93 21.56
CA ARG C 587 -40.26 6.60 21.41
C ARG C 587 -40.85 7.14 22.71
N GLU C 588 -40.19 6.82 23.83
CA GLU C 588 -40.51 7.48 25.09
C GLU C 588 -39.49 8.57 25.38
N ASP C 589 -38.25 8.33 24.94
CA ASP C 589 -37.25 9.38 24.92
C ASP C 589 -37.71 10.47 23.95
N MET C 590 -38.68 10.10 23.10
CA MET C 590 -39.42 11.06 22.31
C MET C 590 -40.59 11.52 23.18
N LEU C 591 -41.43 10.58 23.56
CA LEU C 591 -42.64 10.88 24.30
C LEU C 591 -42.37 11.83 25.46
N LYS C 592 -41.70 11.35 26.51
CA LYS C 592 -41.39 12.17 27.67
C LYS C 592 -40.98 13.55 27.21
N ARG C 593 -40.05 13.61 26.28
CA ARG C 593 -39.43 14.86 25.85
C ARG C 593 -40.44 15.93 25.41
N ASP C 594 -40.91 15.80 24.16
CA ASP C 594 -41.82 16.77 23.59
C ASP C 594 -43.08 16.94 24.46
N THR C 595 -43.21 16.10 25.48
CA THR C 595 -44.25 16.29 26.49
C THR C 595 -43.97 17.54 27.35
N LEU C 596 -42.69 17.82 27.60
CA LEU C 596 -42.28 19.01 28.33
C LEU C 596 -42.50 20.30 27.53
N GLU C 597 -42.00 20.29 26.30
CA GLU C 597 -42.18 21.40 25.38
C GLU C 597 -43.62 21.89 25.45
N LEU C 598 -44.54 20.94 25.31
CA LEU C 598 -45.95 21.24 25.34
C LEU C 598 -46.30 22.05 26.58
N SER C 599 -46.06 21.45 27.74
CA SER C 599 -46.31 22.09 29.03
C SER C 599 -45.89 23.54 28.97
N ARG C 600 -44.61 23.73 28.64
CA ARG C 600 -44.01 25.04 28.45
C ARG C 600 -44.88 26.00 27.59
N TYR C 601 -45.45 25.45 26.52
CA TYR C 601 -46.36 26.21 25.64
C TYR C 601 -47.79 26.28 26.22
N THR C 615 -57.20 14.73 25.32
CA THR C 615 -58.14 13.85 24.63
C THR C 615 -57.42 13.05 23.57
N PRO C 616 -58.12 12.10 22.95
CA PRO C 616 -57.51 11.37 21.84
C PRO C 616 -57.48 12.28 20.63
N ILE C 617 -58.46 13.19 20.57
CA ILE C 617 -58.57 14.14 19.46
C ILE C 617 -57.55 15.27 19.56
N ASP C 618 -57.20 15.64 20.79
CA ASP C 618 -56.23 16.68 21.02
C ASP C 618 -54.86 16.21 20.56
N LEU C 619 -54.52 14.97 20.94
CA LEU C 619 -53.25 14.36 20.57
C LEU C 619 -53.13 14.15 19.06
N GLU C 620 -54.28 14.01 18.40
CA GLU C 620 -54.33 14.05 16.94
C GLU C 620 -53.85 15.43 16.47
N VAL C 621 -54.66 16.46 16.76
CA VAL C 621 -54.35 17.82 16.38
C VAL C 621 -52.91 18.18 16.72
N LEU C 622 -52.50 17.90 17.96
CA LEU C 622 -51.20 18.31 18.45
C LEU C 622 -50.02 17.79 17.64
N ALA C 623 -50.12 16.59 17.10
CA ALA C 623 -49.02 16.06 16.31
C ALA C 623 -49.23 16.24 14.80
N ASP C 624 -50.40 16.71 14.39
CA ASP C 624 -50.70 16.98 12.97
C ASP C 624 -51.70 18.13 12.78
N PRO C 625 -51.40 19.31 13.36
CA PRO C 625 -52.24 20.50 13.58
C PRO C 625 -53.22 20.82 12.45
N ASN C 626 -52.81 20.55 11.22
CA ASN C 626 -53.72 20.68 10.10
C ASN C 626 -54.70 19.51 10.08
N LYS C 627 -55.28 19.22 11.24
CA LYS C 627 -56.42 18.31 11.31
C LYS C 627 -57.64 19.18 11.44
N LEU C 628 -57.48 20.33 12.08
CA LEU C 628 -58.31 21.47 11.72
C LEU C 628 -57.46 22.23 10.67
N GLN C 629 -57.94 23.33 10.11
CA GLN C 629 -59.21 23.97 10.46
C GLN C 629 -60.35 23.36 9.66
N TYR C 630 -60.06 22.26 8.98
CA TYR C 630 -61.03 21.60 8.11
C TYR C 630 -61.82 20.46 8.76
N LYS C 631 -61.14 19.45 9.30
CA LYS C 631 -61.82 18.21 9.75
C LYS C 631 -62.72 18.35 11.01
N TRP C 632 -62.42 19.33 11.86
CA TRP C 632 -63.30 19.63 13.01
C TRP C 632 -62.92 20.96 13.65
N THR C 633 -63.81 21.46 14.53
CA THR C 633 -63.74 22.84 15.05
C THR C 633 -62.34 23.29 15.61
N GLU C 634 -62.09 23.79 16.84
CA GLU C 634 -62.86 23.96 18.09
C GLU C 634 -63.78 22.88 18.65
N ALA C 635 -64.27 23.10 19.86
CA ALA C 635 -65.04 22.12 20.60
C ALA C 635 -64.77 20.71 20.07
N ASP C 636 -63.55 20.20 20.27
CA ASP C 636 -63.22 18.88 19.71
C ASP C 636 -62.13 17.93 20.30
N VAL C 637 -60.95 18.35 20.78
CA VAL C 637 -60.30 19.68 20.79
C VAL C 637 -60.68 20.65 21.93
N SER C 638 -59.72 20.81 22.84
CA SER C 638 -59.91 21.52 24.10
C SER C 638 -59.39 22.95 24.05
N ALA C 639 -60.31 23.90 24.21
CA ALA C 639 -60.04 25.34 24.07
C ALA C 639 -58.59 25.80 24.20
N ASN C 640 -57.88 25.32 25.23
CA ASN C 640 -56.49 25.71 25.41
C ASN C 640 -55.54 25.00 24.43
N ILE C 641 -55.87 23.78 24.02
CA ILE C 641 -55.11 23.10 22.97
C ILE C 641 -55.34 23.83 21.65
N HIS C 642 -56.55 24.34 21.47
CA HIS C 642 -56.86 25.20 20.34
C HIS C 642 -55.99 26.46 20.38
N GLU C 643 -56.08 27.21 21.49
CA GLU C 643 -55.35 28.47 21.68
C GLU C 643 -53.86 28.37 21.36
N VAL C 644 -53.32 27.16 21.45
CA VAL C 644 -51.91 26.95 21.19
C VAL C 644 -51.64 26.92 19.70
N LEU C 645 -52.60 26.41 18.96
CA LEU C 645 -52.41 26.16 17.54
C LEU C 645 -53.11 27.19 16.63
N MET C 646 -54.10 27.87 17.19
CA MET C 646 -54.87 28.85 16.42
C MET C 646 -55.05 30.14 17.21
N HIS C 647 -55.11 31.26 16.51
CA HIS C 647 -55.58 32.49 17.14
C HIS C 647 -56.68 33.06 16.25
N GLY C 648 -57.37 34.08 16.73
CA GLY C 648 -58.56 34.54 16.05
C GLY C 648 -58.73 36.04 16.03
N VAL C 649 -59.83 36.50 15.44
CA VAL C 649 -60.18 37.91 15.46
C VAL C 649 -61.21 38.11 16.56
N SER C 650 -61.60 39.36 16.82
CA SER C 650 -62.68 39.62 17.79
C SER C 650 -64.02 39.11 17.26
N VAL C 651 -64.82 38.55 18.16
CA VAL C 651 -66.12 38.01 17.78
C VAL C 651 -67.09 39.14 17.47
N GLU C 652 -66.77 40.35 17.95
CA GLU C 652 -67.57 41.52 17.58
C GLU C 652 -67.27 41.93 16.15
N LYS C 653 -66.02 41.83 15.73
CA LYS C 653 -65.68 42.22 14.36
C LYS C 653 -66.27 41.26 13.32
N THR C 654 -66.03 39.97 13.49
CA THR C 654 -66.58 39.01 12.56
C THR C 654 -68.08 39.06 12.60
N GLU C 655 -68.65 39.37 13.77
CA GLU C 655 -70.10 39.44 13.95
C GLU C 655 -70.71 40.55 13.10
N ARG C 656 -70.13 41.74 13.17
CA ARG C 656 -70.55 42.87 12.34
C ARG C 656 -70.50 42.42 10.90
N PHE C 657 -69.41 41.73 10.53
CA PHE C 657 -69.15 41.32 9.14
C PHE C 657 -70.20 40.36 8.63
N LEU C 658 -70.33 39.22 9.31
CA LEU C 658 -71.36 38.26 8.95
C LEU C 658 -72.67 38.97 8.68
N ARG C 659 -72.99 39.94 9.53
CA ARG C 659 -74.25 40.66 9.44
C ARG C 659 -74.48 41.28 8.06
N SER C 660 -73.44 41.92 7.52
CA SER C 660 -73.58 42.63 6.26
C SER C 660 -73.71 41.69 5.05
N VAL C 661 -73.34 40.43 5.25
CA VAL C 661 -73.19 39.48 4.14
C VAL C 661 -74.39 38.56 4.06
N MET C 662 -74.70 37.94 5.20
CA MET C 662 -75.84 37.05 5.30
C MET C 662 -77.09 37.83 5.02
N PRO C 663 -78.14 37.14 4.58
CA PRO C 663 -79.40 37.74 4.15
C PRO C 663 -80.15 38.33 5.31
N ARG C 664 -80.67 39.54 5.12
CA ARG C 664 -81.45 40.30 6.10
C ARG C 664 -81.97 39.53 7.34
#